data_6LMI
# 
_entry.id   6LMI 
# 
_audit_conform.dict_name       mmcif_pdbx.dic 
_audit_conform.dict_version    5.398 
_audit_conform.dict_location   http://mmcif.pdb.org/dictionaries/ascii/mmcif_pdbx.dic 
# 
loop_
_database_2.database_id 
_database_2.database_code 
_database_2.pdbx_database_accession 
_database_2.pdbx_DOI 
PDB   6LMI         pdb_00006lmi 10.2210/pdb6lmi/pdb 
WWPDB D_1300015069 ?            ?                   
# 
loop_
_pdbx_audit_revision_history.ordinal 
_pdbx_audit_revision_history.data_content_type 
_pdbx_audit_revision_history.major_revision 
_pdbx_audit_revision_history.minor_revision 
_pdbx_audit_revision_history.revision_date 
1 'Structure model' 1 0 2020-09-23 
2 'Structure model' 1 1 2023-11-22 
3 'Structure model' 1 2 2024-11-06 
# 
_pdbx_audit_revision_details.ordinal             1 
_pdbx_audit_revision_details.revision_ordinal    1 
_pdbx_audit_revision_details.data_content_type   'Structure model' 
_pdbx_audit_revision_details.provider            repository 
_pdbx_audit_revision_details.type                'Initial release' 
_pdbx_audit_revision_details.description         ? 
_pdbx_audit_revision_details.details             ? 
# 
loop_
_pdbx_audit_revision_group.ordinal 
_pdbx_audit_revision_group.revision_ordinal 
_pdbx_audit_revision_group.data_content_type 
_pdbx_audit_revision_group.group 
1 2 'Structure model' 'Data collection'        
2 2 'Structure model' 'Database references'    
3 2 'Structure model' 'Refinement description' 
4 3 'Structure model' 'Structure summary'      
# 
loop_
_pdbx_audit_revision_category.ordinal 
_pdbx_audit_revision_category.revision_ordinal 
_pdbx_audit_revision_category.data_content_type 
_pdbx_audit_revision_category.category 
1 2 'Structure model' chem_comp_atom                
2 2 'Structure model' chem_comp_bond                
3 2 'Structure model' database_2                    
4 2 'Structure model' pdbx_initial_refinement_model 
5 3 'Structure model' pdbx_entry_details            
6 3 'Structure model' pdbx_modification_feature     
# 
loop_
_pdbx_audit_revision_item.ordinal 
_pdbx_audit_revision_item.revision_ordinal 
_pdbx_audit_revision_item.data_content_type 
_pdbx_audit_revision_item.item 
1 2 'Structure model' '_database_2.pdbx_DOI'                         
2 2 'Structure model' '_database_2.pdbx_database_accession'          
3 3 'Structure model' '_pdbx_entry_details.has_protein_modification' 
# 
_pdbx_database_status.status_code                     REL 
_pdbx_database_status.status_code_sf                  REL 
_pdbx_database_status.status_code_mr                  ? 
_pdbx_database_status.entry_id                        6LMI 
_pdbx_database_status.recvd_initial_deposition_date   2019-12-25 
_pdbx_database_status.SG_entry                        N 
_pdbx_database_status.deposit_site                    PDBJ 
_pdbx_database_status.process_site                    PDBJ 
_pdbx_database_status.status_code_cs                  ? 
_pdbx_database_status.status_code_nmr_data            ? 
_pdbx_database_status.methods_development_category    ? 
_pdbx_database_status.pdb_format_compatible           Y 
# 
loop_
_audit_author.name 
_audit_author.pdbx_ordinal 
_audit_author.identifier_ORCID 
'Sugiyama, S.'  1 0000-0001-8141-6080 
'Iwaki, T.'     2 ?                   
'Tamura, Y.'    3 ?                   
'Tomita, K.'    4 ?                   
'Matsuoka, E.'  5 0000-0002-1176-9937 
'Arita, S.'     6 ?                   
'Seki, T.'      7 ?                   
'Yoshinaga, T.' 8 ?                   
'Kawasuji, T.'  9 ?                   
# 
_citation.abstract                  ? 
_citation.abstract_id_CAS           ? 
_citation.book_id_ISBN              ? 
_citation.book_publisher            ? 
_citation.book_publisher_city       ? 
_citation.book_title                ? 
_citation.coordinate_linkage        ? 
_citation.country                   UK 
_citation.database_id_Medline       ? 
_citation.details                   ? 
_citation.id                        primary 
_citation.journal_abbrev            Bioorg.Med.Chem. 
_citation.journal_id_ASTM           BMECEP 
_citation.journal_id_CSD            1200 
_citation.journal_id_ISSN           1464-3391 
_citation.journal_full              ? 
_citation.journal_issue             ? 
_citation.journal_volume            28 
_citation.language                  ? 
_citation.page_first                115643 
_citation.page_last                 115643 
_citation.title                     'Discovery of novel integrase-LEDGF/p75 allosteric inhibitors based on a benzene scaffold.' 
_citation.year                      2020 
_citation.database_id_CSD           ? 
_citation.pdbx_database_id_DOI      10.1016/j.bmc.2020.115643 
_citation.pdbx_database_id_PubMed   32773094 
_citation.unpublished_flag          ? 
# 
loop_
_citation_author.citation_id 
_citation_author.name 
_citation_author.ordinal 
_citation_author.identifier_ORCID 
primary 'Sugiyama, S.'  1 ? 
primary 'Iwaki, T.'     2 ? 
primary 'Tamura, Y.'    3 ? 
primary 'Tomita, K.'    4 ? 
primary 'Matsuoka, E.'  5 ? 
primary 'Arita, S.'     6 ? 
primary 'Seki, T.'      7 ? 
primary 'Yoshinaga, T.' 8 ? 
primary 'Kawasuji, T.'  9 ? 
# 
loop_
_entity.id 
_entity.type 
_entity.src_method 
_entity.pdbx_description 
_entity.formula_weight 
_entity.pdbx_number_of_molecules 
_entity.pdbx_ec 
_entity.pdbx_mutation 
_entity.pdbx_fragment 
_entity.details 
1 polymer     man 'Integrase catalytic' 18434.723 1  2.7.7.- F185K ? ? 
2 non-polymer syn 'SULFATE ION' 96.063    2  ?       ?     ? ? 
3 non-polymer syn 'TRIETHYLENE GLYCOL' 150.173   1  ?       ?     ? ? 
4 non-polymer syn 
;(2S)-2-[2-(3,4-dihydro-2H-chromen-6-yl)-4-(3,4-dimethylphenyl)-3,6-dimethyl-5-(methylsulfonylamino)phenyl]-2-[(2-methylpropan-2-yl)oxy]ethanoic acid
;
565.720   1  ?       ?     ? ? 
5 non-polymer syn 1,2-ETHANEDIOL 62.068    1  ?       ?     ? ? 
6 water       nat water 18.015    25 ?       ?     ? ? 
# 
_entity_poly.entity_id                      1 
_entity_poly.type                           'polypeptide(L)' 
_entity_poly.nstd_linkage                   no 
_entity_poly.nstd_monomer                   yes 
_entity_poly.pdbx_seq_one_letter_code       
;GSHMHGQVDCSPGIWQLD(CAF)THLEGKVILVAVHVASGYIEAEVIPAETGQETAYFLLKLAGRWPVKTVHTDNGSNFT
STTVKAA(CAF)WWAGIKQEFGIPYNPQSQGVIESMNKELKKIIGQVRDQAEHLKTAVQMAVFIHNKKRKGGIGGYSAGE
RIVDIIATDIQTKE
;
_entity_poly.pdbx_seq_one_letter_code_can   
;GSHMHGQVDCSPGIWQLDCTHLEGKVILVAVHVASGYIEAEVIPAETGQETAYFLLKLAGRWPVKTVHTDNGSNFTSTTV
KAACWWAGIKQEFGIPYNPQSQGVIESMNKELKKIIGQVRDQAEHLKTAVQMAVFIHNKKRKGGIGGYSAGERIVDIIAT
DIQTKE
;
_entity_poly.pdbx_strand_id                 A 
_entity_poly.pdbx_target_identifier         ? 
# 
loop_
_pdbx_entity_nonpoly.entity_id 
_pdbx_entity_nonpoly.name 
_pdbx_entity_nonpoly.comp_id 
2 'SULFATE ION' SO4 
3 'TRIETHYLENE GLYCOL' PGE 
4 
;(2S)-2-[2-(3,4-dihydro-2H-chromen-6-yl)-4-(3,4-dimethylphenyl)-3,6-dimethyl-5-(methylsulfonylamino)phenyl]-2-[(2-methylpropan-2-yl)oxy]ethanoic acid
;
EJ9 
5 1,2-ETHANEDIOL EDO 
6 water HOH 
# 
loop_
_entity_poly_seq.entity_id 
_entity_poly_seq.num 
_entity_poly_seq.mon_id 
_entity_poly_seq.hetero 
1 1   GLY n 
1 2   SER n 
1 3   HIS n 
1 4   MET n 
1 5   HIS n 
1 6   GLY n 
1 7   GLN n 
1 8   VAL n 
1 9   ASP n 
1 10  CYS n 
1 11  SER n 
1 12  PRO n 
1 13  GLY n 
1 14  ILE n 
1 15  TRP n 
1 16  GLN n 
1 17  LEU n 
1 18  ASP n 
1 19  CAF n 
1 20  THR n 
1 21  HIS n 
1 22  LEU n 
1 23  GLU n 
1 24  GLY n 
1 25  LYS n 
1 26  VAL n 
1 27  ILE n 
1 28  LEU n 
1 29  VAL n 
1 30  ALA n 
1 31  VAL n 
1 32  HIS n 
1 33  VAL n 
1 34  ALA n 
1 35  SER n 
1 36  GLY n 
1 37  TYR n 
1 38  ILE n 
1 39  GLU n 
1 40  ALA n 
1 41  GLU n 
1 42  VAL n 
1 43  ILE n 
1 44  PRO n 
1 45  ALA n 
1 46  GLU n 
1 47  THR n 
1 48  GLY n 
1 49  GLN n 
1 50  GLU n 
1 51  THR n 
1 52  ALA n 
1 53  TYR n 
1 54  PHE n 
1 55  LEU n 
1 56  LEU n 
1 57  LYS n 
1 58  LEU n 
1 59  ALA n 
1 60  GLY n 
1 61  ARG n 
1 62  TRP n 
1 63  PRO n 
1 64  VAL n 
1 65  LYS n 
1 66  THR n 
1 67  VAL n 
1 68  HIS n 
1 69  THR n 
1 70  ASP n 
1 71  ASN n 
1 72  GLY n 
1 73  SER n 
1 74  ASN n 
1 75  PHE n 
1 76  THR n 
1 77  SER n 
1 78  THR n 
1 79  THR n 
1 80  VAL n 
1 81  LYS n 
1 82  ALA n 
1 83  ALA n 
1 84  CAF n 
1 85  TRP n 
1 86  TRP n 
1 87  ALA n 
1 88  GLY n 
1 89  ILE n 
1 90  LYS n 
1 91  GLN n 
1 92  GLU n 
1 93  PHE n 
1 94  GLY n 
1 95  ILE n 
1 96  PRO n 
1 97  TYR n 
1 98  ASN n 
1 99  PRO n 
1 100 GLN n 
1 101 SER n 
1 102 GLN n 
1 103 GLY n 
1 104 VAL n 
1 105 ILE n 
1 106 GLU n 
1 107 SER n 
1 108 MET n 
1 109 ASN n 
1 110 LYS n 
1 111 GLU n 
1 112 LEU n 
1 113 LYS n 
1 114 LYS n 
1 115 ILE n 
1 116 ILE n 
1 117 GLY n 
1 118 GLN n 
1 119 VAL n 
1 120 ARG n 
1 121 ASP n 
1 122 GLN n 
1 123 ALA n 
1 124 GLU n 
1 125 HIS n 
1 126 LEU n 
1 127 LYS n 
1 128 THR n 
1 129 ALA n 
1 130 VAL n 
1 131 GLN n 
1 132 MET n 
1 133 ALA n 
1 134 VAL n 
1 135 PHE n 
1 136 ILE n 
1 137 HIS n 
1 138 ASN n 
1 139 LYS n 
1 140 LYS n 
1 141 ARG n 
1 142 LYS n 
1 143 GLY n 
1 144 GLY n 
1 145 ILE n 
1 146 GLY n 
1 147 GLY n 
1 148 TYR n 
1 149 SER n 
1 150 ALA n 
1 151 GLY n 
1 152 GLU n 
1 153 ARG n 
1 154 ILE n 
1 155 VAL n 
1 156 ASP n 
1 157 ILE n 
1 158 ILE n 
1 159 ALA n 
1 160 THR n 
1 161 ASP n 
1 162 ILE n 
1 163 GLN n 
1 164 THR n 
1 165 LYS n 
1 166 GLU n 
# 
_entity_src_gen.entity_id                          1 
_entity_src_gen.pdbx_src_id                        1 
_entity_src_gen.pdbx_alt_source_flag               sample 
_entity_src_gen.pdbx_seq_type                      'Biological sequence' 
_entity_src_gen.pdbx_beg_seq_num                   1 
_entity_src_gen.pdbx_end_seq_num                   166 
_entity_src_gen.gene_src_common_name               HIV-1 
_entity_src_gen.gene_src_genus                     ? 
_entity_src_gen.pdbx_gene_src_gene                 ? 
_entity_src_gen.gene_src_species                   ? 
_entity_src_gen.gene_src_strain                    ? 
_entity_src_gen.gene_src_tissue                    ? 
_entity_src_gen.gene_src_tissue_fraction           ? 
_entity_src_gen.gene_src_details                   ? 
_entity_src_gen.pdbx_gene_src_fragment             ? 
_entity_src_gen.pdbx_gene_src_scientific_name      'Human immunodeficiency virus type 1 group M subtype B (isolate NY5)' 
_entity_src_gen.pdbx_gene_src_ncbi_taxonomy_id     11698 
_entity_src_gen.pdbx_gene_src_variant              ? 
_entity_src_gen.pdbx_gene_src_cell_line            ? 
_entity_src_gen.pdbx_gene_src_atcc                 ? 
_entity_src_gen.pdbx_gene_src_organ                ? 
_entity_src_gen.pdbx_gene_src_organelle            ? 
_entity_src_gen.pdbx_gene_src_cell                 ? 
_entity_src_gen.pdbx_gene_src_cellular_location    ? 
_entity_src_gen.host_org_common_name               ? 
_entity_src_gen.pdbx_host_org_scientific_name      'Escherichia coli' 
_entity_src_gen.pdbx_host_org_ncbi_taxonomy_id     562 
_entity_src_gen.host_org_genus                     ? 
_entity_src_gen.pdbx_host_org_gene                 ? 
_entity_src_gen.pdbx_host_org_organ                ? 
_entity_src_gen.host_org_species                   ? 
_entity_src_gen.pdbx_host_org_tissue               ? 
_entity_src_gen.pdbx_host_org_tissue_fraction      ? 
_entity_src_gen.pdbx_host_org_strain               ? 
_entity_src_gen.pdbx_host_org_variant              ? 
_entity_src_gen.pdbx_host_org_cell_line            ? 
_entity_src_gen.pdbx_host_org_atcc                 ? 
_entity_src_gen.pdbx_host_org_culture_collection   ? 
_entity_src_gen.pdbx_host_org_cell                 ? 
_entity_src_gen.pdbx_host_org_organelle            ? 
_entity_src_gen.pdbx_host_org_cellular_location    ? 
_entity_src_gen.pdbx_host_org_vector_type          ? 
_entity_src_gen.pdbx_host_org_vector               ? 
_entity_src_gen.host_org_details                   ? 
_entity_src_gen.expression_system_id               ? 
_entity_src_gen.plasmid_name                       ? 
_entity_src_gen.plasmid_details                    ? 
_entity_src_gen.pdbx_description                   ? 
# 
loop_
_chem_comp.id 
_chem_comp.type 
_chem_comp.mon_nstd_flag 
_chem_comp.name 
_chem_comp.pdbx_synonyms 
_chem_comp.formula 
_chem_comp.formula_weight 
ALA 'L-peptide linking' y ALANINE ?                         'C3 H7 N O2'       89.093  
ARG 'L-peptide linking' y ARGININE ?                         'C6 H15 N4 O2 1'   175.209 
ASN 'L-peptide linking' y ASPARAGINE ?                         'C4 H8 N2 O3'      132.118 
ASP 'L-peptide linking' y 'ASPARTIC ACID' ?                         'C4 H7 N O4'       133.103 
CAF 'L-peptide linking' n S-DIMETHYLARSINOYL-CYSTEINE 'CYSTEIN-S-YL CACODYLATE' 'C5 H12 As N O3 S' 241.140 
CYS 'L-peptide linking' y CYSTEINE ?                         'C3 H7 N O2 S'     121.158 
EDO non-polymer         . 1,2-ETHANEDIOL 'ETHYLENE GLYCOL'         'C2 H6 O2'         62.068  
EJ9 non-polymer         . 
;(2S)-2-[2-(3,4-dihydro-2H-chromen-6-yl)-4-(3,4-dimethylphenyl)-3,6-dimethyl-5-(methylsulfonylamino)phenyl]-2-[(2-methylpropan-2-yl)oxy]ethanoic acid
;
?                         'C32 H39 N O6 S'   565.720 
GLN 'L-peptide linking' y GLUTAMINE ?                         'C5 H10 N2 O3'     146.144 
GLU 'L-peptide linking' y 'GLUTAMIC ACID' ?                         'C5 H9 N O4'       147.129 
GLY 'peptide linking'   y GLYCINE ?                         'C2 H5 N O2'       75.067  
HIS 'L-peptide linking' y HISTIDINE ?                         'C6 H10 N3 O2 1'   156.162 
HOH non-polymer         . WATER ?                         'H2 O'             18.015  
ILE 'L-peptide linking' y ISOLEUCINE ?                         'C6 H13 N O2'      131.173 
LEU 'L-peptide linking' y LEUCINE ?                         'C6 H13 N O2'      131.173 
LYS 'L-peptide linking' y LYSINE ?                         'C6 H15 N2 O2 1'   147.195 
MET 'L-peptide linking' y METHIONINE ?                         'C5 H11 N O2 S'    149.211 
PGE non-polymer         . 'TRIETHYLENE GLYCOL' ?                         'C6 H14 O4'        150.173 
PHE 'L-peptide linking' y PHENYLALANINE ?                         'C9 H11 N O2'      165.189 
PRO 'L-peptide linking' y PROLINE ?                         'C5 H9 N O2'       115.130 
SER 'L-peptide linking' y SERINE ?                         'C3 H7 N O3'       105.093 
SO4 non-polymer         . 'SULFATE ION' ?                         'O4 S -2'          96.063  
THR 'L-peptide linking' y THREONINE ?                         'C4 H9 N O3'       119.119 
TRP 'L-peptide linking' y TRYPTOPHAN ?                         'C11 H12 N2 O2'    204.225 
TYR 'L-peptide linking' y TYROSINE ?                         'C9 H11 N O3'      181.189 
VAL 'L-peptide linking' y VALINE ?                         'C5 H11 N O2'      117.146 
# 
loop_
_pdbx_poly_seq_scheme.asym_id 
_pdbx_poly_seq_scheme.entity_id 
_pdbx_poly_seq_scheme.seq_id 
_pdbx_poly_seq_scheme.mon_id 
_pdbx_poly_seq_scheme.ndb_seq_num 
_pdbx_poly_seq_scheme.pdb_seq_num 
_pdbx_poly_seq_scheme.auth_seq_num 
_pdbx_poly_seq_scheme.pdb_mon_id 
_pdbx_poly_seq_scheme.auth_mon_id 
_pdbx_poly_seq_scheme.pdb_strand_id 
_pdbx_poly_seq_scheme.pdb_ins_code 
_pdbx_poly_seq_scheme.hetero 
A 1 1   GLY 1   47  ?   ?   ?   A . n 
A 1 2   SER 2   48  ?   ?   ?   A . n 
A 1 3   HIS 3   49  ?   ?   ?   A . n 
A 1 4   MET 4   50  ?   ?   ?   A . n 
A 1 5   HIS 5   51  ?   ?   ?   A . n 
A 1 6   GLY 6   52  ?   ?   ?   A . n 
A 1 7   GLN 7   53  ?   ?   ?   A . n 
A 1 8   VAL 8   54  ?   ?   ?   A . n 
A 1 9   ASP 9   55  55  ASP ASP A . n 
A 1 10  CYS 10  56  56  CYS CYS A . n 
A 1 11  SER 11  57  57  SER SER A . n 
A 1 12  PRO 12  58  58  PRO PRO A . n 
A 1 13  GLY 13  59  59  GLY GLY A . n 
A 1 14  ILE 14  60  60  ILE ILE A . n 
A 1 15  TRP 15  61  61  TRP TRP A . n 
A 1 16  GLN 16  62  62  GLN GLN A . n 
A 1 17  LEU 17  63  63  LEU LEU A . n 
A 1 18  ASP 18  64  64  ASP ASP A . n 
A 1 19  CAF 19  65  65  CAF CAF A . n 
A 1 20  THR 20  66  66  THR THR A . n 
A 1 21  HIS 21  67  67  HIS HIS A . n 
A 1 22  LEU 22  68  68  LEU LEU A . n 
A 1 23  GLU 23  69  69  GLU GLU A . n 
A 1 24  GLY 24  70  70  GLY GLY A . n 
A 1 25  LYS 25  71  71  LYS LYS A . n 
A 1 26  VAL 26  72  72  VAL VAL A . n 
A 1 27  ILE 27  73  73  ILE ILE A . n 
A 1 28  LEU 28  74  74  LEU LEU A . n 
A 1 29  VAL 29  75  75  VAL VAL A . n 
A 1 30  ALA 30  76  76  ALA ALA A . n 
A 1 31  VAL 31  77  77  VAL VAL A . n 
A 1 32  HIS 32  78  78  HIS HIS A . n 
A 1 33  VAL 33  79  79  VAL VAL A . n 
A 1 34  ALA 34  80  80  ALA ALA A . n 
A 1 35  SER 35  81  81  SER SER A . n 
A 1 36  GLY 36  82  82  GLY GLY A . n 
A 1 37  TYR 37  83  83  TYR TYR A . n 
A 1 38  ILE 38  84  84  ILE ILE A . n 
A 1 39  GLU 39  85  85  GLU GLU A . n 
A 1 40  ALA 40  86  86  ALA ALA A . n 
A 1 41  GLU 41  87  87  GLU GLU A . n 
A 1 42  VAL 42  88  88  VAL VAL A . n 
A 1 43  ILE 43  89  89  ILE ILE A . n 
A 1 44  PRO 44  90  90  PRO PRO A . n 
A 1 45  ALA 45  91  91  ALA ALA A . n 
A 1 46  GLU 46  92  92  GLU GLU A . n 
A 1 47  THR 47  93  93  THR THR A . n 
A 1 48  GLY 48  94  94  GLY GLY A . n 
A 1 49  GLN 49  95  95  GLN GLN A . n 
A 1 50  GLU 50  96  96  GLU GLU A . n 
A 1 51  THR 51  97  97  THR THR A . n 
A 1 52  ALA 52  98  98  ALA ALA A . n 
A 1 53  TYR 53  99  99  TYR TYR A . n 
A 1 54  PHE 54  100 100 PHE PHE A . n 
A 1 55  LEU 55  101 101 LEU LEU A . n 
A 1 56  LEU 56  102 102 LEU LEU A . n 
A 1 57  LYS 57  103 103 LYS LYS A . n 
A 1 58  LEU 58  104 104 LEU LEU A . n 
A 1 59  ALA 59  105 105 ALA ALA A . n 
A 1 60  GLY 60  106 106 GLY GLY A . n 
A 1 61  ARG 61  107 107 ARG ARG A . n 
A 1 62  TRP 62  108 108 TRP TRP A . n 
A 1 63  PRO 63  109 109 PRO PRO A . n 
A 1 64  VAL 64  110 110 VAL VAL A . n 
A 1 65  LYS 65  111 111 LYS LYS A . n 
A 1 66  THR 66  112 112 THR THR A . n 
A 1 67  VAL 67  113 113 VAL VAL A . n 
A 1 68  HIS 68  114 114 HIS HIS A . n 
A 1 69  THR 69  115 115 THR THR A . n 
A 1 70  ASP 70  116 116 ASP ASP A . n 
A 1 71  ASN 71  117 117 ASN ASN A . n 
A 1 72  GLY 72  118 118 GLY GLY A . n 
A 1 73  SER 73  119 119 SER SER A . n 
A 1 74  ASN 74  120 120 ASN ASN A . n 
A 1 75  PHE 75  121 121 PHE PHE A . n 
A 1 76  THR 76  122 122 THR THR A . n 
A 1 77  SER 77  123 123 SER SER A . n 
A 1 78  THR 78  124 124 THR THR A . n 
A 1 79  THR 79  125 125 THR THR A . n 
A 1 80  VAL 80  126 126 VAL VAL A . n 
A 1 81  LYS 81  127 127 LYS LYS A . n 
A 1 82  ALA 82  128 128 ALA ALA A . n 
A 1 83  ALA 83  129 129 ALA ALA A . n 
A 1 84  CAF 84  130 130 CAF CAF A . n 
A 1 85  TRP 85  131 131 TRP TRP A . n 
A 1 86  TRP 86  132 132 TRP TRP A . n 
A 1 87  ALA 87  133 133 ALA ALA A . n 
A 1 88  GLY 88  134 134 GLY GLY A . n 
A 1 89  ILE 89  135 135 ILE ILE A . n 
A 1 90  LYS 90  136 136 LYS LYS A . n 
A 1 91  GLN 91  137 137 GLN GLN A . n 
A 1 92  GLU 92  138 138 GLU GLU A . n 
A 1 93  PHE 93  139 139 PHE PHE A . n 
A 1 94  GLY 94  140 140 GLY GLY A . n 
A 1 95  ILE 95  141 141 ILE ILE A . n 
A 1 96  PRO 96  142 142 PRO PRO A . n 
A 1 97  TYR 97  143 ?   ?   ?   A . n 
A 1 98  ASN 98  144 ?   ?   ?   A . n 
A 1 99  PRO 99  145 ?   ?   ?   A . n 
A 1 100 GLN 100 146 ?   ?   ?   A . n 
A 1 101 SER 101 147 ?   ?   ?   A . n 
A 1 102 GLN 102 148 ?   ?   ?   A . n 
A 1 103 GLY 103 149 ?   ?   ?   A . n 
A 1 104 VAL 104 150 ?   ?   ?   A . n 
A 1 105 ILE 105 151 ?   ?   ?   A . n 
A 1 106 GLU 106 152 ?   ?   ?   A . n 
A 1 107 SER 107 153 153 SER SER A . n 
A 1 108 MET 108 154 154 MET MET A . n 
A 1 109 ASN 109 155 155 ASN ASN A . n 
A 1 110 LYS 110 156 156 LYS LYS A . n 
A 1 111 GLU 111 157 157 GLU GLU A . n 
A 1 112 LEU 112 158 158 LEU LEU A . n 
A 1 113 LYS 113 159 159 LYS LYS A . n 
A 1 114 LYS 114 160 160 LYS LYS A . n 
A 1 115 ILE 115 161 161 ILE ILE A . n 
A 1 116 ILE 116 162 162 ILE ILE A . n 
A 1 117 GLY 117 163 163 GLY GLY A . n 
A 1 118 GLN 118 164 164 GLN GLN A . n 
A 1 119 VAL 119 165 165 VAL VAL A . n 
A 1 120 ARG 120 166 166 ARG ARG A . n 
A 1 121 ASP 121 167 167 ASP ASP A . n 
A 1 122 GLN 122 168 168 GLN GLN A . n 
A 1 123 ALA 123 169 169 ALA ALA A . n 
A 1 124 GLU 124 170 170 GLU GLU A . n 
A 1 125 HIS 125 171 171 HIS HIS A . n 
A 1 126 LEU 126 172 172 LEU LEU A . n 
A 1 127 LYS 127 173 173 LYS LYS A . n 
A 1 128 THR 128 174 174 THR THR A . n 
A 1 129 ALA 129 175 175 ALA ALA A . n 
A 1 130 VAL 130 176 176 VAL VAL A . n 
A 1 131 GLN 131 177 177 GLN GLN A . n 
A 1 132 MET 132 178 178 MET MET A . n 
A 1 133 ALA 133 179 179 ALA ALA A . n 
A 1 134 VAL 134 180 180 VAL VAL A . n 
A 1 135 PHE 135 181 181 PHE PHE A . n 
A 1 136 ILE 136 182 182 ILE ILE A . n 
A 1 137 HIS 137 183 183 HIS HIS A . n 
A 1 138 ASN 138 184 184 ASN ASN A . n 
A 1 139 LYS 139 185 185 LYS LYS A . n 
A 1 140 LYS 140 186 186 LYS LYS A . n 
A 1 141 ARG 141 187 187 ARG ARG A . n 
A 1 142 LYS 142 188 188 LYS LYS A . n 
A 1 143 GLY 143 189 ?   ?   ?   A . n 
A 1 144 GLY 144 190 ?   ?   ?   A . n 
A 1 145 ILE 145 191 ?   ?   ?   A . n 
A 1 146 GLY 146 192 ?   ?   ?   A . n 
A 1 147 GLY 147 193 193 GLY GLY A . n 
A 1 148 TYR 148 194 194 TYR TYR A . n 
A 1 149 SER 149 195 195 SER SER A . n 
A 1 150 ALA 150 196 196 ALA ALA A . n 
A 1 151 GLY 151 197 197 GLY GLY A . n 
A 1 152 GLU 152 198 198 GLU GLU A . n 
A 1 153 ARG 153 199 199 ARG ARG A . n 
A 1 154 ILE 154 200 200 ILE ILE A . n 
A 1 155 VAL 155 201 201 VAL VAL A . n 
A 1 156 ASP 156 202 202 ASP ASP A . n 
A 1 157 ILE 157 203 203 ILE ILE A . n 
A 1 158 ILE 158 204 204 ILE ILE A . n 
A 1 159 ALA 159 205 205 ALA ALA A . n 
A 1 160 THR 160 206 206 THR THR A . n 
A 1 161 ASP 161 207 207 ASP ASP A . n 
A 1 162 ILE 162 208 208 ILE ILE A . n 
A 1 163 GLN 163 209 209 GLN GLN A . n 
A 1 164 THR 164 210 ?   ?   ?   A . n 
A 1 165 LYS 165 211 ?   ?   ?   A . n 
A 1 166 GLU 166 212 ?   ?   ?   A . n 
# 
_pdbx_entity_instance_feature.ordinal        1 
_pdbx_entity_instance_feature.comp_id        EJ9 
_pdbx_entity_instance_feature.asym_id        ? 
_pdbx_entity_instance_feature.seq_num        ? 
_pdbx_entity_instance_feature.auth_comp_id   EJ9 
_pdbx_entity_instance_feature.auth_asym_id   ? 
_pdbx_entity_instance_feature.auth_seq_num   ? 
_pdbx_entity_instance_feature.feature_type   'SUBJECT OF INVESTIGATION' 
_pdbx_entity_instance_feature.details        ? 
# 
loop_
_pdbx_nonpoly_scheme.asym_id 
_pdbx_nonpoly_scheme.entity_id 
_pdbx_nonpoly_scheme.mon_id 
_pdbx_nonpoly_scheme.ndb_seq_num 
_pdbx_nonpoly_scheme.pdb_seq_num 
_pdbx_nonpoly_scheme.auth_seq_num 
_pdbx_nonpoly_scheme.pdb_mon_id 
_pdbx_nonpoly_scheme.auth_mon_id 
_pdbx_nonpoly_scheme.pdb_strand_id 
_pdbx_nonpoly_scheme.pdb_ins_code 
B 2 SO4 1  301 1  SO4 SO4 A . 
C 2 SO4 1  302 2  SO4 SO4 A . 
D 3 PGE 1  303 1  PGE PGE A . 
E 4 EJ9 1  304 1  EJ9 417 A . 
F 5 EDO 1  305 1  EDO EDO A . 
G 6 HOH 1  401 6  HOH HOH A . 
G 6 HOH 2  402 22 HOH HOH A . 
G 6 HOH 3  403 13 HOH HOH A . 
G 6 HOH 4  404 18 HOH HOH A . 
G 6 HOH 5  405 19 HOH HOH A . 
G 6 HOH 6  406 7  HOH HOH A . 
G 6 HOH 7  407 24 HOH HOH A . 
G 6 HOH 8  408 12 HOH HOH A . 
G 6 HOH 9  409 8  HOH HOH A . 
G 6 HOH 10 410 17 HOH HOH A . 
G 6 HOH 11 411 20 HOH HOH A . 
G 6 HOH 12 412 5  HOH HOH A . 
G 6 HOH 13 413 14 HOH HOH A . 
G 6 HOH 14 414 16 HOH HOH A . 
G 6 HOH 15 415 28 HOH HOH A . 
G 6 HOH 16 416 1  HOH HOH A . 
G 6 HOH 17 417 9  HOH HOH A . 
G 6 HOH 18 418 26 HOH HOH A . 
G 6 HOH 19 419 34 HOH HOH A . 
G 6 HOH 20 420 3  HOH HOH A . 
G 6 HOH 21 421 2  HOH HOH A . 
G 6 HOH 22 422 4  HOH HOH A . 
G 6 HOH 23 423 21 HOH HOH A . 
G 6 HOH 24 424 11 HOH HOH A . 
G 6 HOH 25 425 33 HOH HOH A . 
# 
loop_
_pdbx_unobs_or_zero_occ_atoms.id 
_pdbx_unobs_or_zero_occ_atoms.PDB_model_num 
_pdbx_unobs_or_zero_occ_atoms.polymer_flag 
_pdbx_unobs_or_zero_occ_atoms.occupancy_flag 
_pdbx_unobs_or_zero_occ_atoms.auth_asym_id 
_pdbx_unobs_or_zero_occ_atoms.auth_comp_id 
_pdbx_unobs_or_zero_occ_atoms.auth_seq_id 
_pdbx_unobs_or_zero_occ_atoms.PDB_ins_code 
_pdbx_unobs_or_zero_occ_atoms.auth_atom_id 
_pdbx_unobs_or_zero_occ_atoms.label_alt_id 
_pdbx_unobs_or_zero_occ_atoms.label_asym_id 
_pdbx_unobs_or_zero_occ_atoms.label_comp_id 
_pdbx_unobs_or_zero_occ_atoms.label_seq_id 
_pdbx_unobs_or_zero_occ_atoms.label_atom_id 
1  1 Y 1 A CAF 65  ? CE2 ? A CAF 19  CE2 
2  1 Y 1 A LYS 111 ? CG  ? A LYS 65  CG  
3  1 Y 1 A LYS 111 ? CD  ? A LYS 65  CD  
4  1 Y 1 A LYS 111 ? CE  ? A LYS 65  CE  
5  1 Y 1 A LYS 111 ? NZ  ? A LYS 65  NZ  
6  1 Y 1 A CAF 130 ? CE2 ? A CAF 84  CE2 
7  1 Y 1 A LYS 136 ? CG  ? A LYS 90  CG  
8  1 Y 1 A LYS 136 ? CD  ? A LYS 90  CD  
9  1 Y 1 A LYS 136 ? CE  ? A LYS 90  CE  
10 1 Y 1 A LYS 136 ? NZ  ? A LYS 90  NZ  
11 1 Y 1 A ILE 141 ? CG1 ? A ILE 95  CG1 
12 1 Y 1 A ILE 141 ? CG2 ? A ILE 95  CG2 
13 1 Y 1 A ILE 141 ? CD1 ? A ILE 95  CD1 
14 1 Y 1 A LYS 156 ? CG  ? A LYS 110 CG  
15 1 Y 1 A LYS 156 ? CD  ? A LYS 110 CD  
16 1 Y 1 A LYS 156 ? CE  ? A LYS 110 CE  
17 1 Y 1 A LYS 156 ? NZ  ? A LYS 110 NZ  
18 1 Y 1 A LYS 159 ? CG  ? A LYS 113 CG  
19 1 Y 1 A LYS 159 ? CD  ? A LYS 113 CD  
20 1 Y 1 A LYS 159 ? CE  ? A LYS 113 CE  
21 1 Y 1 A LYS 159 ? NZ  ? A LYS 113 NZ  
22 1 Y 1 A LYS 160 ? CG  ? A LYS 114 CG  
23 1 Y 1 A LYS 160 ? CD  ? A LYS 114 CD  
24 1 Y 1 A LYS 160 ? CE  ? A LYS 114 CE  
25 1 Y 1 A LYS 160 ? NZ  ? A LYS 114 NZ  
26 1 Y 1 A LYS 188 ? CG  ? A LYS 142 CG  
27 1 Y 1 A LYS 188 ? CD  ? A LYS 142 CD  
28 1 Y 1 A LYS 188 ? CE  ? A LYS 142 CE  
29 1 Y 1 A LYS 188 ? NZ  ? A LYS 142 NZ  
30 1 Y 1 A ASP 202 ? CG  ? A ASP 156 CG  
31 1 Y 1 A ASP 202 ? OD1 ? A ASP 156 OD1 
32 1 Y 1 A ASP 202 ? OD2 ? A ASP 156 OD2 
33 1 Y 1 A ILE 208 ? CG1 ? A ILE 162 CG1 
34 1 Y 1 A ILE 208 ? CG2 ? A ILE 162 CG2 
35 1 Y 1 A ILE 208 ? CD1 ? A ILE 162 CD1 
36 1 Y 1 A GLN 209 ? CG  ? A GLN 163 CG  
37 1 Y 1 A GLN 209 ? CD  ? A GLN 163 CD  
38 1 Y 1 A GLN 209 ? OE1 ? A GLN 163 OE1 
39 1 Y 1 A GLN 209 ? NE2 ? A GLN 163 NE2 
# 
loop_
_software.citation_id 
_software.classification 
_software.compiler_name 
_software.compiler_version 
_software.contact_author 
_software.contact_author_email 
_software.date 
_software.description 
_software.dependencies 
_software.hardware 
_software.language 
_software.location 
_software.mods 
_software.name 
_software.os 
_software.os_version 
_software.type 
_software.version 
_software.pdbx_ordinal 
? 'data scaling'    ? ? ? ? ? ? ? ? ? ? ? HKL-2000    ? ? ? .        1 
? phasing           ? ? ? ? ? ? ? ? ? ? ? MOLREP      ? ? ? 10.2.31  2 
? refinement        ? ? ? ? ? ? ? ? ? ? ? REFMAC      ? ? ? 5.5.0102 3 
? 'data extraction' ? ? ? ? ? ? ? ? ? ? ? PDB_EXTRACT ? ? ? 3.25     4 
? 'data reduction'  ? ? ? ? ? ? ? ? ? ? ? Coot        ? ? ? .        5 
# 
_cell.angle_alpha                  90.000 
_cell.angle_alpha_esd              ? 
_cell.angle_beta                   90.000 
_cell.angle_beta_esd               ? 
_cell.angle_gamma                  120.000 
_cell.angle_gamma_esd              ? 
_cell.entry_id                     6LMI 
_cell.details                      ? 
_cell.formula_units_Z              ? 
_cell.length_a                     71.926 
_cell.length_a_esd                 ? 
_cell.length_b                     71.926 
_cell.length_b_esd                 ? 
_cell.length_c                     65.798 
_cell.length_c_esd                 ? 
_cell.volume                       ? 
_cell.volume_esd                   ? 
_cell.Z_PDB                        6 
_cell.reciprocal_angle_alpha       ? 
_cell.reciprocal_angle_beta        ? 
_cell.reciprocal_angle_gamma       ? 
_cell.reciprocal_angle_alpha_esd   ? 
_cell.reciprocal_angle_beta_esd    ? 
_cell.reciprocal_angle_gamma_esd   ? 
_cell.reciprocal_length_a          ? 
_cell.reciprocal_length_b          ? 
_cell.reciprocal_length_c          ? 
_cell.reciprocal_length_a_esd      ? 
_cell.reciprocal_length_b_esd      ? 
_cell.reciprocal_length_c_esd      ? 
_cell.pdbx_unique_axis             ? 
# 
_symmetry.entry_id                         6LMI 
_symmetry.cell_setting                     ? 
_symmetry.Int_Tables_number                152 
_symmetry.space_group_name_Hall            ? 
_symmetry.space_group_name_H-M             'P 31 2 1' 
_symmetry.pdbx_full_space_group_name_H-M   ? 
# 
_exptl.absorpt_coefficient_mu     ? 
_exptl.absorpt_correction_T_max   ? 
_exptl.absorpt_correction_T_min   ? 
_exptl.absorpt_correction_type    ? 
_exptl.absorpt_process_details    ? 
_exptl.entry_id                   6LMI 
_exptl.crystals_number            1 
_exptl.details                    ? 
_exptl.method                     'X-RAY DIFFRACTION' 
_exptl.method_details             ? 
# 
_exptl_crystal.colour                      ? 
_exptl_crystal.density_diffrn              ? 
_exptl_crystal.density_Matthews            2.67 
_exptl_crystal.density_method              ? 
_exptl_crystal.density_percent_sol         53.85 
_exptl_crystal.description                 ? 
_exptl_crystal.F_000                       ? 
_exptl_crystal.id                          1 
_exptl_crystal.preparation                 ? 
_exptl_crystal.size_max                    ? 
_exptl_crystal.size_mid                    ? 
_exptl_crystal.size_min                    ? 
_exptl_crystal.size_rad                    ? 
_exptl_crystal.colour_lustre               ? 
_exptl_crystal.colour_modifier             ? 
_exptl_crystal.colour_primary              ? 
_exptl_crystal.density_meas                ? 
_exptl_crystal.density_meas_esd            ? 
_exptl_crystal.density_meas_gt             ? 
_exptl_crystal.density_meas_lt             ? 
_exptl_crystal.density_meas_temp           ? 
_exptl_crystal.density_meas_temp_esd       ? 
_exptl_crystal.density_meas_temp_gt        ? 
_exptl_crystal.density_meas_temp_lt        ? 
_exptl_crystal.pdbx_crystal_image_url      ? 
_exptl_crystal.pdbx_crystal_image_format   ? 
_exptl_crystal.pdbx_mosaicity              ? 
_exptl_crystal.pdbx_mosaicity_esd          ? 
# 
_exptl_crystal_grow.apparatus       ? 
_exptl_crystal_grow.atmosphere      ? 
_exptl_crystal_grow.crystal_id      1 
_exptl_crystal_grow.details         ? 
_exptl_crystal_grow.method          'VAPOR DIFFUSION, SITTING DROP' 
_exptl_crystal_grow.method_ref      ? 
_exptl_crystal_grow.pH              ? 
_exptl_crystal_grow.pressure        ? 
_exptl_crystal_grow.pressure_esd    ? 
_exptl_crystal_grow.seeding         ? 
_exptl_crystal_grow.seeding_ref     ? 
_exptl_crystal_grow.temp            293.15 
_exptl_crystal_grow.temp_details    ? 
_exptl_crystal_grow.temp_esd        ? 
_exptl_crystal_grow.time            ? 
_exptl_crystal_grow.pdbx_details    '0.1M Sodium cacodylate pH6.5, 0.32M Ammonium sulfate, 9% PEG 8000, 5mM  DTT' 
_exptl_crystal_grow.pdbx_pH_range   ? 
# 
_diffrn.ambient_environment              ? 
_diffrn.ambient_temp                     100 
_diffrn.ambient_temp_details             ? 
_diffrn.ambient_temp_esd                 ? 
_diffrn.crystal_id                       1 
_diffrn.crystal_support                  ? 
_diffrn.crystal_treatment                ? 
_diffrn.details                          ? 
_diffrn.id                               1 
_diffrn.ambient_pressure                 ? 
_diffrn.ambient_pressure_esd             ? 
_diffrn.ambient_pressure_gt              ? 
_diffrn.ambient_pressure_lt              ? 
_diffrn.ambient_temp_gt                  ? 
_diffrn.ambient_temp_lt                  ? 
_diffrn.pdbx_serial_crystal_experiment   N 
# 
_diffrn_detector.details                      ? 
_diffrn_detector.detector                     'IMAGE PLATE' 
_diffrn_detector.diffrn_id                    1 
_diffrn_detector.type                         'RIGAKU RAXIS IV++' 
_diffrn_detector.area_resol_mean              ? 
_diffrn_detector.dtime                        ? 
_diffrn_detector.pdbx_frames_total            ? 
_diffrn_detector.pdbx_collection_time_total   ? 
_diffrn_detector.pdbx_collection_date         2012-04-16 
_diffrn_detector.pdbx_frequency               ? 
# 
_diffrn_radiation.collimation                      ? 
_diffrn_radiation.diffrn_id                        1 
_diffrn_radiation.filter_edge                      ? 
_diffrn_radiation.inhomogeneity                    ? 
_diffrn_radiation.monochromator                    ? 
_diffrn_radiation.polarisn_norm                    ? 
_diffrn_radiation.polarisn_ratio                   ? 
_diffrn_radiation.probe                            ? 
_diffrn_radiation.type                             ? 
_diffrn_radiation.xray_symbol                      ? 
_diffrn_radiation.wavelength_id                    1 
_diffrn_radiation.pdbx_monochromatic_or_laue_m_l   M 
_diffrn_radiation.pdbx_wavelength_list             ? 
_diffrn_radiation.pdbx_wavelength                  ? 
_diffrn_radiation.pdbx_diffrn_protocol             'SINGLE WAVELENGTH' 
_diffrn_radiation.pdbx_analyzer                    ? 
_diffrn_radiation.pdbx_scattering_type             x-ray 
# 
_diffrn_radiation_wavelength.id           1 
_diffrn_radiation_wavelength.wavelength   1.5418 
_diffrn_radiation_wavelength.wt           1.0 
# 
_diffrn_source.current                     ? 
_diffrn_source.details                     ? 
_diffrn_source.diffrn_id                   1 
_diffrn_source.power                       ? 
_diffrn_source.size                        ? 
_diffrn_source.source                      'ROTATING ANODE' 
_diffrn_source.target                      ? 
_diffrn_source.type                        'RIGAKU MICROMAX-007 HF' 
_diffrn_source.voltage                     ? 
_diffrn_source.take-off_angle              ? 
_diffrn_source.pdbx_wavelength_list        1.5418 
_diffrn_source.pdbx_wavelength             ? 
_diffrn_source.pdbx_synchrotron_beamline   ? 
_diffrn_source.pdbx_synchrotron_site       ? 
# 
_reflns.B_iso_Wilson_estimate            ? 
_reflns.entry_id                         6LMI 
_reflns.data_reduction_details           ? 
_reflns.data_reduction_method            ? 
_reflns.d_resolution_high                2.500 
_reflns.d_resolution_low                 50.000 
_reflns.details                          ? 
_reflns.limit_h_max                      ? 
_reflns.limit_h_min                      ? 
_reflns.limit_k_max                      ? 
_reflns.limit_k_min                      ? 
_reflns.limit_l_max                      ? 
_reflns.limit_l_min                      ? 
_reflns.number_all                       ? 
_reflns.number_obs                       6189 
_reflns.observed_criterion               ? 
_reflns.observed_criterion_F_max         ? 
_reflns.observed_criterion_F_min         ? 
_reflns.observed_criterion_I_max         ? 
_reflns.observed_criterion_I_min         ? 
_reflns.observed_criterion_sigma_F       ? 
_reflns.observed_criterion_sigma_I       ? 
_reflns.percent_possible_obs             86.600 
_reflns.R_free_details                   ? 
_reflns.Rmerge_F_all                     ? 
_reflns.Rmerge_F_obs                     ? 
_reflns.Friedel_coverage                 ? 
_reflns.number_gt                        ? 
_reflns.threshold_expression             ? 
_reflns.pdbx_redundancy                  4.700 
_reflns.pdbx_Rmerge_I_obs                0.098 
_reflns.pdbx_Rmerge_I_all                ? 
_reflns.pdbx_Rsym_value                  ? 
_reflns.pdbx_netI_over_av_sigmaI         ? 
_reflns.pdbx_netI_over_sigmaI            8.900 
_reflns.pdbx_res_netI_over_av_sigmaI_2   ? 
_reflns.pdbx_res_netI_over_sigmaI_2      ? 
_reflns.pdbx_chi_squared                 1.153 
_reflns.pdbx_scaling_rejects             ? 
_reflns.pdbx_d_res_high_opt              ? 
_reflns.pdbx_d_res_low_opt               ? 
_reflns.pdbx_d_res_opt_method            ? 
_reflns.phase_calculation_details        ? 
_reflns.pdbx_Rrim_I_all                  ? 
_reflns.pdbx_Rpim_I_all                  ? 
_reflns.pdbx_d_opt                       ? 
_reflns.pdbx_number_measured_all         28954 
_reflns.pdbx_diffrn_id                   1 
_reflns.pdbx_ordinal                     1 
_reflns.pdbx_CC_half                     ? 
_reflns.pdbx_CC_star                     ? 
_reflns.pdbx_R_split                     ? 
# 
loop_
_reflns_shell.d_res_high 
_reflns_shell.d_res_low 
_reflns_shell.meanI_over_sigI_all 
_reflns_shell.meanI_over_sigI_obs 
_reflns_shell.number_measured_all 
_reflns_shell.number_measured_obs 
_reflns_shell.number_possible 
_reflns_shell.number_unique_all 
_reflns_shell.number_unique_obs 
_reflns_shell.percent_possible_all 
_reflns_shell.percent_possible_obs 
_reflns_shell.Rmerge_F_all 
_reflns_shell.Rmerge_F_obs 
_reflns_shell.Rmerge_I_all 
_reflns_shell.Rmerge_I_obs 
_reflns_shell.meanI_over_sigI_gt 
_reflns_shell.meanI_over_uI_all 
_reflns_shell.meanI_over_uI_gt 
_reflns_shell.number_measured_gt 
_reflns_shell.number_unique_gt 
_reflns_shell.percent_possible_gt 
_reflns_shell.Rmerge_F_gt 
_reflns_shell.Rmerge_I_gt 
_reflns_shell.pdbx_redundancy 
_reflns_shell.pdbx_Rsym_value 
_reflns_shell.pdbx_chi_squared 
_reflns_shell.pdbx_netI_over_sigmaI_all 
_reflns_shell.pdbx_netI_over_sigmaI_obs 
_reflns_shell.pdbx_Rrim_I_all 
_reflns_shell.pdbx_Rpim_I_all 
_reflns_shell.pdbx_rejects 
_reflns_shell.pdbx_ordinal 
_reflns_shell.pdbx_diffrn_id 
_reflns_shell.pdbx_CC_half 
_reflns_shell.pdbx_CC_star 
_reflns_shell.pdbx_R_split 
2.500 2.540  ? ? ? ? ? ? 320 90.900 ? ? ? ? 0.574 ? ? ? ? ? ? ? ? 4.400 ? 1.002 ? ? ? ? ? 1  1 ? ? ? 
2.540 2.590  ? ? ? ? ? ? 319 92.700 ? ? ? ? 0.523 ? ? ? ? ? ? ? ? 4.400 ? 0.973 ? ? ? ? ? 2  1 ? ? ? 
2.590 2.640  ? ? ? ? ? ? 317 89.300 ? ? ? ? 0.486 ? ? ? ? ? ? ? ? 4.500 ? 0.920 ? ? ? ? ? 3  1 ? ? ? 
2.640 2.690  ? ? ? ? ? ? 316 91.900 ? ? ? ? 0.486 ? ? ? ? ? ? ? ? 4.600 ? 0.987 ? ? ? ? ? 4  1 ? ? ? 
2.690 2.750  ? ? ? ? ? ? 310 88.600 ? ? ? ? 0.370 ? ? ? ? ? ? ? ? 4.500 ? 0.944 ? ? ? ? ? 5  1 ? ? ? 
2.750 2.820  ? ? ? ? ? ? 310 90.600 ? ? ? ? 0.368 ? ? ? ? ? ? ? ? 4.600 ? 1.012 ? ? ? ? ? 6  1 ? ? ? 
2.820 2.890  ? ? ? ? ? ? 334 89.300 ? ? ? ? 0.289 ? ? ? ? ? ? ? ? 4.600 ? 1.026 ? ? ? ? ? 7  1 ? ? ? 
2.890 2.960  ? ? ? ? ? ? 302 90.100 ? ? ? ? 0.255 ? ? ? ? ? ? ? ? 4.400 ? 1.069 ? ? ? ? ? 8  1 ? ? ? 
2.960 3.050  ? ? ? ? ? ? 320 89.400 ? ? ? ? 0.227 ? ? ? ? ? ? ? ? 4.600 ? 1.080 ? ? ? ? ? 9  1 ? ? ? 
3.050 3.150  ? ? ? ? ? ? 315 87.700 ? ? ? ? 0.197 ? ? ? ? ? ? ? ? 4.700 ? 1.037 ? ? ? ? ? 10 1 ? ? ? 
3.150 3.260  ? ? ? ? ? ? 300 87.200 ? ? ? ? 0.163 ? ? ? ? ? ? ? ? 4.800 ? 1.205 ? ? ? ? ? 11 1 ? ? ? 
3.260 3.390  ? ? ? ? ? ? 304 86.400 ? ? ? ? 0.142 ? ? ? ? ? ? ? ? 4.800 ? 1.292 ? ? ? ? ? 12 1 ? ? ? 
3.390 3.550  ? ? ? ? ? ? 306 87.700 ? ? ? ? 0.106 ? ? ? ? ? ? ? ? 4.600 ? 1.214 ? ? ? ? ? 13 1 ? ? ? 
3.550 3.730  ? ? ? ? ? ? 314 86.500 ? ? ? ? 0.086 ? ? ? ? ? ? ? ? 4.800 ? 1.442 ? ? ? ? ? 14 1 ? ? ? 
3.730 3.970  ? ? ? ? ? ? 305 84.500 ? ? ? ? 0.063 ? ? ? ? ? ? ? ? 4.800 ? 1.246 ? ? ? ? ? 15 1 ? ? ? 
3.970 4.270  ? ? ? ? ? ? 303 84.400 ? ? ? ? 0.055 ? ? ? ? ? ? ? ? 4.900 ? 1.081 ? ? ? ? ? 16 1 ? ? ? 
4.270 4.700  ? ? ? ? ? ? 299 82.100 ? ? ? ? 0.052 ? ? ? ? ? ? ? ? 4.800 ? 1.720 ? ? ? ? ? 17 1 ? ? ? 
4.700 5.380  ? ? ? ? ? ? 298 82.100 ? ? ? ? 0.044 ? ? ? ? ? ? ? ? 4.900 ? 1.234 ? ? ? ? ? 18 1 ? ? ? 
5.380 6.780  ? ? ? ? ? ? 292 78.900 ? ? ? ? 0.050 ? ? ? ? ? ? ? ? 5.100 ? 1.250 ? ? ? ? ? 19 1 ? ? ? 
6.780 50.000 ? ? ? ? ? ? 305 74.600 ? ? ? ? 0.031 ? ? ? ? ? ? ? ? 4.800 ? 1.269 ? ? ? ? ? 20 1 ? ? ? 
# 
_refine.aniso_B[1][1]                            0.2000 
_refine.aniso_B[1][2]                            0.1000 
_refine.aniso_B[1][3]                            0.0000 
_refine.aniso_B[2][2]                            0.2000 
_refine.aniso_B[2][3]                            -0.0000 
_refine.aniso_B[3][3]                            -0.6400 
_refine.B_iso_max                                100.690 
_refine.B_iso_mean                               45.7940 
_refine.B_iso_min                                26.550 
_refine.correlation_coeff_Fo_to_Fc               0.9410 
_refine.correlation_coeff_Fo_to_Fc_free          0.9150 
_refine.details                                  
'HYDROGENS HAVE BEEN USED IF PRESENT IN THE INPUT U VALUES      : REFINED INDIVIDUALLY' 
_refine.diff_density_max                         ? 
_refine.diff_density_max_esd                     ? 
_refine.diff_density_min                         ? 
_refine.diff_density_min_esd                     ? 
_refine.diff_density_rms                         ? 
_refine.diff_density_rms_esd                     ? 
_refine.entry_id                                 6LMI 
_refine.pdbx_refine_id                           'X-RAY DIFFRACTION' 
_refine.ls_abs_structure_details                 ? 
_refine.ls_abs_structure_Flack                   ? 
_refine.ls_abs_structure_Flack_esd               ? 
_refine.ls_abs_structure_Rogers                  ? 
_refine.ls_abs_structure_Rogers_esd              ? 
_refine.ls_d_res_high                            2.5000 
_refine.ls_d_res_low                             20.0000 
_refine.ls_extinction_coef                       ? 
_refine.ls_extinction_coef_esd                   ? 
_refine.ls_extinction_expression                 ? 
_refine.ls_extinction_method                     ? 
_refine.ls_goodness_of_fit_all                   ? 
_refine.ls_goodness_of_fit_all_esd               ? 
_refine.ls_goodness_of_fit_obs                   ? 
_refine.ls_goodness_of_fit_obs_esd               ? 
_refine.ls_hydrogen_treatment                    ? 
_refine.ls_matrix_type                           ? 
_refine.ls_number_constraints                    ? 
_refine.ls_number_parameters                     ? 
_refine.ls_number_reflns_all                     ? 
_refine.ls_number_reflns_obs                     5870 
_refine.ls_number_reflns_R_free                  280 
_refine.ls_number_reflns_R_work                  ? 
_refine.ls_number_restraints                     ? 
_refine.ls_percent_reflns_obs                    86.6900 
_refine.ls_percent_reflns_R_free                 4.6000 
_refine.ls_R_factor_all                          ? 
_refine.ls_R_factor_obs                          0.1996 
_refine.ls_R_factor_R_free                       0.2439 
_refine.ls_R_factor_R_free_error                 ? 
_refine.ls_R_factor_R_free_error_details         ? 
_refine.ls_R_factor_R_work                       0.1974 
_refine.ls_R_Fsqd_factor_obs                     ? 
_refine.ls_R_I_factor_obs                        ? 
_refine.ls_redundancy_reflns_all                 ? 
_refine.ls_redundancy_reflns_obs                 ? 
_refine.ls_restrained_S_all                      ? 
_refine.ls_restrained_S_obs                      ? 
_refine.ls_shift_over_esd_max                    ? 
_refine.ls_shift_over_esd_mean                   ? 
_refine.ls_structure_factor_coef                 ? 
_refine.ls_weighting_details                     ? 
_refine.ls_weighting_scheme                      ? 
_refine.ls_wR_factor_all                         ? 
_refine.ls_wR_factor_obs                         ? 
_refine.ls_wR_factor_R_free                      ? 
_refine.ls_wR_factor_R_work                      ? 
_refine.occupancy_max                            ? 
_refine.occupancy_min                            ? 
_refine.solvent_model_details                    ? 
_refine.solvent_model_param_bsol                 ? 
_refine.solvent_model_param_ksol                 ? 
_refine.pdbx_R_complete                          ? 
_refine.ls_R_factor_gt                           ? 
_refine.ls_goodness_of_fit_gt                    ? 
_refine.ls_goodness_of_fit_ref                   ? 
_refine.ls_shift_over_su_max                     ? 
_refine.ls_shift_over_su_max_lt                  ? 
_refine.ls_shift_over_su_mean                    ? 
_refine.ls_shift_over_su_mean_lt                 ? 
_refine.pdbx_ls_sigma_I                          ? 
_refine.pdbx_ls_sigma_F                          0.000 
_refine.pdbx_ls_sigma_Fsqd                       ? 
_refine.pdbx_data_cutoff_high_absF               ? 
_refine.pdbx_data_cutoff_high_rms_absF           ? 
_refine.pdbx_data_cutoff_low_absF                ? 
_refine.pdbx_isotropic_thermal_model             ? 
_refine.pdbx_ls_cross_valid_method               THROUGHOUT 
_refine.pdbx_method_to_determine_struct          'MOLECULAR REPLACEMENT' 
_refine.pdbx_starting_model                      3LPT 
_refine.pdbx_stereochemistry_target_values       ? 
_refine.pdbx_R_Free_selection_details            RANDOM 
_refine.pdbx_stereochem_target_val_spec_case     ? 
_refine.pdbx_overall_ESU_R                       0.5040 
_refine.pdbx_overall_ESU_R_Free                  0.2880 
_refine.pdbx_solvent_vdw_probe_radii             1.2000 
_refine.pdbx_solvent_ion_probe_radii             0.8000 
_refine.pdbx_solvent_shrinkage_radii             0.8000 
_refine.pdbx_real_space_R                        ? 
_refine.pdbx_density_correlation                 ? 
_refine.pdbx_pd_number_of_powder_patterns        ? 
_refine.pdbx_pd_number_of_points                 ? 
_refine.pdbx_pd_meas_number_of_points            ? 
_refine.pdbx_pd_proc_ls_prof_R_factor            ? 
_refine.pdbx_pd_proc_ls_prof_wR_factor           ? 
_refine.pdbx_pd_Marquardt_correlation_coeff      ? 
_refine.pdbx_pd_Fsqrd_R_factor                   ? 
_refine.pdbx_pd_ls_matrix_band_width             ? 
_refine.pdbx_overall_phase_error                 ? 
_refine.pdbx_overall_SU_R_free_Cruickshank_DPI   ? 
_refine.pdbx_overall_SU_R_free_Blow_DPI          ? 
_refine.pdbx_overall_SU_R_Blow_DPI               ? 
_refine.pdbx_TLS_residual_ADP_flag               ? 
_refine.pdbx_diffrn_id                           1 
_refine.overall_SU_B                             7.7640 
_refine.overall_SU_ML                            0.1750 
_refine.overall_SU_R_Cruickshank_DPI             0.6003 
_refine.overall_SU_R_free                        ? 
_refine.overall_FOM_free_R_set                   ? 
_refine.overall_FOM_work_R_set                   ? 
_refine.pdbx_average_fsc_overall                 ? 
_refine.pdbx_average_fsc_work                    ? 
_refine.pdbx_average_fsc_free                    ? 
# 
_refine_hist.pdbx_refine_id                   'X-RAY DIFFRACTION' 
_refine_hist.cycle_id                         final 
_refine_hist.details                          ? 
_refine_hist.d_res_high                       2.5000 
_refine_hist.d_res_low                        20.0000 
_refine_hist.number_atoms_solvent             25 
_refine_hist.number_atoms_total               1154 
_refine_hist.number_reflns_all                ? 
_refine_hist.number_reflns_obs                ? 
_refine_hist.number_reflns_R_free             ? 
_refine_hist.number_reflns_R_work             ? 
_refine_hist.R_factor_all                     ? 
_refine_hist.R_factor_obs                     ? 
_refine_hist.R_factor_R_free                  ? 
_refine_hist.R_factor_R_work                  ? 
_refine_hist.pdbx_number_residues_total       141 
_refine_hist.pdbx_B_iso_mean_ligand           56.31 
_refine_hist.pdbx_B_iso_mean_solvent          44.93 
_refine_hist.pdbx_number_atoms_protein        1065 
_refine_hist.pdbx_number_atoms_nucleic_acid   0 
_refine_hist.pdbx_number_atoms_ligand         64 
_refine_hist.pdbx_number_atoms_lipid          ? 
_refine_hist.pdbx_number_atoms_carb           ? 
_refine_hist.pdbx_pseudo_atom_details         ? 
# 
loop_
_refine_ls_restr.pdbx_refine_id 
_refine_ls_restr.criterion 
_refine_ls_restr.dev_ideal 
_refine_ls_restr.dev_ideal_target 
_refine_ls_restr.number 
_refine_ls_restr.rejects 
_refine_ls_restr.type 
_refine_ls_restr.weight 
_refine_ls_restr.pdbx_restraint_function 
'X-RAY DIFFRACTION' ? 0.010  0.019  1149 ? r_bond_refined_d       ? ? 
'X-RAY DIFFRACTION' ? 1.355  1.992  1565 ? r_angle_refined_deg    ? ? 
'X-RAY DIFFRACTION' ? 5.448  5.000  138  ? r_dihedral_angle_1_deg ? ? 
'X-RAY DIFFRACTION' ? 34.608 24.545 44   ? r_dihedral_angle_2_deg ? ? 
'X-RAY DIFFRACTION' ? 18.689 15.000 164  ? r_dihedral_angle_3_deg ? ? 
'X-RAY DIFFRACTION' ? 15.133 15.000 4    ? r_dihedral_angle_4_deg ? ? 
'X-RAY DIFFRACTION' ? 0.080  0.200  176  ? r_chiral_restr         ? ? 
'X-RAY DIFFRACTION' ? 0.005  0.021  840  ? r_gen_planes_refined   ? ? 
# 
_refine_ls_shell.pdbx_refine_id                   'X-RAY DIFFRACTION' 
_refine_ls_shell.d_res_high                       2.5000 
_refine_ls_shell.d_res_low                        2.5640 
_refine_ls_shell.number_reflns_all                468 
_refine_ls_shell.number_reflns_obs                ? 
_refine_ls_shell.number_reflns_R_free             20 
_refine_ls_shell.number_reflns_R_work             448 
_refine_ls_shell.percent_reflns_obs               91.9400 
_refine_ls_shell.percent_reflns_R_free            ? 
_refine_ls_shell.R_factor_all                     ? 
_refine_ls_shell.R_factor_obs                     ? 
_refine_ls_shell.R_factor_R_free                  0.3010 
_refine_ls_shell.R_factor_R_free_error            0.0000 
_refine_ls_shell.R_factor_R_work                  0.2030 
_refine_ls_shell.redundancy_reflns_all            ? 
_refine_ls_shell.redundancy_reflns_obs            ? 
_refine_ls_shell.wR_factor_all                    ? 
_refine_ls_shell.wR_factor_obs                    ? 
_refine_ls_shell.wR_factor_R_free                 ? 
_refine_ls_shell.wR_factor_R_work                 ? 
_refine_ls_shell.pdbx_R_complete                  ? 
_refine_ls_shell.pdbx_total_number_of_bins_used   20 
_refine_ls_shell.pdbx_phase_error                 ? 
_refine_ls_shell.pdbx_fsc_work                    ? 
_refine_ls_shell.pdbx_fsc_free                    ? 
# 
_struct.entry_id                     6LMI 
_struct.title                        
;Crystal structure of HIV-1 integrase catalytic core domain in complex with 2-(tert-butoxy)-2-[3-(3,4-dihydro-2H-1-benzopyran-6-yl)-6-methanesulfonamido-2,3',4',5-tetramethyl-[1,1'-biphenyl]-4-yl]acetic acid
;
_struct.pdbx_model_details           ? 
_struct.pdbx_formula_weight          ? 
_struct.pdbx_formula_weight_method   ? 
_struct.pdbx_model_type_details      ? 
_struct.pdbx_CASP_flag               N 
# 
_struct_keywords.entry_id        6LMI 
_struct_keywords.text            'hydrolase transferase/inhibitor, TRANSFERASE' 
_struct_keywords.pdbx_keywords   TRANSFERASE 
# 
loop_
_struct_asym.id 
_struct_asym.pdbx_blank_PDB_chainid_flag 
_struct_asym.pdbx_modified 
_struct_asym.entity_id 
_struct_asym.details 
A N N 1 ? 
B N N 2 ? 
C N N 2 ? 
D N N 3 ? 
E N N 4 ? 
F N N 5 ? 
G N N 6 ? 
# 
_struct_ref.id                         1 
_struct_ref.db_name                    UNP 
_struct_ref.db_code                    POL_HV1N5 
_struct_ref.pdbx_db_accession          P12497 
_struct_ref.pdbx_db_isoform            ? 
_struct_ref.entity_id                  1 
_struct_ref.pdbx_seq_one_letter_code   
;MHGQVDCSPGIWQLDCTHLEGKVILVAVHVASGYIEAEVIPAETGQETAYFLLKLAGRWPVKTVHTDNGSNFTSTTVKAA
CWWAGIKQEFGIPYNPQSQGVIESMNKELKKIIGQVRDQAEHLKTAVQMAVFIHNFKRKGGIGGYSAGERIVDIIATDIQ
TKE
;
_struct_ref.pdbx_align_begin           1197 
# 
_struct_ref_seq.align_id                      1 
_struct_ref_seq.ref_id                        1 
_struct_ref_seq.pdbx_PDB_id_code              6LMI 
_struct_ref_seq.pdbx_strand_id                A 
_struct_ref_seq.seq_align_beg                 4 
_struct_ref_seq.pdbx_seq_align_beg_ins_code   ? 
_struct_ref_seq.seq_align_end                 166 
_struct_ref_seq.pdbx_seq_align_end_ins_code   ? 
_struct_ref_seq.pdbx_db_accession             P12497 
_struct_ref_seq.db_align_beg                  1197 
_struct_ref_seq.pdbx_db_align_beg_ins_code    ? 
_struct_ref_seq.db_align_end                  1359 
_struct_ref_seq.pdbx_db_align_end_ins_code    ? 
_struct_ref_seq.pdbx_auth_seq_align_beg       50 
_struct_ref_seq.pdbx_auth_seq_align_end       212 
# 
loop_
_struct_ref_seq_dif.align_id 
_struct_ref_seq_dif.pdbx_pdb_id_code 
_struct_ref_seq_dif.mon_id 
_struct_ref_seq_dif.pdbx_pdb_strand_id 
_struct_ref_seq_dif.seq_num 
_struct_ref_seq_dif.pdbx_pdb_ins_code 
_struct_ref_seq_dif.pdbx_seq_db_name 
_struct_ref_seq_dif.pdbx_seq_db_accession_code 
_struct_ref_seq_dif.db_mon_id 
_struct_ref_seq_dif.pdbx_seq_db_seq_num 
_struct_ref_seq_dif.details 
_struct_ref_seq_dif.pdbx_auth_seq_num 
_struct_ref_seq_dif.pdbx_ordinal 
1 6LMI GLY A 1   ? UNP P12497 ?   ?    'expression tag'      47  1 
1 6LMI SER A 2   ? UNP P12497 ?   ?    'expression tag'      48  2 
1 6LMI HIS A 3   ? UNP P12497 ?   ?    'expression tag'      49  3 
1 6LMI LYS A 139 ? UNP P12497 PHE 1332 'engineered mutation' 185 4 
# 
_pdbx_struct_assembly.id                   1 
_pdbx_struct_assembly.details              author_and_software_defined_assembly 
_pdbx_struct_assembly.method_details       PISA 
_pdbx_struct_assembly.oligomeric_details   dimeric 
_pdbx_struct_assembly.oligomeric_count     2 
# 
loop_
_pdbx_struct_assembly_prop.biol_id 
_pdbx_struct_assembly_prop.type 
_pdbx_struct_assembly_prop.value 
_pdbx_struct_assembly_prop.details 
1 'ABSA (A^2)' 5140  ? 
1 MORE         -51   ? 
1 'SSA (A^2)'  12720 ? 
# 
_pdbx_struct_assembly_gen.assembly_id       1 
_pdbx_struct_assembly_gen.oper_expression   1,2 
_pdbx_struct_assembly_gen.asym_id_list      A,B,C,D,E,F,G 
# 
_pdbx_struct_assembly_auth_evidence.id                     1 
_pdbx_struct_assembly_auth_evidence.assembly_id            1 
_pdbx_struct_assembly_auth_evidence.experimental_support   'assay for oligomerization' 
_pdbx_struct_assembly_auth_evidence.details                ? 
# 
loop_
_pdbx_struct_oper_list.id 
_pdbx_struct_oper_list.type 
_pdbx_struct_oper_list.name 
_pdbx_struct_oper_list.symmetry_operation 
_pdbx_struct_oper_list.matrix[1][1] 
_pdbx_struct_oper_list.matrix[1][2] 
_pdbx_struct_oper_list.matrix[1][3] 
_pdbx_struct_oper_list.vector[1] 
_pdbx_struct_oper_list.matrix[2][1] 
_pdbx_struct_oper_list.matrix[2][2] 
_pdbx_struct_oper_list.matrix[2][3] 
_pdbx_struct_oper_list.vector[2] 
_pdbx_struct_oper_list.matrix[3][1] 
_pdbx_struct_oper_list.matrix[3][2] 
_pdbx_struct_oper_list.matrix[3][3] 
_pdbx_struct_oper_list.vector[3] 
1 'identity operation'         1_555 x,y,z          1.0000000000  0.0000000000 0.0000000000  0.0000000000  0.0000000000 1.0000000000  0.0000000000  0.0000000000  0.0000000000  0.0000000000  1.0000000000  0.0000000000  
2 'crystal symmetry operation' 6_554 -x,-x+y,-z-2/3 -0.0494658815 0.8015564225 -0.5958694724 -2.9557171193 0.8015564225 -0.3240719234 -0.5024785468 13.6842073105 -0.5958694724 -0.5024785468 -0.6264621951 13.6928550114 
# 
loop_
_struct_conf.conf_type_id 
_struct_conf.id 
_struct_conf.pdbx_PDB_helix_id 
_struct_conf.beg_label_comp_id 
_struct_conf.beg_label_asym_id 
_struct_conf.beg_label_seq_id 
_struct_conf.pdbx_beg_PDB_ins_code 
_struct_conf.end_label_comp_id 
_struct_conf.end_label_asym_id 
_struct_conf.end_label_seq_id 
_struct_conf.pdbx_end_PDB_ins_code 
_struct_conf.beg_auth_comp_id 
_struct_conf.beg_auth_asym_id 
_struct_conf.beg_auth_seq_id 
_struct_conf.end_auth_comp_id 
_struct_conf.end_auth_asym_id 
_struct_conf.end_auth_seq_id 
_struct_conf.pdbx_PDB_helix_class 
_struct_conf.details 
_struct_conf.pdbx_PDB_helix_length 
HELX_P HELX_P1 AA1 THR A 47  ? TRP A 62  ? THR A 93  TRP A 108 1 ? 16 
HELX_P HELX_P2 AA2 ASN A 71  ? THR A 76  ? ASN A 117 THR A 122 5 ? 6  
HELX_P HELX_P3 AA3 SER A 77  ? GLY A 88  ? SER A 123 GLY A 134 1 ? 12 
HELX_P HELX_P4 AA4 MET A 108 ? ARG A 120 ? MET A 154 ARG A 166 1 ? 13 
HELX_P HELX_P5 AA5 ASP A 121 ? ALA A 123 ? ASP A 167 ALA A 169 5 ? 3  
HELX_P HELX_P6 AA6 HIS A 125 ? LYS A 140 ? HIS A 171 LYS A 186 1 ? 16 
HELX_P HELX_P7 AA7 SER A 149 ? GLN A 163 ? SER A 195 GLN A 209 1 ? 15 
# 
_struct_conf_type.id          HELX_P 
_struct_conf_type.criteria    ? 
_struct_conf_type.reference   ? 
# 
loop_
_struct_conn.id 
_struct_conn.conn_type_id 
_struct_conn.pdbx_leaving_atom_flag 
_struct_conn.pdbx_PDB_id 
_struct_conn.ptnr1_label_asym_id 
_struct_conn.ptnr1_label_comp_id 
_struct_conn.ptnr1_label_seq_id 
_struct_conn.ptnr1_label_atom_id 
_struct_conn.pdbx_ptnr1_label_alt_id 
_struct_conn.pdbx_ptnr1_PDB_ins_code 
_struct_conn.pdbx_ptnr1_standard_comp_id 
_struct_conn.ptnr1_symmetry 
_struct_conn.ptnr2_label_asym_id 
_struct_conn.ptnr2_label_comp_id 
_struct_conn.ptnr2_label_seq_id 
_struct_conn.ptnr2_label_atom_id 
_struct_conn.pdbx_ptnr2_label_alt_id 
_struct_conn.pdbx_ptnr2_PDB_ins_code 
_struct_conn.ptnr1_auth_asym_id 
_struct_conn.ptnr1_auth_comp_id 
_struct_conn.ptnr1_auth_seq_id 
_struct_conn.ptnr2_auth_asym_id 
_struct_conn.ptnr2_auth_comp_id 
_struct_conn.ptnr2_auth_seq_id 
_struct_conn.ptnr2_symmetry 
_struct_conn.pdbx_ptnr3_label_atom_id 
_struct_conn.pdbx_ptnr3_label_seq_id 
_struct_conn.pdbx_ptnr3_label_comp_id 
_struct_conn.pdbx_ptnr3_label_asym_id 
_struct_conn.pdbx_ptnr3_label_alt_id 
_struct_conn.pdbx_ptnr3_PDB_ins_code 
_struct_conn.details 
_struct_conn.pdbx_dist_value 
_struct_conn.pdbx_value_order 
_struct_conn.pdbx_role 
covale1 covale both ? A ASP 18 C ? ? ? 1_555 A CAF 19 N ? ? A ASP 64  A CAF 65  1_555 ? ? ? ? ? ? ? 1.332 ? ? 
covale2 covale both ? A CAF 19 C ? ? ? 1_555 A THR 20 N ? ? A CAF 65  A THR 66  1_555 ? ? ? ? ? ? ? 1.328 ? ? 
covale3 covale both ? A ALA 83 C ? ? ? 1_555 A CAF 84 N ? ? A ALA 129 A CAF 130 1_555 ? ? ? ? ? ? ? 1.326 ? ? 
covale4 covale both ? A CAF 84 C ? ? ? 1_555 A TRP 85 N ? ? A CAF 130 A TRP 131 1_555 ? ? ? ? ? ? ? 1.336 ? ? 
# 
_struct_conn_type.id          covale 
_struct_conn_type.criteria    ? 
_struct_conn_type.reference   ? 
# 
loop_
_pdbx_modification_feature.ordinal 
_pdbx_modification_feature.label_comp_id 
_pdbx_modification_feature.label_asym_id 
_pdbx_modification_feature.label_seq_id 
_pdbx_modification_feature.label_alt_id 
_pdbx_modification_feature.modified_residue_label_comp_id 
_pdbx_modification_feature.modified_residue_label_asym_id 
_pdbx_modification_feature.modified_residue_label_seq_id 
_pdbx_modification_feature.modified_residue_label_alt_id 
_pdbx_modification_feature.auth_comp_id 
_pdbx_modification_feature.auth_asym_id 
_pdbx_modification_feature.auth_seq_id 
_pdbx_modification_feature.PDB_ins_code 
_pdbx_modification_feature.symmetry 
_pdbx_modification_feature.modified_residue_auth_comp_id 
_pdbx_modification_feature.modified_residue_auth_asym_id 
_pdbx_modification_feature.modified_residue_auth_seq_id 
_pdbx_modification_feature.modified_residue_PDB_ins_code 
_pdbx_modification_feature.modified_residue_symmetry 
_pdbx_modification_feature.comp_id_linking_atom 
_pdbx_modification_feature.modified_residue_id_linking_atom 
_pdbx_modification_feature.modified_residue_id 
_pdbx_modification_feature.ref_pcm_id 
_pdbx_modification_feature.ref_comp_id 
_pdbx_modification_feature.type 
_pdbx_modification_feature.category 
1 CAF A 19 ? . . . . CAF A 65  ? 1_555 . . . . . . . CYS 1 CAF None 'Non-standard residue' 
2 CAF A 84 ? . . . . CAF A 130 ? 1_555 . . . . . . . CYS 1 CAF None 'Non-standard residue' 
# 
_struct_sheet.id               AA1 
_struct_sheet.type             ? 
_struct_sheet.number_strands   5 
_struct_sheet.details          ? 
# 
loop_
_struct_sheet_order.sheet_id 
_struct_sheet_order.range_id_1 
_struct_sheet_order.range_id_2 
_struct_sheet_order.offset 
_struct_sheet_order.sense 
AA1 1 2 ? anti-parallel 
AA1 2 3 ? anti-parallel 
AA1 3 4 ? parallel      
AA1 4 5 ? parallel      
# 
loop_
_struct_sheet_range.sheet_id 
_struct_sheet_range.id 
_struct_sheet_range.beg_label_comp_id 
_struct_sheet_range.beg_label_asym_id 
_struct_sheet_range.beg_label_seq_id 
_struct_sheet_range.pdbx_beg_PDB_ins_code 
_struct_sheet_range.end_label_comp_id 
_struct_sheet_range.end_label_asym_id 
_struct_sheet_range.end_label_seq_id 
_struct_sheet_range.pdbx_end_PDB_ins_code 
_struct_sheet_range.beg_auth_comp_id 
_struct_sheet_range.beg_auth_asym_id 
_struct_sheet_range.beg_auth_seq_id 
_struct_sheet_range.end_auth_comp_id 
_struct_sheet_range.end_auth_asym_id 
_struct_sheet_range.end_auth_seq_id 
AA1 1 ILE A 38 ? ILE A 43 ? ILE A 84  ILE A 89  
AA1 2 LYS A 25 ? HIS A 32 ? LYS A 71  HIS A 78  
AA1 3 ILE A 14 ? LEU A 22 ? ILE A 60  LEU A 68  
AA1 4 THR A 66 ? HIS A 68 ? THR A 112 HIS A 114 
AA1 5 LYS A 90 ? GLN A 91 ? LYS A 136 GLN A 137 
# 
loop_
_pdbx_struct_sheet_hbond.sheet_id 
_pdbx_struct_sheet_hbond.range_id_1 
_pdbx_struct_sheet_hbond.range_id_2 
_pdbx_struct_sheet_hbond.range_1_label_atom_id 
_pdbx_struct_sheet_hbond.range_1_label_comp_id 
_pdbx_struct_sheet_hbond.range_1_label_asym_id 
_pdbx_struct_sheet_hbond.range_1_label_seq_id 
_pdbx_struct_sheet_hbond.range_1_PDB_ins_code 
_pdbx_struct_sheet_hbond.range_1_auth_atom_id 
_pdbx_struct_sheet_hbond.range_1_auth_comp_id 
_pdbx_struct_sheet_hbond.range_1_auth_asym_id 
_pdbx_struct_sheet_hbond.range_1_auth_seq_id 
_pdbx_struct_sheet_hbond.range_2_label_atom_id 
_pdbx_struct_sheet_hbond.range_2_label_comp_id 
_pdbx_struct_sheet_hbond.range_2_label_asym_id 
_pdbx_struct_sheet_hbond.range_2_label_seq_id 
_pdbx_struct_sheet_hbond.range_2_PDB_ins_code 
_pdbx_struct_sheet_hbond.range_2_auth_atom_id 
_pdbx_struct_sheet_hbond.range_2_auth_comp_id 
_pdbx_struct_sheet_hbond.range_2_auth_asym_id 
_pdbx_struct_sheet_hbond.range_2_auth_seq_id 
AA1 1 2 O GLU A 39 ? O GLU A 85  N ALA A 30 ? N ALA A 76  
AA1 2 3 O VAL A 29 ? O VAL A 75  N ASP A 18 ? N ASP A 64  
AA1 3 4 N TRP A 15 ? N TRP A 61  O HIS A 68 ? O HIS A 114 
AA1 4 5 N VAL A 67 ? N VAL A 113 O LYS A 90 ? O LYS A 136 
# 
loop_
_struct_site.id 
_struct_site.pdbx_evidence_code 
_struct_site.pdbx_auth_asym_id 
_struct_site.pdbx_auth_comp_id 
_struct_site.pdbx_auth_seq_id 
_struct_site.pdbx_auth_ins_code 
_struct_site.pdbx_num_residues 
_struct_site.details 
AC1 Software A SO4 301 ? 6  'binding site for residue SO4 A 301' 
AC2 Software A SO4 302 ? 2  'binding site for residue SO4 A 302' 
AC3 Software A PGE 303 ? 5  'binding site for residue PGE A 303' 
AC4 Software A EJ9 304 ? 11 'binding site for residue EJ9 A 304' 
AC5 Software A EDO 305 ? 4  'binding site for residue EDO A 305' 
# 
loop_
_struct_site_gen.id 
_struct_site_gen.site_id 
_struct_site_gen.pdbx_num_res 
_struct_site_gen.label_comp_id 
_struct_site_gen.label_asym_id 
_struct_site_gen.label_seq_id 
_struct_site_gen.pdbx_auth_ins_code 
_struct_site_gen.auth_comp_id 
_struct_site_gen.auth_asym_id 
_struct_site_gen.auth_seq_id 
_struct_site_gen.label_atom_id 
_struct_site_gen.label_alt_id 
_struct_site_gen.symmetry 
_struct_site_gen.details 
1  AC1 6  LYS A 25  ? LYS A 71  . ? 1_555 ? 
2  AC1 6  ARG A 120 ? ARG A 166 . ? 1_555 ? 
3  AC1 6  GLU A 124 ? GLU A 170 . ? 1_555 ? 
4  AC1 6  HIS A 125 ? HIS A 171 . ? 1_555 ? 
5  AC1 6  LEU A 126 ? LEU A 172 . ? 1_555 ? 
6  AC1 6  HOH G .   ? HOH A 417 . ? 1_555 ? 
7  AC2 2  THR A 20  ? THR A 66  . ? 1_555 ? 
8  AC2 2  HIS A 21  ? HIS A 67  . ? 1_555 ? 
9  AC3 5  GLN A 49  ? GLN A 95  . ? 1_555 ? 
10 AC3 5  GLU A 50  ? GLU A 96  . ? 1_555 ? 
11 AC3 5  TYR A 53  ? TYR A 99  . ? 1_555 ? 
12 AC3 5  HIS A 125 ? HIS A 171 . ? 6_554 ? 
13 AC3 5  LYS A 127 ? LYS A 173 . ? 6_554 ? 
14 AC4 11 GLN A 49  ? GLN A 95  . ? 1_555 ? 
15 AC4 11 LEU A 56  ? LEU A 102 . ? 1_555 ? 
16 AC4 11 THR A 79  ? THR A 125 . ? 1_555 ? 
17 AC4 11 ALA A 82  ? ALA A 128 . ? 1_555 ? 
18 AC4 11 TRP A 86  ? TRP A 132 . ? 1_555 ? 
19 AC4 11 ALA A 123 ? ALA A 169 . ? 6_554 ? 
20 AC4 11 GLU A 124 ? GLU A 170 . ? 6_554 ? 
21 AC4 11 HIS A 125 ? HIS A 171 . ? 6_554 ? 
22 AC4 11 THR A 128 ? THR A 174 . ? 6_554 ? 
23 AC4 11 MET A 132 ? MET A 178 . ? 6_554 ? 
24 AC4 11 HOH G .   ? HOH A 401 . ? 1_555 ? 
25 AC5 4  SER A 77  ? SER A 123 . ? 1_555 ? 
26 AC5 4  THR A 78  ? THR A 124 . ? 1_555 ? 
27 AC5 4  THR A 79  ? THR A 125 . ? 1_555 ? 
28 AC5 4  LYS A 140 ? LYS A 186 . ? 5_544 ? 
# 
_pdbx_entry_details.entry_id                   6LMI 
_pdbx_entry_details.has_ligand_of_interest     Y 
_pdbx_entry_details.compound_details           ? 
_pdbx_entry_details.source_details             ? 
_pdbx_entry_details.nonpolymer_details         ? 
_pdbx_entry_details.sequence_details           ? 
_pdbx_entry_details.has_protein_modification   Y 
# 
loop_
_pdbx_struct_mod_residue.id 
_pdbx_struct_mod_residue.label_asym_id 
_pdbx_struct_mod_residue.label_comp_id 
_pdbx_struct_mod_residue.label_seq_id 
_pdbx_struct_mod_residue.auth_asym_id 
_pdbx_struct_mod_residue.auth_comp_id 
_pdbx_struct_mod_residue.auth_seq_id 
_pdbx_struct_mod_residue.PDB_ins_code 
_pdbx_struct_mod_residue.parent_comp_id 
_pdbx_struct_mod_residue.details 
1 A CAF 19 A CAF 65  ? CYS 'modified residue' 
2 A CAF 84 A CAF 130 ? CYS 'modified residue' 
# 
_pdbx_phasing_MR.entry_id                     6LMI 
_pdbx_phasing_MR.method_rotation              ? 
_pdbx_phasing_MR.method_translation           ? 
_pdbx_phasing_MR.model_details                ? 
_pdbx_phasing_MR.R_factor                     ? 
_pdbx_phasing_MR.R_rigid_body                 ? 
_pdbx_phasing_MR.correlation_coeff_Fo_to_Fc   ? 
_pdbx_phasing_MR.correlation_coeff_Io_to_Ic   ? 
_pdbx_phasing_MR.d_res_high_rotation          2.850 
_pdbx_phasing_MR.d_res_low_rotation           28.150 
_pdbx_phasing_MR.d_res_high_translation       2.850 
_pdbx_phasing_MR.d_res_low_translation        28.150 
_pdbx_phasing_MR.packing                      ? 
_pdbx_phasing_MR.reflns_percent_rotation      ? 
_pdbx_phasing_MR.reflns_percent_translation   ? 
_pdbx_phasing_MR.sigma_F_rotation             ? 
_pdbx_phasing_MR.sigma_F_translation          ? 
_pdbx_phasing_MR.sigma_I_rotation             ? 
_pdbx_phasing_MR.sigma_I_translation          ? 
# 
_phasing.method   MR 
# 
loop_
_pdbx_unobs_or_zero_occ_residues.id 
_pdbx_unobs_or_zero_occ_residues.PDB_model_num 
_pdbx_unobs_or_zero_occ_residues.polymer_flag 
_pdbx_unobs_or_zero_occ_residues.occupancy_flag 
_pdbx_unobs_or_zero_occ_residues.auth_asym_id 
_pdbx_unobs_or_zero_occ_residues.auth_comp_id 
_pdbx_unobs_or_zero_occ_residues.auth_seq_id 
_pdbx_unobs_or_zero_occ_residues.PDB_ins_code 
_pdbx_unobs_or_zero_occ_residues.label_asym_id 
_pdbx_unobs_or_zero_occ_residues.label_comp_id 
_pdbx_unobs_or_zero_occ_residues.label_seq_id 
1  1 Y 1 A GLY 47  ? A GLY 1   
2  1 Y 1 A SER 48  ? A SER 2   
3  1 Y 1 A HIS 49  ? A HIS 3   
4  1 Y 1 A MET 50  ? A MET 4   
5  1 Y 1 A HIS 51  ? A HIS 5   
6  1 Y 1 A GLY 52  ? A GLY 6   
7  1 Y 1 A GLN 53  ? A GLN 7   
8  1 Y 1 A VAL 54  ? A VAL 8   
9  1 Y 1 A TYR 143 ? A TYR 97  
10 1 Y 1 A ASN 144 ? A ASN 98  
11 1 Y 1 A PRO 145 ? A PRO 99  
12 1 Y 1 A GLN 146 ? A GLN 100 
13 1 Y 1 A SER 147 ? A SER 101 
14 1 Y 1 A GLN 148 ? A GLN 102 
15 1 Y 1 A GLY 149 ? A GLY 103 
16 1 Y 1 A VAL 150 ? A VAL 104 
17 1 Y 1 A ILE 151 ? A ILE 105 
18 1 Y 1 A GLU 152 ? A GLU 106 
19 1 Y 1 A GLY 189 ? A GLY 143 
20 1 Y 1 A GLY 190 ? A GLY 144 
21 1 Y 1 A ILE 191 ? A ILE 145 
22 1 Y 1 A GLY 192 ? A GLY 146 
23 1 Y 1 A THR 210 ? A THR 164 
24 1 Y 1 A LYS 211 ? A LYS 165 
25 1 Y 1 A GLU 212 ? A GLU 166 
# 
loop_
_chem_comp_atom.comp_id 
_chem_comp_atom.atom_id 
_chem_comp_atom.type_symbol 
_chem_comp_atom.pdbx_aromatic_flag 
_chem_comp_atom.pdbx_stereo_config 
_chem_comp_atom.pdbx_ordinal 
ALA N    N  N N 1   
ALA CA   C  N S 2   
ALA C    C  N N 3   
ALA O    O  N N 4   
ALA CB   C  N N 5   
ALA OXT  O  N N 6   
ALA H    H  N N 7   
ALA H2   H  N N 8   
ALA HA   H  N N 9   
ALA HB1  H  N N 10  
ALA HB2  H  N N 11  
ALA HB3  H  N N 12  
ALA HXT  H  N N 13  
ARG N    N  N N 14  
ARG CA   C  N S 15  
ARG C    C  N N 16  
ARG O    O  N N 17  
ARG CB   C  N N 18  
ARG CG   C  N N 19  
ARG CD   C  N N 20  
ARG NE   N  N N 21  
ARG CZ   C  N N 22  
ARG NH1  N  N N 23  
ARG NH2  N  N N 24  
ARG OXT  O  N N 25  
ARG H    H  N N 26  
ARG H2   H  N N 27  
ARG HA   H  N N 28  
ARG HB2  H  N N 29  
ARG HB3  H  N N 30  
ARG HG2  H  N N 31  
ARG HG3  H  N N 32  
ARG HD2  H  N N 33  
ARG HD3  H  N N 34  
ARG HE   H  N N 35  
ARG HH11 H  N N 36  
ARG HH12 H  N N 37  
ARG HH21 H  N N 38  
ARG HH22 H  N N 39  
ARG HXT  H  N N 40  
ASN N    N  N N 41  
ASN CA   C  N S 42  
ASN C    C  N N 43  
ASN O    O  N N 44  
ASN CB   C  N N 45  
ASN CG   C  N N 46  
ASN OD1  O  N N 47  
ASN ND2  N  N N 48  
ASN OXT  O  N N 49  
ASN H    H  N N 50  
ASN H2   H  N N 51  
ASN HA   H  N N 52  
ASN HB2  H  N N 53  
ASN HB3  H  N N 54  
ASN HD21 H  N N 55  
ASN HD22 H  N N 56  
ASN HXT  H  N N 57  
ASP N    N  N N 58  
ASP CA   C  N S 59  
ASP C    C  N N 60  
ASP O    O  N N 61  
ASP CB   C  N N 62  
ASP CG   C  N N 63  
ASP OD1  O  N N 64  
ASP OD2  O  N N 65  
ASP OXT  O  N N 66  
ASP H    H  N N 67  
ASP H2   H  N N 68  
ASP HA   H  N N 69  
ASP HB2  H  N N 70  
ASP HB3  H  N N 71  
ASP HD2  H  N N 72  
ASP HXT  H  N N 73  
CAF N    N  N N 74  
CAF CA   C  N R 75  
CAF CB   C  N N 76  
CAF C    C  N N 77  
CAF O    O  N N 78  
CAF OXT  O  N N 79  
CAF SG   S  N N 80  
CAF AS   AS N N 81  
CAF CE1  C  N N 82  
CAF CE2  C  N N 83  
CAF O1   O  N N 84  
CAF H    H  N N 85  
CAF H2   H  N N 86  
CAF HA   H  N N 87  
CAF HB2  H  N N 88  
CAF HB3  H  N N 89  
CAF HXT  H  N N 90  
CAF HE11 H  N N 91  
CAF HE12 H  N N 92  
CAF HE13 H  N N 93  
CAF HE21 H  N N 94  
CAF HE22 H  N N 95  
CAF HE23 H  N N 96  
CYS N    N  N N 97  
CYS CA   C  N R 98  
CYS C    C  N N 99  
CYS O    O  N N 100 
CYS CB   C  N N 101 
CYS SG   S  N N 102 
CYS OXT  O  N N 103 
CYS H    H  N N 104 
CYS H2   H  N N 105 
CYS HA   H  N N 106 
CYS HB2  H  N N 107 
CYS HB3  H  N N 108 
CYS HG   H  N N 109 
CYS HXT  H  N N 110 
EDO C1   C  N N 111 
EDO O1   O  N N 112 
EDO C2   C  N N 113 
EDO O2   O  N N 114 
EDO H11  H  N N 115 
EDO H12  H  N N 116 
EDO HO1  H  N N 117 
EDO H21  H  N N 118 
EDO H22  H  N N 119 
EDO HO2  H  N N 120 
EJ9 C1   C  N N 121 
EJ9 C2   C  N S 122 
EJ9 C3   C  N N 123 
EJ9 C4   C  N N 124 
EJ9 C5   C  N N 125 
EJ9 C6   C  N N 126 
EJ9 C9   C  Y N 127 
EJ9 C10  C  Y N 128 
EJ9 C11  C  Y N 129 
EJ9 C12  C  Y N 130 
EJ9 C13  C  Y N 131 
EJ9 C14  C  Y N 132 
EJ9 C22  C  N N 133 
EJ9 C23  C  Y N 134 
EJ9 C25  C  Y N 135 
EJ9 C26  C  Y N 136 
EJ9 O6   O  N N 137 
EJ9 S    S  N N 138 
EJ9 O5   O  N N 139 
EJ9 C31  C  N N 140 
EJ9 N    N  N N 141 
EJ9 C8   C  Y N 142 
EJ9 C32  C  N N 143 
EJ9 C28  C  Y N 144 
EJ9 C27  C  Y N 145 
EJ9 C29  C  N N 146 
EJ9 C30  C  N N 147 
EJ9 C24  C  Y N 148 
EJ9 C7   C  Y N 149 
EJ9 O3   O  N N 150 
EJ9 O2   O  N N 151 
EJ9 O1   O  N N 152 
EJ9 C21  C  Y N 153 
EJ9 C20  C  Y N 154 
EJ9 C16  C  Y N 155 
EJ9 C15  C  Y N 156 
EJ9 C19  C  N N 157 
EJ9 C18  C  N N 158 
EJ9 C17  C  N N 159 
EJ9 O4   O  N N 160 
EJ9 H1   H  N N 161 
EJ9 H2   H  N N 162 
EJ9 H3   H  N N 163 
EJ9 H4   H  N N 164 
EJ9 H5   H  N N 165 
EJ9 H6   H  N N 166 
EJ9 H7   H  N N 167 
EJ9 H8   H  N N 168 
EJ9 H9   H  N N 169 
EJ9 H10  H  N N 170 
EJ9 H11  H  N N 171 
EJ9 H12  H  N N 172 
EJ9 H13  H  N N 173 
EJ9 H14  H  N N 174 
EJ9 H15  H  N N 175 
EJ9 H16  H  N N 176 
EJ9 H17  H  N N 177 
EJ9 H18  H  N N 178 
EJ9 H19  H  N N 179 
EJ9 H20  H  N N 180 
EJ9 H21  H  N N 181 
EJ9 H22  H  N N 182 
EJ9 H23  H  N N 183 
EJ9 H24  H  N N 184 
EJ9 H25  H  N N 185 
EJ9 H26  H  N N 186 
EJ9 H27  H  N N 187 
EJ9 H28  H  N N 188 
EJ9 H29  H  N N 189 
EJ9 H30  H  N N 190 
EJ9 H31  H  N N 191 
EJ9 H32  H  N N 192 
EJ9 H33  H  N N 193 
EJ9 H34  H  N N 194 
EJ9 H35  H  N N 195 
EJ9 H36  H  N N 196 
EJ9 H37  H  N N 197 
EJ9 H38  H  N N 198 
EJ9 H39  H  N N 199 
GLN N    N  N N 200 
GLN CA   C  N S 201 
GLN C    C  N N 202 
GLN O    O  N N 203 
GLN CB   C  N N 204 
GLN CG   C  N N 205 
GLN CD   C  N N 206 
GLN OE1  O  N N 207 
GLN NE2  N  N N 208 
GLN OXT  O  N N 209 
GLN H    H  N N 210 
GLN H2   H  N N 211 
GLN HA   H  N N 212 
GLN HB2  H  N N 213 
GLN HB3  H  N N 214 
GLN HG2  H  N N 215 
GLN HG3  H  N N 216 
GLN HE21 H  N N 217 
GLN HE22 H  N N 218 
GLN HXT  H  N N 219 
GLU N    N  N N 220 
GLU CA   C  N S 221 
GLU C    C  N N 222 
GLU O    O  N N 223 
GLU CB   C  N N 224 
GLU CG   C  N N 225 
GLU CD   C  N N 226 
GLU OE1  O  N N 227 
GLU OE2  O  N N 228 
GLU OXT  O  N N 229 
GLU H    H  N N 230 
GLU H2   H  N N 231 
GLU HA   H  N N 232 
GLU HB2  H  N N 233 
GLU HB3  H  N N 234 
GLU HG2  H  N N 235 
GLU HG3  H  N N 236 
GLU HE2  H  N N 237 
GLU HXT  H  N N 238 
GLY N    N  N N 239 
GLY CA   C  N N 240 
GLY C    C  N N 241 
GLY O    O  N N 242 
GLY OXT  O  N N 243 
GLY H    H  N N 244 
GLY H2   H  N N 245 
GLY HA2  H  N N 246 
GLY HA3  H  N N 247 
GLY HXT  H  N N 248 
HIS N    N  N N 249 
HIS CA   C  N S 250 
HIS C    C  N N 251 
HIS O    O  N N 252 
HIS CB   C  N N 253 
HIS CG   C  Y N 254 
HIS ND1  N  Y N 255 
HIS CD2  C  Y N 256 
HIS CE1  C  Y N 257 
HIS NE2  N  Y N 258 
HIS OXT  O  N N 259 
HIS H    H  N N 260 
HIS H2   H  N N 261 
HIS HA   H  N N 262 
HIS HB2  H  N N 263 
HIS HB3  H  N N 264 
HIS HD1  H  N N 265 
HIS HD2  H  N N 266 
HIS HE1  H  N N 267 
HIS HE2  H  N N 268 
HIS HXT  H  N N 269 
HOH O    O  N N 270 
HOH H1   H  N N 271 
HOH H2   H  N N 272 
ILE N    N  N N 273 
ILE CA   C  N S 274 
ILE C    C  N N 275 
ILE O    O  N N 276 
ILE CB   C  N S 277 
ILE CG1  C  N N 278 
ILE CG2  C  N N 279 
ILE CD1  C  N N 280 
ILE OXT  O  N N 281 
ILE H    H  N N 282 
ILE H2   H  N N 283 
ILE HA   H  N N 284 
ILE HB   H  N N 285 
ILE HG12 H  N N 286 
ILE HG13 H  N N 287 
ILE HG21 H  N N 288 
ILE HG22 H  N N 289 
ILE HG23 H  N N 290 
ILE HD11 H  N N 291 
ILE HD12 H  N N 292 
ILE HD13 H  N N 293 
ILE HXT  H  N N 294 
LEU N    N  N N 295 
LEU CA   C  N S 296 
LEU C    C  N N 297 
LEU O    O  N N 298 
LEU CB   C  N N 299 
LEU CG   C  N N 300 
LEU CD1  C  N N 301 
LEU CD2  C  N N 302 
LEU OXT  O  N N 303 
LEU H    H  N N 304 
LEU H2   H  N N 305 
LEU HA   H  N N 306 
LEU HB2  H  N N 307 
LEU HB3  H  N N 308 
LEU HG   H  N N 309 
LEU HD11 H  N N 310 
LEU HD12 H  N N 311 
LEU HD13 H  N N 312 
LEU HD21 H  N N 313 
LEU HD22 H  N N 314 
LEU HD23 H  N N 315 
LEU HXT  H  N N 316 
LYS N    N  N N 317 
LYS CA   C  N S 318 
LYS C    C  N N 319 
LYS O    O  N N 320 
LYS CB   C  N N 321 
LYS CG   C  N N 322 
LYS CD   C  N N 323 
LYS CE   C  N N 324 
LYS NZ   N  N N 325 
LYS OXT  O  N N 326 
LYS H    H  N N 327 
LYS H2   H  N N 328 
LYS HA   H  N N 329 
LYS HB2  H  N N 330 
LYS HB3  H  N N 331 
LYS HG2  H  N N 332 
LYS HG3  H  N N 333 
LYS HD2  H  N N 334 
LYS HD3  H  N N 335 
LYS HE2  H  N N 336 
LYS HE3  H  N N 337 
LYS HZ1  H  N N 338 
LYS HZ2  H  N N 339 
LYS HZ3  H  N N 340 
LYS HXT  H  N N 341 
MET N    N  N N 342 
MET CA   C  N S 343 
MET C    C  N N 344 
MET O    O  N N 345 
MET CB   C  N N 346 
MET CG   C  N N 347 
MET SD   S  N N 348 
MET CE   C  N N 349 
MET OXT  O  N N 350 
MET H    H  N N 351 
MET H2   H  N N 352 
MET HA   H  N N 353 
MET HB2  H  N N 354 
MET HB3  H  N N 355 
MET HG2  H  N N 356 
MET HG3  H  N N 357 
MET HE1  H  N N 358 
MET HE2  H  N N 359 
MET HE3  H  N N 360 
MET HXT  H  N N 361 
PGE C1   C  N N 362 
PGE O1   O  N N 363 
PGE C2   C  N N 364 
PGE O2   O  N N 365 
PGE C3   C  N N 366 
PGE C4   C  N N 367 
PGE O4   O  N N 368 
PGE C6   C  N N 369 
PGE C5   C  N N 370 
PGE O3   O  N N 371 
PGE H1   H  N N 372 
PGE H12  H  N N 373 
PGE HO1  H  N N 374 
PGE H2   H  N N 375 
PGE H22  H  N N 376 
PGE H3   H  N N 377 
PGE H32  H  N N 378 
PGE H4   H  N N 379 
PGE H42  H  N N 380 
PGE HO4  H  N N 381 
PGE H6   H  N N 382 
PGE H62  H  N N 383 
PGE H5   H  N N 384 
PGE H52  H  N N 385 
PHE N    N  N N 386 
PHE CA   C  N S 387 
PHE C    C  N N 388 
PHE O    O  N N 389 
PHE CB   C  N N 390 
PHE CG   C  Y N 391 
PHE CD1  C  Y N 392 
PHE CD2  C  Y N 393 
PHE CE1  C  Y N 394 
PHE CE2  C  Y N 395 
PHE CZ   C  Y N 396 
PHE OXT  O  N N 397 
PHE H    H  N N 398 
PHE H2   H  N N 399 
PHE HA   H  N N 400 
PHE HB2  H  N N 401 
PHE HB3  H  N N 402 
PHE HD1  H  N N 403 
PHE HD2  H  N N 404 
PHE HE1  H  N N 405 
PHE HE2  H  N N 406 
PHE HZ   H  N N 407 
PHE HXT  H  N N 408 
PRO N    N  N N 409 
PRO CA   C  N S 410 
PRO C    C  N N 411 
PRO O    O  N N 412 
PRO CB   C  N N 413 
PRO CG   C  N N 414 
PRO CD   C  N N 415 
PRO OXT  O  N N 416 
PRO H    H  N N 417 
PRO HA   H  N N 418 
PRO HB2  H  N N 419 
PRO HB3  H  N N 420 
PRO HG2  H  N N 421 
PRO HG3  H  N N 422 
PRO HD2  H  N N 423 
PRO HD3  H  N N 424 
PRO HXT  H  N N 425 
SER N    N  N N 426 
SER CA   C  N S 427 
SER C    C  N N 428 
SER O    O  N N 429 
SER CB   C  N N 430 
SER OG   O  N N 431 
SER OXT  O  N N 432 
SER H    H  N N 433 
SER H2   H  N N 434 
SER HA   H  N N 435 
SER HB2  H  N N 436 
SER HB3  H  N N 437 
SER HG   H  N N 438 
SER HXT  H  N N 439 
SO4 S    S  N N 440 
SO4 O1   O  N N 441 
SO4 O2   O  N N 442 
SO4 O3   O  N N 443 
SO4 O4   O  N N 444 
THR N    N  N N 445 
THR CA   C  N S 446 
THR C    C  N N 447 
THR O    O  N N 448 
THR CB   C  N R 449 
THR OG1  O  N N 450 
THR CG2  C  N N 451 
THR OXT  O  N N 452 
THR H    H  N N 453 
THR H2   H  N N 454 
THR HA   H  N N 455 
THR HB   H  N N 456 
THR HG1  H  N N 457 
THR HG21 H  N N 458 
THR HG22 H  N N 459 
THR HG23 H  N N 460 
THR HXT  H  N N 461 
TRP N    N  N N 462 
TRP CA   C  N S 463 
TRP C    C  N N 464 
TRP O    O  N N 465 
TRP CB   C  N N 466 
TRP CG   C  Y N 467 
TRP CD1  C  Y N 468 
TRP CD2  C  Y N 469 
TRP NE1  N  Y N 470 
TRP CE2  C  Y N 471 
TRP CE3  C  Y N 472 
TRP CZ2  C  Y N 473 
TRP CZ3  C  Y N 474 
TRP CH2  C  Y N 475 
TRP OXT  O  N N 476 
TRP H    H  N N 477 
TRP H2   H  N N 478 
TRP HA   H  N N 479 
TRP HB2  H  N N 480 
TRP HB3  H  N N 481 
TRP HD1  H  N N 482 
TRP HE1  H  N N 483 
TRP HE3  H  N N 484 
TRP HZ2  H  N N 485 
TRP HZ3  H  N N 486 
TRP HH2  H  N N 487 
TRP HXT  H  N N 488 
TYR N    N  N N 489 
TYR CA   C  N S 490 
TYR C    C  N N 491 
TYR O    O  N N 492 
TYR CB   C  N N 493 
TYR CG   C  Y N 494 
TYR CD1  C  Y N 495 
TYR CD2  C  Y N 496 
TYR CE1  C  Y N 497 
TYR CE2  C  Y N 498 
TYR CZ   C  Y N 499 
TYR OH   O  N N 500 
TYR OXT  O  N N 501 
TYR H    H  N N 502 
TYR H2   H  N N 503 
TYR HA   H  N N 504 
TYR HB2  H  N N 505 
TYR HB3  H  N N 506 
TYR HD1  H  N N 507 
TYR HD2  H  N N 508 
TYR HE1  H  N N 509 
TYR HE2  H  N N 510 
TYR HH   H  N N 511 
TYR HXT  H  N N 512 
VAL N    N  N N 513 
VAL CA   C  N S 514 
VAL C    C  N N 515 
VAL O    O  N N 516 
VAL CB   C  N N 517 
VAL CG1  C  N N 518 
VAL CG2  C  N N 519 
VAL OXT  O  N N 520 
VAL H    H  N N 521 
VAL H2   H  N N 522 
VAL HA   H  N N 523 
VAL HB   H  N N 524 
VAL HG11 H  N N 525 
VAL HG12 H  N N 526 
VAL HG13 H  N N 527 
VAL HG21 H  N N 528 
VAL HG22 H  N N 529 
VAL HG23 H  N N 530 
VAL HXT  H  N N 531 
# 
loop_
_chem_comp_bond.comp_id 
_chem_comp_bond.atom_id_1 
_chem_comp_bond.atom_id_2 
_chem_comp_bond.value_order 
_chem_comp_bond.pdbx_aromatic_flag 
_chem_comp_bond.pdbx_stereo_config 
_chem_comp_bond.pdbx_ordinal 
ALA N   CA   sing N N 1   
ALA N   H    sing N N 2   
ALA N   H2   sing N N 3   
ALA CA  C    sing N N 4   
ALA CA  CB   sing N N 5   
ALA CA  HA   sing N N 6   
ALA C   O    doub N N 7   
ALA C   OXT  sing N N 8   
ALA CB  HB1  sing N N 9   
ALA CB  HB2  sing N N 10  
ALA CB  HB3  sing N N 11  
ALA OXT HXT  sing N N 12  
ARG N   CA   sing N N 13  
ARG N   H    sing N N 14  
ARG N   H2   sing N N 15  
ARG CA  C    sing N N 16  
ARG CA  CB   sing N N 17  
ARG CA  HA   sing N N 18  
ARG C   O    doub N N 19  
ARG C   OXT  sing N N 20  
ARG CB  CG   sing N N 21  
ARG CB  HB2  sing N N 22  
ARG CB  HB3  sing N N 23  
ARG CG  CD   sing N N 24  
ARG CG  HG2  sing N N 25  
ARG CG  HG3  sing N N 26  
ARG CD  NE   sing N N 27  
ARG CD  HD2  sing N N 28  
ARG CD  HD3  sing N N 29  
ARG NE  CZ   sing N N 30  
ARG NE  HE   sing N N 31  
ARG CZ  NH1  sing N N 32  
ARG CZ  NH2  doub N N 33  
ARG NH1 HH11 sing N N 34  
ARG NH1 HH12 sing N N 35  
ARG NH2 HH21 sing N N 36  
ARG NH2 HH22 sing N N 37  
ARG OXT HXT  sing N N 38  
ASN N   CA   sing N N 39  
ASN N   H    sing N N 40  
ASN N   H2   sing N N 41  
ASN CA  C    sing N N 42  
ASN CA  CB   sing N N 43  
ASN CA  HA   sing N N 44  
ASN C   O    doub N N 45  
ASN C   OXT  sing N N 46  
ASN CB  CG   sing N N 47  
ASN CB  HB2  sing N N 48  
ASN CB  HB3  sing N N 49  
ASN CG  OD1  doub N N 50  
ASN CG  ND2  sing N N 51  
ASN ND2 HD21 sing N N 52  
ASN ND2 HD22 sing N N 53  
ASN OXT HXT  sing N N 54  
ASP N   CA   sing N N 55  
ASP N   H    sing N N 56  
ASP N   H2   sing N N 57  
ASP CA  C    sing N N 58  
ASP CA  CB   sing N N 59  
ASP CA  HA   sing N N 60  
ASP C   O    doub N N 61  
ASP C   OXT  sing N N 62  
ASP CB  CG   sing N N 63  
ASP CB  HB2  sing N N 64  
ASP CB  HB3  sing N N 65  
ASP CG  OD1  doub N N 66  
ASP CG  OD2  sing N N 67  
ASP OD2 HD2  sing N N 68  
ASP OXT HXT  sing N N 69  
CAF N   CA   sing N N 70  
CAF N   H    sing N N 71  
CAF N   H2   sing N N 72  
CAF CA  CB   sing N N 73  
CAF CA  C    sing N N 74  
CAF CA  HA   sing N N 75  
CAF CB  SG   sing N N 76  
CAF CB  HB2  sing N N 77  
CAF CB  HB3  sing N N 78  
CAF C   O    doub N N 79  
CAF C   OXT  sing N N 80  
CAF OXT HXT  sing N N 81  
CAF SG  AS   sing N N 82  
CAF AS  CE1  sing N N 83  
CAF AS  CE2  sing N N 84  
CAF AS  O1   doub N N 85  
CAF CE1 HE11 sing N N 86  
CAF CE1 HE12 sing N N 87  
CAF CE1 HE13 sing N N 88  
CAF CE2 HE21 sing N N 89  
CAF CE2 HE22 sing N N 90  
CAF CE2 HE23 sing N N 91  
CYS N   CA   sing N N 92  
CYS N   H    sing N N 93  
CYS N   H2   sing N N 94  
CYS CA  C    sing N N 95  
CYS CA  CB   sing N N 96  
CYS CA  HA   sing N N 97  
CYS C   O    doub N N 98  
CYS C   OXT  sing N N 99  
CYS CB  SG   sing N N 100 
CYS CB  HB2  sing N N 101 
CYS CB  HB3  sing N N 102 
CYS SG  HG   sing N N 103 
CYS OXT HXT  sing N N 104 
EDO C1  O1   sing N N 105 
EDO C1  C2   sing N N 106 
EDO C1  H11  sing N N 107 
EDO C1  H12  sing N N 108 
EDO O1  HO1  sing N N 109 
EDO C2  O2   sing N N 110 
EDO C2  H21  sing N N 111 
EDO C2  H22  sing N N 112 
EDO O2  HO2  sing N N 113 
EJ9 C19 C18  sing N N 114 
EJ9 C19 C20  sing N N 115 
EJ9 C18 C17  sing N N 116 
EJ9 O2  C1   doub N N 117 
EJ9 O1  C1   sing N N 118 
EJ9 C1  C2   sing N N 119 
EJ9 C17 O4   sing N N 120 
EJ9 C20 C21  doub Y N 121 
EJ9 C20 C16  sing Y N 122 
EJ9 C21 C13  sing Y N 123 
EJ9 C30 C25  sing N N 124 
EJ9 C24 C25  doub Y N 125 
EJ9 C24 C23  sing Y N 126 
EJ9 O4  C16  sing N N 127 
EJ9 C16 C15  doub Y N 128 
EJ9 C2  C7   sing N N 129 
EJ9 C2  O3   sing N N 130 
EJ9 C25 C26  sing Y N 131 
EJ9 C13 C12  sing N N 132 
EJ9 C13 C14  doub Y N 133 
EJ9 C7  C12  doub Y N 134 
EJ9 C7  C8   sing Y N 135 
EJ9 C32 C8   sing N N 136 
EJ9 C12 C11  sing Y N 137 
EJ9 C8  C9   doub Y N 138 
EJ9 C11 C22  sing N N 139 
EJ9 C11 C10  doub Y N 140 
EJ9 C9  C10  sing Y N 141 
EJ9 C9  N    sing N N 142 
EJ9 C10 C23  sing N N 143 
EJ9 N   S    sing N N 144 
EJ9 C23 C28  doub Y N 145 
EJ9 O3  C3   sing N N 146 
EJ9 C15 C14  sing Y N 147 
EJ9 C26 C29  sing N N 148 
EJ9 C26 C27  doub Y N 149 
EJ9 O6  S    doub N N 150 
EJ9 C6  C3   sing N N 151 
EJ9 S   O5   doub N N 152 
EJ9 S   C31  sing N N 153 
EJ9 C28 C27  sing Y N 154 
EJ9 C3  C5   sing N N 155 
EJ9 C3  C4   sing N N 156 
EJ9 C2  H1   sing N N 157 
EJ9 C4  H2   sing N N 158 
EJ9 C4  H3   sing N N 159 
EJ9 C4  H4   sing N N 160 
EJ9 C5  H5   sing N N 161 
EJ9 C5  H6   sing N N 162 
EJ9 C5  H7   sing N N 163 
EJ9 C6  H8   sing N N 164 
EJ9 C6  H9   sing N N 165 
EJ9 C6  H10  sing N N 166 
EJ9 C14 H11  sing N N 167 
EJ9 C22 H12  sing N N 168 
EJ9 C22 H13  sing N N 169 
EJ9 C22 H14  sing N N 170 
EJ9 C31 H15  sing N N 171 
EJ9 C31 H16  sing N N 172 
EJ9 C31 H17  sing N N 173 
EJ9 N   H18  sing N N 174 
EJ9 C32 H19  sing N N 175 
EJ9 C32 H20  sing N N 176 
EJ9 C32 H21  sing N N 177 
EJ9 C28 H22  sing N N 178 
EJ9 C27 H23  sing N N 179 
EJ9 C29 H24  sing N N 180 
EJ9 C29 H25  sing N N 181 
EJ9 C29 H26  sing N N 182 
EJ9 C30 H27  sing N N 183 
EJ9 C30 H28  sing N N 184 
EJ9 C30 H29  sing N N 185 
EJ9 C24 H30  sing N N 186 
EJ9 O1  H31  sing N N 187 
EJ9 C21 H32  sing N N 188 
EJ9 C15 H33  sing N N 189 
EJ9 C19 H34  sing N N 190 
EJ9 C19 H35  sing N N 191 
EJ9 C18 H36  sing N N 192 
EJ9 C18 H37  sing N N 193 
EJ9 C17 H38  sing N N 194 
EJ9 C17 H39  sing N N 195 
GLN N   CA   sing N N 196 
GLN N   H    sing N N 197 
GLN N   H2   sing N N 198 
GLN CA  C    sing N N 199 
GLN CA  CB   sing N N 200 
GLN CA  HA   sing N N 201 
GLN C   O    doub N N 202 
GLN C   OXT  sing N N 203 
GLN CB  CG   sing N N 204 
GLN CB  HB2  sing N N 205 
GLN CB  HB3  sing N N 206 
GLN CG  CD   sing N N 207 
GLN CG  HG2  sing N N 208 
GLN CG  HG3  sing N N 209 
GLN CD  OE1  doub N N 210 
GLN CD  NE2  sing N N 211 
GLN NE2 HE21 sing N N 212 
GLN NE2 HE22 sing N N 213 
GLN OXT HXT  sing N N 214 
GLU N   CA   sing N N 215 
GLU N   H    sing N N 216 
GLU N   H2   sing N N 217 
GLU CA  C    sing N N 218 
GLU CA  CB   sing N N 219 
GLU CA  HA   sing N N 220 
GLU C   O    doub N N 221 
GLU C   OXT  sing N N 222 
GLU CB  CG   sing N N 223 
GLU CB  HB2  sing N N 224 
GLU CB  HB3  sing N N 225 
GLU CG  CD   sing N N 226 
GLU CG  HG2  sing N N 227 
GLU CG  HG3  sing N N 228 
GLU CD  OE1  doub N N 229 
GLU CD  OE2  sing N N 230 
GLU OE2 HE2  sing N N 231 
GLU OXT HXT  sing N N 232 
GLY N   CA   sing N N 233 
GLY N   H    sing N N 234 
GLY N   H2   sing N N 235 
GLY CA  C    sing N N 236 
GLY CA  HA2  sing N N 237 
GLY CA  HA3  sing N N 238 
GLY C   O    doub N N 239 
GLY C   OXT  sing N N 240 
GLY OXT HXT  sing N N 241 
HIS N   CA   sing N N 242 
HIS N   H    sing N N 243 
HIS N   H2   sing N N 244 
HIS CA  C    sing N N 245 
HIS CA  CB   sing N N 246 
HIS CA  HA   sing N N 247 
HIS C   O    doub N N 248 
HIS C   OXT  sing N N 249 
HIS CB  CG   sing N N 250 
HIS CB  HB2  sing N N 251 
HIS CB  HB3  sing N N 252 
HIS CG  ND1  sing Y N 253 
HIS CG  CD2  doub Y N 254 
HIS ND1 CE1  doub Y N 255 
HIS ND1 HD1  sing N N 256 
HIS CD2 NE2  sing Y N 257 
HIS CD2 HD2  sing N N 258 
HIS CE1 NE2  sing Y N 259 
HIS CE1 HE1  sing N N 260 
HIS NE2 HE2  sing N N 261 
HIS OXT HXT  sing N N 262 
HOH O   H1   sing N N 263 
HOH O   H2   sing N N 264 
ILE N   CA   sing N N 265 
ILE N   H    sing N N 266 
ILE N   H2   sing N N 267 
ILE CA  C    sing N N 268 
ILE CA  CB   sing N N 269 
ILE CA  HA   sing N N 270 
ILE C   O    doub N N 271 
ILE C   OXT  sing N N 272 
ILE CB  CG1  sing N N 273 
ILE CB  CG2  sing N N 274 
ILE CB  HB   sing N N 275 
ILE CG1 CD1  sing N N 276 
ILE CG1 HG12 sing N N 277 
ILE CG1 HG13 sing N N 278 
ILE CG2 HG21 sing N N 279 
ILE CG2 HG22 sing N N 280 
ILE CG2 HG23 sing N N 281 
ILE CD1 HD11 sing N N 282 
ILE CD1 HD12 sing N N 283 
ILE CD1 HD13 sing N N 284 
ILE OXT HXT  sing N N 285 
LEU N   CA   sing N N 286 
LEU N   H    sing N N 287 
LEU N   H2   sing N N 288 
LEU CA  C    sing N N 289 
LEU CA  CB   sing N N 290 
LEU CA  HA   sing N N 291 
LEU C   O    doub N N 292 
LEU C   OXT  sing N N 293 
LEU CB  CG   sing N N 294 
LEU CB  HB2  sing N N 295 
LEU CB  HB3  sing N N 296 
LEU CG  CD1  sing N N 297 
LEU CG  CD2  sing N N 298 
LEU CG  HG   sing N N 299 
LEU CD1 HD11 sing N N 300 
LEU CD1 HD12 sing N N 301 
LEU CD1 HD13 sing N N 302 
LEU CD2 HD21 sing N N 303 
LEU CD2 HD22 sing N N 304 
LEU CD2 HD23 sing N N 305 
LEU OXT HXT  sing N N 306 
LYS N   CA   sing N N 307 
LYS N   H    sing N N 308 
LYS N   H2   sing N N 309 
LYS CA  C    sing N N 310 
LYS CA  CB   sing N N 311 
LYS CA  HA   sing N N 312 
LYS C   O    doub N N 313 
LYS C   OXT  sing N N 314 
LYS CB  CG   sing N N 315 
LYS CB  HB2  sing N N 316 
LYS CB  HB3  sing N N 317 
LYS CG  CD   sing N N 318 
LYS CG  HG2  sing N N 319 
LYS CG  HG3  sing N N 320 
LYS CD  CE   sing N N 321 
LYS CD  HD2  sing N N 322 
LYS CD  HD3  sing N N 323 
LYS CE  NZ   sing N N 324 
LYS CE  HE2  sing N N 325 
LYS CE  HE3  sing N N 326 
LYS NZ  HZ1  sing N N 327 
LYS NZ  HZ2  sing N N 328 
LYS NZ  HZ3  sing N N 329 
LYS OXT HXT  sing N N 330 
MET N   CA   sing N N 331 
MET N   H    sing N N 332 
MET N   H2   sing N N 333 
MET CA  C    sing N N 334 
MET CA  CB   sing N N 335 
MET CA  HA   sing N N 336 
MET C   O    doub N N 337 
MET C   OXT  sing N N 338 
MET CB  CG   sing N N 339 
MET CB  HB2  sing N N 340 
MET CB  HB3  sing N N 341 
MET CG  SD   sing N N 342 
MET CG  HG2  sing N N 343 
MET CG  HG3  sing N N 344 
MET SD  CE   sing N N 345 
MET CE  HE1  sing N N 346 
MET CE  HE2  sing N N 347 
MET CE  HE3  sing N N 348 
MET OXT HXT  sing N N 349 
PGE C1  O1   sing N N 350 
PGE C1  C2   sing N N 351 
PGE C1  H1   sing N N 352 
PGE C1  H12  sing N N 353 
PGE O1  HO1  sing N N 354 
PGE C2  O2   sing N N 355 
PGE C2  H2   sing N N 356 
PGE C2  H22  sing N N 357 
PGE O2  C3   sing N N 358 
PGE C3  C4   sing N N 359 
PGE C3  H3   sing N N 360 
PGE C3  H32  sing N N 361 
PGE C4  O3   sing N N 362 
PGE C4  H4   sing N N 363 
PGE C4  H42  sing N N 364 
PGE O4  C6   sing N N 365 
PGE O4  HO4  sing N N 366 
PGE C6  C5   sing N N 367 
PGE C6  H6   sing N N 368 
PGE C6  H62  sing N N 369 
PGE C5  O3   sing N N 370 
PGE C5  H5   sing N N 371 
PGE C5  H52  sing N N 372 
PHE N   CA   sing N N 373 
PHE N   H    sing N N 374 
PHE N   H2   sing N N 375 
PHE CA  C    sing N N 376 
PHE CA  CB   sing N N 377 
PHE CA  HA   sing N N 378 
PHE C   O    doub N N 379 
PHE C   OXT  sing N N 380 
PHE CB  CG   sing N N 381 
PHE CB  HB2  sing N N 382 
PHE CB  HB3  sing N N 383 
PHE CG  CD1  doub Y N 384 
PHE CG  CD2  sing Y N 385 
PHE CD1 CE1  sing Y N 386 
PHE CD1 HD1  sing N N 387 
PHE CD2 CE2  doub Y N 388 
PHE CD2 HD2  sing N N 389 
PHE CE1 CZ   doub Y N 390 
PHE CE1 HE1  sing N N 391 
PHE CE2 CZ   sing Y N 392 
PHE CE2 HE2  sing N N 393 
PHE CZ  HZ   sing N N 394 
PHE OXT HXT  sing N N 395 
PRO N   CA   sing N N 396 
PRO N   CD   sing N N 397 
PRO N   H    sing N N 398 
PRO CA  C    sing N N 399 
PRO CA  CB   sing N N 400 
PRO CA  HA   sing N N 401 
PRO C   O    doub N N 402 
PRO C   OXT  sing N N 403 
PRO CB  CG   sing N N 404 
PRO CB  HB2  sing N N 405 
PRO CB  HB3  sing N N 406 
PRO CG  CD   sing N N 407 
PRO CG  HG2  sing N N 408 
PRO CG  HG3  sing N N 409 
PRO CD  HD2  sing N N 410 
PRO CD  HD3  sing N N 411 
PRO OXT HXT  sing N N 412 
SER N   CA   sing N N 413 
SER N   H    sing N N 414 
SER N   H2   sing N N 415 
SER CA  C    sing N N 416 
SER CA  CB   sing N N 417 
SER CA  HA   sing N N 418 
SER C   O    doub N N 419 
SER C   OXT  sing N N 420 
SER CB  OG   sing N N 421 
SER CB  HB2  sing N N 422 
SER CB  HB3  sing N N 423 
SER OG  HG   sing N N 424 
SER OXT HXT  sing N N 425 
SO4 S   O1   doub N N 426 
SO4 S   O2   doub N N 427 
SO4 S   O3   sing N N 428 
SO4 S   O4   sing N N 429 
THR N   CA   sing N N 430 
THR N   H    sing N N 431 
THR N   H2   sing N N 432 
THR CA  C    sing N N 433 
THR CA  CB   sing N N 434 
THR CA  HA   sing N N 435 
THR C   O    doub N N 436 
THR C   OXT  sing N N 437 
THR CB  OG1  sing N N 438 
THR CB  CG2  sing N N 439 
THR CB  HB   sing N N 440 
THR OG1 HG1  sing N N 441 
THR CG2 HG21 sing N N 442 
THR CG2 HG22 sing N N 443 
THR CG2 HG23 sing N N 444 
THR OXT HXT  sing N N 445 
TRP N   CA   sing N N 446 
TRP N   H    sing N N 447 
TRP N   H2   sing N N 448 
TRP CA  C    sing N N 449 
TRP CA  CB   sing N N 450 
TRP CA  HA   sing N N 451 
TRP C   O    doub N N 452 
TRP C   OXT  sing N N 453 
TRP CB  CG   sing N N 454 
TRP CB  HB2  sing N N 455 
TRP CB  HB3  sing N N 456 
TRP CG  CD1  doub Y N 457 
TRP CG  CD2  sing Y N 458 
TRP CD1 NE1  sing Y N 459 
TRP CD1 HD1  sing N N 460 
TRP CD2 CE2  doub Y N 461 
TRP CD2 CE3  sing Y N 462 
TRP NE1 CE2  sing Y N 463 
TRP NE1 HE1  sing N N 464 
TRP CE2 CZ2  sing Y N 465 
TRP CE3 CZ3  doub Y N 466 
TRP CE3 HE3  sing N N 467 
TRP CZ2 CH2  doub Y N 468 
TRP CZ2 HZ2  sing N N 469 
TRP CZ3 CH2  sing Y N 470 
TRP CZ3 HZ3  sing N N 471 
TRP CH2 HH2  sing N N 472 
TRP OXT HXT  sing N N 473 
TYR N   CA   sing N N 474 
TYR N   H    sing N N 475 
TYR N   H2   sing N N 476 
TYR CA  C    sing N N 477 
TYR CA  CB   sing N N 478 
TYR CA  HA   sing N N 479 
TYR C   O    doub N N 480 
TYR C   OXT  sing N N 481 
TYR CB  CG   sing N N 482 
TYR CB  HB2  sing N N 483 
TYR CB  HB3  sing N N 484 
TYR CG  CD1  doub Y N 485 
TYR CG  CD2  sing Y N 486 
TYR CD1 CE1  sing Y N 487 
TYR CD1 HD1  sing N N 488 
TYR CD2 CE2  doub Y N 489 
TYR CD2 HD2  sing N N 490 
TYR CE1 CZ   doub Y N 491 
TYR CE1 HE1  sing N N 492 
TYR CE2 CZ   sing Y N 493 
TYR CE2 HE2  sing N N 494 
TYR CZ  OH   sing N N 495 
TYR OH  HH   sing N N 496 
TYR OXT HXT  sing N N 497 
VAL N   CA   sing N N 498 
VAL N   H    sing N N 499 
VAL N   H2   sing N N 500 
VAL CA  C    sing N N 501 
VAL CA  CB   sing N N 502 
VAL CA  HA   sing N N 503 
VAL C   O    doub N N 504 
VAL C   OXT  sing N N 505 
VAL CB  CG1  sing N N 506 
VAL CB  CG2  sing N N 507 
VAL CB  HB   sing N N 508 
VAL CG1 HG11 sing N N 509 
VAL CG1 HG12 sing N N 510 
VAL CG1 HG13 sing N N 511 
VAL CG2 HG21 sing N N 512 
VAL CG2 HG22 sing N N 513 
VAL CG2 HG23 sing N N 514 
VAL OXT HXT  sing N N 515 
# 
_pdbx_initial_refinement_model.id               1 
_pdbx_initial_refinement_model.entity_id_list   ? 
_pdbx_initial_refinement_model.type             'experimental model' 
_pdbx_initial_refinement_model.source_name      PDB 
_pdbx_initial_refinement_model.accession_code   3LPT 
_pdbx_initial_refinement_model.details          ? 
# 
_atom_sites.entry_id                    6LMI 
_atom_sites.Cartn_transf_matrix[1][1]   ? 
_atom_sites.Cartn_transf_matrix[1][2]   ? 
_atom_sites.Cartn_transf_matrix[1][3]   ? 
_atom_sites.Cartn_transf_matrix[2][1]   ? 
_atom_sites.Cartn_transf_matrix[2][2]   ? 
_atom_sites.Cartn_transf_matrix[2][3]   ? 
_atom_sites.Cartn_transf_matrix[3][1]   ? 
_atom_sites.Cartn_transf_matrix[3][2]   ? 
_atom_sites.Cartn_transf_matrix[3][3]   ? 
_atom_sites.Cartn_transf_vector[1]      ? 
_atom_sites.Cartn_transf_vector[2]      ? 
_atom_sites.Cartn_transf_vector[3]      ? 
_atom_sites.fract_transf_matrix[1][1]   -0.00772876 
_atom_sites.fract_transf_matrix[1][2]   -0.00125328 
_atom_sites.fract_transf_matrix[1][3]   -0.01401505 
_atom_sites.fract_transf_matrix[2][1]   0.00572035 
_atom_sites.fract_transf_matrix[2][2]   0.00745589 
_atom_sites.fract_transf_matrix[2][3]   -0.01301607 
_atom_sites.fract_transf_matrix[3][1]   0.00822600 
_atom_sites.fract_transf_matrix[3][2]   -0.01230889 
_atom_sites.fract_transf_matrix[3][3]   -0.00343561 
_atom_sites.fract_transf_vector[1]      0.093103 
_atom_sites.fract_transf_vector[2]      -0.427892 
_atom_sites.fract_transf_vector[3]      -0.213435 
_atom_sites.solution_primary            ? 
_atom_sites.solution_secondary          ? 
_atom_sites.solution_hydrogens          ? 
_atom_sites.special_details             ? 
# 
loop_
_atom_type.symbol 
AS 
C  
N  
O  
S  
# 
loop_
_atom_site.group_PDB 
_atom_site.id 
_atom_site.type_symbol 
_atom_site.label_atom_id 
_atom_site.label_alt_id 
_atom_site.label_comp_id 
_atom_site.label_asym_id 
_atom_site.label_entity_id 
_atom_site.label_seq_id 
_atom_site.pdbx_PDB_ins_code 
_atom_site.Cartn_x 
_atom_site.Cartn_y 
_atom_site.Cartn_z 
_atom_site.occupancy 
_atom_site.B_iso_or_equiv 
_atom_site.pdbx_formal_charge 
_atom_site.auth_seq_id 
_atom_site.auth_comp_id 
_atom_site.auth_asym_id 
_atom_site.auth_atom_id 
_atom_site.pdbx_PDB_model_num 
ATOM   1    N  N   . ASP A 1 9   ? 7.868   1.140   -12.539 1.00 94.59  ? 55  ASP A N   1 
ATOM   2    C  CA  . ASP A 1 9   ? 7.579   2.512   -13.050 1.00 94.25  ? 55  ASP A CA  1 
ATOM   3    C  C   . ASP A 1 9   ? 8.367   3.591   -12.277 1.00 91.46  ? 55  ASP A C   1 
ATOM   4    O  O   . ASP A 1 9   ? 9.194   3.274   -11.409 1.00 86.59  ? 55  ASP A O   1 
ATOM   5    C  CB  . ASP A 1 9   ? 6.063   2.784   -13.012 1.00 96.79  ? 55  ASP A CB  1 
ATOM   6    C  CG  . ASP A 1 9   ? 5.564   3.556   -14.235 1.00 98.72  ? 55  ASP A CG  1 
ATOM   7    O  OD1 . ASP A 1 9   ? 6.118   4.634   -14.558 1.00 98.45  ? 55  ASP A OD1 1 
ATOM   8    O  OD2 . ASP A 1 9   ? 4.593   3.086   -14.867 1.00 98.92  ? 55  ASP A OD2 1 
ATOM   9    N  N   . CYS A 1 10  ? 8.107   4.855   -12.611 1.00 89.33  ? 56  CYS A N   1 
ATOM   10   C  CA  . CYS A 1 10  ? 8.810   6.007   -12.034 1.00 86.42  ? 56  CYS A CA  1 
ATOM   11   C  C   . CYS A 1 10  ? 7.878   7.195   -11.733 1.00 83.89  ? 56  CYS A C   1 
ATOM   12   O  O   . CYS A 1 10  ? 8.295   8.161   -11.076 1.00 88.45  ? 56  CYS A O   1 
ATOM   13   C  CB  . CYS A 1 10  ? 9.957   6.447   -12.959 1.00 86.64  ? 56  CYS A CB  1 
ATOM   14   S  SG  . CYS A 1 10  ? 9.471   6.787   -14.675 1.00 82.30  ? 56  CYS A SG  1 
ATOM   15   N  N   . SER A 1 11  ? 6.629   7.113   -12.207 1.00 74.35  ? 57  SER A N   1 
ATOM   16   C  CA  . SER A 1 11  ? 5.648   8.203   -12.074 1.00 66.49  ? 57  SER A CA  1 
ATOM   17   C  C   . SER A 1 11  ? 5.139   8.399   -10.627 1.00 58.99  ? 57  SER A C   1 
ATOM   18   O  O   . SER A 1 11  ? 4.647   7.452   -10.017 1.00 56.84  ? 57  SER A O   1 
ATOM   19   C  CB  . SER A 1 11  ? 4.491   8.018   -13.067 1.00 66.17  ? 57  SER A CB  1 
ATOM   20   O  OG  . SER A 1 11  ? 3.408   8.891   -12.781 1.00 67.81  ? 57  SER A OG  1 
ATOM   21   N  N   . PRO A 1 12  ? 5.252   9.639   -10.091 1.00 55.08  ? 58  PRO A N   1 
ATOM   22   C  CA  . PRO A 1 12  ? 4.998   10.012  -8.678  1.00 51.76  ? 58  PRO A CA  1 
ATOM   23   C  C   . PRO A 1 12  ? 3.639   9.631   -8.056  1.00 49.51  ? 58  PRO A C   1 
ATOM   24   O  O   . PRO A 1 12  ? 3.549   9.478   -6.826  1.00 45.42  ? 58  PRO A O   1 
ATOM   25   C  CB  . PRO A 1 12  ? 5.135   11.548  -8.688  1.00 55.18  ? 58  PRO A CB  1 
ATOM   26   C  CG  . PRO A 1 12  ? 5.137   11.951  -10.134 1.00 52.81  ? 58  PRO A CG  1 
ATOM   27   C  CD  . PRO A 1 12  ? 5.745   10.799  -10.859 1.00 51.97  ? 58  PRO A CD  1 
ATOM   28   N  N   . GLY A 1 13  ? 2.601   9.494   -8.882  1.00 45.50  ? 59  GLY A N   1 
ATOM   29   C  CA  . GLY A 1 13  ? 1.251   9.212   -8.377  1.00 41.95  ? 59  GLY A CA  1 
ATOM   30   C  C   . GLY A 1 13  ? 0.723   7.795   -8.536  1.00 37.54  ? 59  GLY A C   1 
ATOM   31   O  O   . GLY A 1 13  ? -0.470  7.585   -8.394  1.00 38.68  ? 59  GLY A O   1 
ATOM   32   N  N   . ILE A 1 14  ? 1.596   6.830   -8.831  1.00 36.81  ? 60  ILE A N   1 
ATOM   33   C  CA  . ILE A 1 14  ? 1.174   5.434   -9.062  1.00 36.50  ? 60  ILE A CA  1 
ATOM   34   C  C   . ILE A 1 14  ? 1.344   4.594   -7.809  1.00 34.15  ? 60  ILE A C   1 
ATOM   35   O  O   . ILE A 1 14  ? 2.436   4.505   -7.235  1.00 33.30  ? 60  ILE A O   1 
ATOM   36   C  CB  . ILE A 1 14  ? 1.903   4.745   -10.254 1.00 39.26  ? 60  ILE A CB  1 
ATOM   37   C  CG1 . ILE A 1 14  ? 1.838   5.603   -11.529 1.00 43.46  ? 60  ILE A CG1 1 
ATOM   38   C  CG2 . ILE A 1 14  ? 1.320   3.355   -10.522 1.00 38.97  ? 60  ILE A CG2 1 
ATOM   39   C  CD1 . ILE A 1 14  ? 2.564   5.020   -12.734 1.00 43.42  ? 60  ILE A CD1 1 
ATOM   40   N  N   . TRP A 1 15  ? 0.248   3.969   -7.405  1.00 35.26  ? 61  TRP A N   1 
ATOM   41   C  CA  . TRP A 1 15  ? 0.230   3.077   -6.248  1.00 36.21  ? 61  TRP A CA  1 
ATOM   42   C  C   . TRP A 1 15  ? -0.236  1.706   -6.662  1.00 38.00  ? 61  TRP A C   1 
ATOM   43   O  O   . TRP A 1 15  ? -1.024  1.588   -7.590  1.00 37.63  ? 61  TRP A O   1 
ATOM   44   C  CB  . TRP A 1 15  ? -0.690  3.624   -5.153  1.00 32.66  ? 61  TRP A CB  1 
ATOM   45   C  CG  . TRP A 1 15  ? -0.115  4.838   -4.489  1.00 32.66  ? 61  TRP A CG  1 
ATOM   46   C  CD1 . TRP A 1 15  ? -0.104  6.107   -4.983  1.00 31.24  ? 61  TRP A CD1 1 
ATOM   47   C  CD2 . TRP A 1 15  ? 0.558   4.891   -3.215  1.00 31.19  ? 61  TRP A CD2 1 
ATOM   48   N  NE1 . TRP A 1 15  ? 0.510   6.951   -4.097  1.00 32.88  ? 61  TRP A NE1 1 
ATOM   49   C  CE2 . TRP A 1 15  ? 0.931   6.238   -3.004  1.00 30.97  ? 61  TRP A CE2 1 
ATOM   50   C  CE3 . TRP A 1 15  ? 0.877   3.930   -2.233  1.00 31.34  ? 61  TRP A CE3 1 
ATOM   51   C  CZ2 . TRP A 1 15  ? 1.604   6.666   -1.845  1.00 29.91  ? 61  TRP A CZ2 1 
ATOM   52   C  CZ3 . TRP A 1 15  ? 1.555   4.352   -1.069  1.00 32.82  ? 61  TRP A CZ3 1 
ATOM   53   C  CH2 . TRP A 1 15  ? 1.915   5.716   -0.896  1.00 31.76  ? 61  TRP A CH2 1 
ATOM   54   N  N   . GLN A 1 16  ? 0.232   0.690   -5.928  1.00 40.50  ? 62  GLN A N   1 
ATOM   55   C  CA  . GLN A 1 16  ? -0.057  -0.718  -6.172  1.00 41.30  ? 62  GLN A CA  1 
ATOM   56   C  C   . GLN A 1 16  ? -0.750  -1.308  -4.934  1.00 41.31  ? 62  GLN A C   1 
ATOM   57   O  O   . GLN A 1 16  ? -0.154  -1.346  -3.855  1.00 41.21  ? 62  GLN A O   1 
ATOM   58   C  CB  . GLN A 1 16  ? 1.263   -1.452  -6.489  1.00 42.50  ? 62  GLN A CB  1 
ATOM   59   C  CG  . GLN A 1 16  ? 1.194   -2.976  -6.543  1.00 46.80  ? 62  GLN A CG  1 
ATOM   60   C  CD  . GLN A 1 16  ? 0.839   -3.539  -7.912  1.00 47.67  ? 62  GLN A CD  1 
ATOM   61   O  OE1 . GLN A 1 16  ? 1.021   -2.883  -8.937  1.00 50.20  ? 62  GLN A OE1 1 
ATOM   62   N  NE2 . GLN A 1 16  ? 0.350   -4.781  -7.932  1.00 46.66  ? 62  GLN A NE2 1 
ATOM   63   N  N   . LEU A 1 17  ? -1.994  -1.766  -5.103  1.00 39.80  ? 63  LEU A N   1 
ATOM   64   C  CA  . LEU A 1 17  ? -2.795  -2.331  -4.004  1.00 38.78  ? 63  LEU A CA  1 
ATOM   65   C  C   . LEU A 1 17  ? -3.059  -3.812  -4.164  1.00 37.98  ? 63  LEU A C   1 
ATOM   66   O  O   . LEU A 1 17  ? -3.487  -4.255  -5.223  1.00 37.70  ? 63  LEU A O   1 
ATOM   67   C  CB  . LEU A 1 17  ? -4.144  -1.621  -3.898  1.00 39.96  ? 63  LEU A CB  1 
ATOM   68   C  CG  . LEU A 1 17  ? -4.361  -0.554  -2.831  1.00 40.71  ? 63  LEU A CG  1 
ATOM   69   C  CD1 . LEU A 1 17  ? -3.661  0.748   -3.229  1.00 43.04  ? 63  LEU A CD1 1 
ATOM   70   C  CD2 . LEU A 1 17  ? -5.857  -0.352  -2.650  1.00 36.51  ? 63  LEU A CD2 1 
ATOM   71   N  N   . ASP A 1 18  ? -2.820  -4.577  -3.103  1.00 38.88  ? 64  ASP A N   1 
ATOM   72   C  CA  . ASP A 1 18  ? -3.072  -6.020  -3.107  1.00 38.74  ? 64  ASP A CA  1 
ATOM   73   C  C   . ASP A 1 18  ? -3.398  -6.450  -1.699  1.00 37.79  ? 64  ASP A C   1 
ATOM   74   O  O   . ASP A 1 18  ? -3.035  -5.764  -0.752  1.00 38.87  ? 64  ASP A O   1 
ATOM   75   C  CB  . ASP A 1 18  ? -1.846  -6.809  -3.612  1.00 40.83  ? 64  ASP A CB  1 
ATOM   76   C  CG  . ASP A 1 18  ? -1.431  -6.422  -5.029  1.00 41.97  ? 64  ASP A CG  1 
ATOM   77   O  OD1 . ASP A 1 18  ? -2.051  -6.884  -6.008  1.00 43.03  ? 64  ASP A OD1 1 
ATOM   78   O  OD2 . ASP A 1 18  ? -0.475  -5.644  -5.169  1.00 43.15  ? 64  ASP A OD2 1 
HETATM 79   N  N   . CAF A 1 19  ? -4.103  -7.573  -1.570  1.00 38.43  ? 65  CAF A N   1 
HETATM 80   C  CA  . CAF A 1 19  ? -4.276  -8.235  -0.277  1.00 38.88  ? 65  CAF A CA  1 
HETATM 81   C  CB  . CAF A 1 19  ? -5.721  -8.598  0.078   1.00 38.38  ? 65  CAF A CB  1 
HETATM 82   C  C   . CAF A 1 19  ? -3.433  -9.473  -0.236  1.00 40.32  ? 65  CAF A C   1 
HETATM 83   O  O   . CAF A 1 19  ? -3.315  -10.195 -1.230  1.00 41.07  ? 65  CAF A O   1 
HETATM 84   S  SG  . CAF A 1 19  ? -6.632  -7.109  0.323   1.00 38.63  ? 65  CAF A SG  1 
HETATM 85   AS AS  . CAF A 1 19  ? -7.459  -6.854  -1.712  1.00 40.00  ? 65  CAF A AS  1 
HETATM 86   C  CE1 . CAF A 1 19  ? -9.404  -6.640  -1.523  1.00 39.44  ? 65  CAF A CE1 1 
HETATM 87   O  O1  . CAF A 1 19  ? -6.842  -5.436  -2.526  1.00 41.33  ? 65  CAF A O1  1 
ATOM   88   N  N   . THR A 1 20  ? -2.819  -9.707  0.919   1.00 38.89  ? 66  THR A N   1 
ATOM   89   C  CA  . THR A 1 20  ? -2.105  -10.941 1.182   1.00 41.36  ? 66  THR A CA  1 
ATOM   90   C  C   . THR A 1 20  ? -2.635  -11.602 2.467   1.00 41.13  ? 66  THR A C   1 
ATOM   91   O  O   . THR A 1 20  ? -3.383  -10.982 3.229   1.00 40.84  ? 66  THR A O   1 
ATOM   92   C  CB  . THR A 1 20  ? -0.565  -10.734 1.142   1.00 43.61  ? 66  THR A CB  1 
ATOM   93   O  OG1 . THR A 1 20  ? 0.086   -11.994 1.318   1.00 46.07  ? 66  THR A OG1 1 
ATOM   94   C  CG2 . THR A 1 20  ? -0.076  -9.742  2.209   1.00 44.30  ? 66  THR A CG2 1 
ATOM   95   N  N   . HIS A 1 21  ? -2.278  -12.863 2.686   1.00 41.69  ? 67  HIS A N   1 
ATOM   96   C  CA  . HIS A 1 21  ? -2.847  -13.653 3.790   1.00 40.71  ? 67  HIS A CA  1 
ATOM   97   C  C   . HIS A 1 21  ? -1.799  -14.152 4.771   1.00 39.88  ? 67  HIS A C   1 
ATOM   98   O  O   . HIS A 1 21  ? -0.726  -14.640 4.372   1.00 35.26  ? 67  HIS A O   1 
ATOM   99   C  CB  . HIS A 1 21  ? -3.672  -14.821 3.254   1.00 42.43  ? 67  HIS A CB  1 
ATOM   100  C  CG  . HIS A 1 21  ? -4.850  -14.391 2.439   1.00 48.90  ? 67  HIS A CG  1 
ATOM   101  N  ND1 . HIS A 1 21  ? -4.724  -13.872 1.164   1.00 49.09  ? 67  HIS A ND1 1 
ATOM   102  C  CD2 . HIS A 1 21  ? -6.174  -14.387 2.721   1.00 48.46  ? 67  HIS A CD2 1 
ATOM   103  C  CE1 . HIS A 1 21  ? -5.922  -13.567 0.698   1.00 51.20  ? 67  HIS A CE1 1 
ATOM   104  N  NE2 . HIS A 1 21  ? -6.819  -13.870 1.621   1.00 52.22  ? 67  HIS A NE2 1 
ATOM   105  N  N   . LEU A 1 22  ? -2.133  -13.992 6.054   1.00 40.37  ? 68  LEU A N   1 
ATOM   106  C  CA  . LEU A 1 22  ? -1.339  -14.478 7.177   1.00 41.52  ? 68  LEU A CA  1 
ATOM   107  C  C   . LEU A 1 22  ? -2.253  -14.732 8.379   1.00 42.06  ? 68  LEU A C   1 
ATOM   108  O  O   . LEU A 1 22  ? -3.101  -13.889 8.716   1.00 39.66  ? 68  LEU A O   1 
ATOM   109  C  CB  . LEU A 1 22  ? -0.216  -13.490 7.526   1.00 43.15  ? 68  LEU A CB  1 
ATOM   110  C  CG  . LEU A 1 22  ? 1.126   -14.096 7.974   1.00 49.19  ? 68  LEU A CG  1 
ATOM   111  C  CD1 . LEU A 1 22  ? 1.758   -14.971 6.888   1.00 48.57  ? 68  LEU A CD1 1 
ATOM   112  C  CD2 . LEU A 1 22  ? 2.107   -13.009 8.401   1.00 47.63  ? 68  LEU A CD2 1 
ATOM   113  N  N   . GLU A 1 23  ? -2.096  -15.915 8.986   1.00 42.38  ? 69  GLU A N   1 
ATOM   114  C  CA  . GLU A 1 23  ? -2.820  -16.343 10.207  1.00 42.88  ? 69  GLU A CA  1 
ATOM   115  C  C   . GLU A 1 23  ? -4.342  -16.364 10.074  1.00 41.86  ? 69  GLU A C   1 
ATOM   116  O  O   . GLU A 1 23  ? -5.061  -16.140 11.058  1.00 40.77  ? 69  GLU A O   1 
ATOM   117  C  CB  . GLU A 1 23  ? -2.420  -15.488 11.417  1.00 41.62  ? 69  GLU A CB  1 
ATOM   118  C  CG  . GLU A 1 23  ? -0.981  -15.640 11.855  1.00 39.94  ? 69  GLU A CG  1 
ATOM   119  C  CD  . GLU A 1 23  ? -0.582  -14.597 12.877  1.00 40.75  ? 69  GLU A CD  1 
ATOM   120  O  OE1 . GLU A 1 23  ? 0.616   -14.246 12.896  1.00 38.72  ? 69  GLU A OE1 1 
ATOM   121  O  OE2 . GLU A 1 23  ? -1.461  -14.126 13.651  1.00 40.09  ? 69  GLU A OE2 1 
ATOM   122  N  N   . GLY A 1 24  ? -4.820  -16.631 8.855   1.00 42.77  ? 70  GLY A N   1 
ATOM   123  C  CA  . GLY A 1 24  ? -6.249  -16.561 8.535   1.00 46.75  ? 70  GLY A CA  1 
ATOM   124  C  C   . GLY A 1 24  ? -6.815  -15.146 8.488   1.00 48.62  ? 70  GLY A C   1 
ATOM   125  O  O   . GLY A 1 24  ? -8.033  -14.961 8.418   1.00 50.36  ? 70  GLY A O   1 
ATOM   126  N  N   . LYS A 1 25  ? -5.925  -14.155 8.538   1.00 48.55  ? 71  LYS A N   1 
ATOM   127  C  CA  . LYS A 1 25  ? -6.290  -12.749 8.380   1.00 47.19  ? 71  LYS A CA  1 
ATOM   128  C  C   . LYS A 1 25  ? -5.795  -12.227 7.033   1.00 42.57  ? 71  LYS A C   1 
ATOM   129  O  O   . LYS A 1 25  ? -5.029  -12.889 6.331   1.00 41.08  ? 71  LYS A O   1 
ATOM   130  C  CB  . LYS A 1 25  ? -5.756  -11.905 9.548   1.00 50.57  ? 71  LYS A CB  1 
ATOM   131  C  CG  . LYS A 1 25  ? -6.463  -12.159 10.873  1.00 51.17  ? 71  LYS A CG  1 
ATOM   132  C  CD  . LYS A 1 25  ? -5.718  -11.510 12.029  1.00 53.10  ? 71  LYS A CD  1 
ATOM   133  C  CE  . LYS A 1 25  ? -6.373  -11.849 13.357  1.00 54.05  ? 71  LYS A CE  1 
ATOM   134  N  NZ  . LYS A 1 25  ? -6.117  -13.269 13.747  1.00 52.24  ? 71  LYS A NZ  1 
ATOM   135  N  N   . VAL A 1 26  ? -6.276  -11.051 6.657   1.00 41.65  ? 72  VAL A N   1 
ATOM   136  C  CA  . VAL A 1 26  ? -5.928  -10.469 5.365   1.00 39.53  ? 72  VAL A CA  1 
ATOM   137  C  C   . VAL A 1 26  ? -5.196  -9.154  5.599   1.00 36.34  ? 72  VAL A C   1 
ATOM   138  O  O   . VAL A 1 26  ? -5.542  -8.384  6.511   1.00 34.41  ? 72  VAL A O   1 
ATOM   139  C  CB  . VAL A 1 26  ? -7.141  -10.345 4.387   1.00 40.29  ? 72  VAL A CB  1 
ATOM   140  C  CG1 . VAL A 1 26  ? -7.895  -11.666 4.266   1.00 39.41  ? 72  VAL A CG1 1 
ATOM   141  C  CG2 . VAL A 1 26  ? -8.121  -9.280  4.826   1.00 41.18  ? 72  VAL A CG2 1 
ATOM   142  N  N   . ILE A 1 27  ? -4.155  -8.929  4.797   1.00 34.38  ? 73  ILE A N   1 
ATOM   143  C  CA  . ILE A 1 27  ? -3.341  -7.721  4.901   1.00 33.40  ? 73  ILE A CA  1 
ATOM   144  C  C   . ILE A 1 27  ? -3.427  -6.958  3.573   1.00 34.78  ? 73  ILE A C   1 
ATOM   145  O  O   . ILE A 1 27  ? -2.967  -7.442  2.534   1.00 34.27  ? 73  ILE A O   1 
ATOM   146  C  CB  . ILE A 1 27  ? -1.867  -8.041  5.296   1.00 31.93  ? 73  ILE A CB  1 
ATOM   147  C  CG1 . ILE A 1 27  ? -1.820  -8.895  6.590   1.00 30.14  ? 73  ILE A CG1 1 
ATOM   148  C  CG2 . ILE A 1 27  ? -1.032  -6.754  5.409   1.00 29.48  ? 73  ILE A CG2 1 
ATOM   149  C  CD1 . ILE A 1 27  ? -0.558  -9.714  6.796   1.00 28.35  ? 73  ILE A CD1 1 
ATOM   150  N  N   . LEU A 1 28  ? -4.019  -5.766  3.617   1.00 35.34  ? 74  LEU A N   1 
ATOM   151  C  CA  . LEU A 1 28  ? -4.017  -4.868  2.463   1.00 36.10  ? 74  LEU A CA  1 
ATOM   152  C  C   . LEU A 1 28  ? -2.675  -4.132  2.401   1.00 36.60  ? 74  LEU A C   1 
ATOM   153  O  O   . LEU A 1 28  ? -2.299  -3.422  3.347   1.00 36.19  ? 74  LEU A O   1 
ATOM   154  C  CB  . LEU A 1 28  ? -5.191  -3.883  2.545   1.00 37.01  ? 74  LEU A CB  1 
ATOM   155  C  CG  . LEU A 1 28  ? -5.769  -3.297  1.254   1.00 38.78  ? 74  LEU A CG  1 
ATOM   156  C  CD1 . LEU A 1 28  ? -7.145  -2.715  1.528   1.00 39.34  ? 74  LEU A CD1 1 
ATOM   157  C  CD2 . LEU A 1 28  ? -4.857  -2.243  0.641   1.00 39.66  ? 74  LEU A CD2 1 
ATOM   158  N  N   . VAL A 1 29  ? -1.952  -4.323  1.300   1.00 34.88  ? 75  VAL A N   1 
ATOM   159  C  CA  . VAL A 1 29  ? -0.638  -3.698  1.104   1.00 34.06  ? 75  VAL A CA  1 
ATOM   160  C  C   . VAL A 1 29  ? -0.694  -2.718  -0.085  1.00 33.72  ? 75  VAL A C   1 
ATOM   161  O  O   . VAL A 1 29  ? -1.011  -3.113  -1.215  1.00 34.23  ? 75  VAL A O   1 
ATOM   162  C  CB  . VAL A 1 29  ? 0.484   -4.758  0.914   1.00 32.97  ? 75  VAL A CB  1 
ATOM   163  C  CG1 . VAL A 1 29  ? 1.826   -4.117  0.596   1.00 31.93  ? 75  VAL A CG1 1 
ATOM   164  C  CG2 . VAL A 1 29  ? 0.622   -5.628  2.148   1.00 33.45  ? 75  VAL A CG2 1 
ATOM   165  N  N   . ALA A 1 30  ? -0.415  -1.442  0.198   1.00 32.44  ? 76  ALA A N   1 
ATOM   166  C  CA  . ALA A 1 30  ? -0.221  -0.412  -0.825  1.00 29.83  ? 76  ALA A CA  1 
ATOM   167  C  C   . ALA A 1 30  ? 1.266   -0.113  -0.953  1.00 31.72  ? 76  ALA A C   1 
ATOM   168  O  O   . ALA A 1 30  ? 1.935   0.185   0.047   1.00 31.34  ? 76  ALA A O   1 
ATOM   169  C  CB  . ALA A 1 30  ? -0.986  0.849   -0.476  1.00 27.91  ? 76  ALA A CB  1 
ATOM   170  N  N   . VAL A 1 31  ? 1.774   -0.207  -2.185  1.00 32.66  ? 77  VAL A N   1 
ATOM   171  C  CA  . VAL A 1 31  ? 3.159   0.130   -2.508  1.00 31.90  ? 77  VAL A CA  1 
ATOM   172  C  C   . VAL A 1 31  ? 3.188   1.364   -3.422  1.00 31.94  ? 77  VAL A C   1 
ATOM   173  O  O   . VAL A 1 31  ? 2.568   1.360   -4.476  1.00 31.93  ? 77  VAL A O   1 
ATOM   174  C  CB  . VAL A 1 31  ? 3.919   -1.066  -3.170  1.00 33.42  ? 77  VAL A CB  1 
ATOM   175  C  CG1 . VAL A 1 31  ? 5.385   -0.718  -3.421  1.00 33.31  ? 77  VAL A CG1 1 
ATOM   176  C  CG2 . VAL A 1 31  ? 3.834   -2.330  -2.315  1.00 32.56  ? 77  VAL A CG2 1 
ATOM   177  N  N   . HIS A 1 32  ? 3.897   2.419   -3.007  1.00 32.44  ? 78  HIS A N   1 
ATOM   178  C  CA  . HIS A 1 32  ? 4.204   3.529   -3.910  1.00 32.49  ? 78  HIS A CA  1 
ATOM   179  C  C   . HIS A 1 32  ? 5.299   3.048   -4.878  1.00 34.04  ? 78  HIS A C   1 
ATOM   180  O  O   . HIS A 1 32  ? 6.455   2.833   -4.478  1.00 34.89  ? 78  HIS A O   1 
ATOM   181  C  CB  . HIS A 1 32  ? 4.614   4.788   -3.132  1.00 32.02  ? 78  HIS A CB  1 
ATOM   182  C  CG  . HIS A 1 32  ? 4.835   5.999   -3.999  1.00 32.31  ? 78  HIS A CG  1 
ATOM   183  N  ND1 . HIS A 1 32  ? 6.094   6.442   -4.356  1.00 32.24  ? 78  HIS A ND1 1 
ATOM   184  C  CD2 . HIS A 1 32  ? 3.960   6.859   -4.577  1.00 30.52  ? 78  HIS A CD2 1 
ATOM   185  C  CE1 . HIS A 1 32  ? 5.984   7.516   -5.119  1.00 30.18  ? 78  HIS A CE1 1 
ATOM   186  N  NE2 . HIS A 1 32  ? 4.703   7.800   -5.256  1.00 30.64  ? 78  HIS A NE2 1 
ATOM   187  N  N   . VAL A 1 33  ? 4.919   2.867   -6.144  1.00 36.68  ? 79  VAL A N   1 
ATOM   188  C  CA  . VAL A 1 33  ? 5.733   2.115   -7.125  1.00 37.62  ? 79  VAL A CA  1 
ATOM   189  C  C   . VAL A 1 33  ? 7.140   2.712   -7.352  1.00 38.94  ? 79  VAL A C   1 
ATOM   190  O  O   . VAL A 1 33  ? 8.117   1.960   -7.422  1.00 40.72  ? 79  VAL A O   1 
ATOM   191  C  CB  . VAL A 1 33  ? 4.948   1.823   -8.452  1.00 38.59  ? 79  VAL A CB  1 
ATOM   192  C  CG1 . VAL A 1 33  ? 5.786   1.037   -9.470  1.00 34.79  ? 79  VAL A CG1 1 
ATOM   193  C  CG2 . VAL A 1 33  ? 3.660   1.052   -8.158  1.00 37.49  ? 79  VAL A CG2 1 
ATOM   194  N  N   . ALA A 1 34  ? 7.247   4.040   -7.427  1.00 38.63  ? 80  ALA A N   1 
ATOM   195  C  CA  . ALA A 1 34  ? 8.549   4.702   -7.650  1.00 40.66  ? 80  ALA A CA  1 
ATOM   196  C  C   . ALA A 1 34  ? 9.501   4.640   -6.452  1.00 42.87  ? 80  ALA A C   1 
ATOM   197  O  O   . ALA A 1 34  ? 10.719  4.587   -6.638  1.00 45.23  ? 80  ALA A O   1 
ATOM   198  C  CB  . ALA A 1 34  ? 8.369   6.142   -8.118  1.00 39.03  ? 80  ALA A CB  1 
ATOM   199  N  N   . SER A 1 35  ? 8.957   4.624   -5.232  1.00 43.09  ? 81  SER A N   1 
ATOM   200  C  CA  . SER A 1 35  ? 9.785   4.650   -4.022  1.00 41.18  ? 81  SER A CA  1 
ATOM   201  C  C   . SER A 1 35  ? 9.972   3.311   -3.313  1.00 42.46  ? 81  SER A C   1 
ATOM   202  O  O   . SER A 1 35  ? 10.991  3.111   -2.657  1.00 46.86  ? 81  SER A O   1 
ATOM   203  C  CB  . SER A 1 35  ? 9.240   5.671   -3.036  1.00 41.70  ? 81  SER A CB  1 
ATOM   204  O  OG  . SER A 1 35  ? 7.918   5.344   -2.651  1.00 46.31  ? 81  SER A OG  1 
ATOM   205  N  N   . GLY A 1 36  ? 8.995   2.408   -3.430  1.00 41.94  ? 82  GLY A N   1 
ATOM   206  C  CA  . GLY A 1 36  ? 8.997   1.141   -2.676  1.00 38.09  ? 82  GLY A CA  1 
ATOM   207  C  C   . GLY A 1 36  ? 8.417   1.320   -1.278  1.00 38.24  ? 82  GLY A C   1 
ATOM   208  O  O   . GLY A 1 36  ? 8.385   0.380   -0.480  1.00 35.08  ? 82  GLY A O   1 
ATOM   209  N  N   . TYR A 1 37  ? 7.979   2.548   -0.993  1.00 38.68  ? 83  TYR A N   1 
ATOM   210  C  CA  . TYR A 1 37  ? 7.299   2.915   0.246   1.00 39.47  ? 83  TYR A CA  1 
ATOM   211  C  C   . TYR A 1 37  ? 5.955   2.192   0.371   1.00 38.91  ? 83  TYR A C   1 
ATOM   212  O  O   . TYR A 1 37  ? 5.205   2.070   -0.606  1.00 38.45  ? 83  TYR A O   1 
ATOM   213  C  CB  . TYR A 1 37  ? 7.107   4.435   0.278   1.00 39.82  ? 83  TYR A CB  1 
ATOM   214  C  CG  . TYR A 1 37  ? 6.229   4.964   1.392   1.00 41.33  ? 83  TYR A CG  1 
ATOM   215  C  CD1 . TYR A 1 37  ? 4.846   5.115   1.201   1.00 40.77  ? 83  TYR A CD1 1 
ATOM   216  C  CD2 . TYR A 1 37  ? 6.776   5.326   2.638   1.00 39.43  ? 83  TYR A CD2 1 
ATOM   217  C  CE1 . TYR A 1 37  ? 4.029   5.599   2.214   1.00 40.26  ? 83  TYR A CE1 1 
ATOM   218  C  CE2 . TYR A 1 37  ? 5.967   5.827   3.648   1.00 41.12  ? 83  TYR A CE2 1 
ATOM   219  C  CZ  . TYR A 1 37  ? 4.597   5.960   3.427   1.00 42.49  ? 83  TYR A CZ  1 
ATOM   220  O  OH  . TYR A 1 37  ? 3.778   6.444   4.415   1.00 45.71  ? 83  TYR A OH  1 
ATOM   221  N  N   . ILE A 1 38  ? 5.661   1.739   1.587   1.00 38.96  ? 84  ILE A N   1 
ATOM   222  C  CA  . ILE A 1 38  ? 4.533   0.860   1.843   1.00 39.40  ? 84  ILE A CA  1 
ATOM   223  C  C   . ILE A 1 38  ? 3.591   1.439   2.902   1.00 38.79  ? 84  ILE A C   1 
ATOM   224  O  O   . ILE A 1 38  ? 4.035   2.010   3.898   1.00 37.36  ? 84  ILE A O   1 
ATOM   225  C  CB  . ILE A 1 38  ? 5.015   -0.569  2.229   1.00 41.51  ? 84  ILE A CB  1 
ATOM   226  C  CG1 . ILE A 1 38  ? 5.631   -1.276  1.006   1.00 43.08  ? 84  ILE A CG1 1 
ATOM   227  C  CG2 . ILE A 1 38  ? 3.882   -1.421  2.804   1.00 42.94  ? 84  ILE A CG2 1 
ATOM   228  C  CD1 . ILE A 1 38  ? 6.354   -2.587  1.307   1.00 46.15  ? 84  ILE A CD1 1 
ATOM   229  N  N   . GLU A 1 39  ? 2.290   1.290   2.646   1.00 39.82  ? 85  GLU A N   1 
ATOM   230  C  CA  . GLU A 1 39  ? 1.238   1.433   3.658   1.00 39.54  ? 85  GLU A CA  1 
ATOM   231  C  C   . GLU A 1 39  ? 0.446   0.140   3.713   1.00 39.09  ? 85  GLU A C   1 
ATOM   232  O  O   . GLU A 1 39  ? -0.116  -0.285  2.704   1.00 41.31  ? 85  GLU A O   1 
ATOM   233  C  CB  . GLU A 1 39  ? 0.309   2.592   3.320   1.00 41.43  ? 85  GLU A CB  1 
ATOM   234  C  CG  . GLU A 1 39  ? 0.997   3.939   3.291   1.00 42.77  ? 85  GLU A CG  1 
ATOM   235  C  CD  . GLU A 1 39  ? 0.223   5.026   3.996   1.00 45.50  ? 85  GLU A CD  1 
ATOM   236  O  OE1 . GLU A 1 39  ? -0.823  4.740   4.627   1.00 48.47  ? 85  GLU A OE1 1 
ATOM   237  O  OE2 . GLU A 1 39  ? 0.684   6.179   3.931   1.00 47.65  ? 85  GLU A OE2 1 
ATOM   238  N  N   . ALA A 1 40  ? 0.416   -0.500  4.880   1.00 39.28  ? 86  ALA A N   1 
ATOM   239  C  CA  . ALA A 1 40  ? -0.281  -1.776  5.038   1.00 38.03  ? 86  ALA A CA  1 
ATOM   240  C  C   . ALA A 1 40  ? -1.163  -1.839  6.282   1.00 40.67  ? 86  ALA A C   1 
ATOM   241  O  O   . ALA A 1 40  ? -0.836  -1.242  7.303   1.00 45.42  ? 86  ALA A O   1 
ATOM   242  C  CB  . ALA A 1 40  ? 0.701   -2.938  4.996   1.00 36.03  ? 86  ALA A CB  1 
ATOM   243  N  N   . GLU A 1 41  ? -2.301  -2.530  6.173   1.00 40.95  ? 87  GLU A N   1 
ATOM   244  C  CA  . GLU A 1 41  ? -3.239  -2.708  7.293   1.00 39.36  ? 87  GLU A CA  1 
ATOM   245  C  C   . GLU A 1 41  ? -3.829  -4.101  7.269   1.00 38.39  ? 87  GLU A C   1 
ATOM   246  O  O   . GLU A 1 41  ? -4.056  -4.683  6.205   1.00 38.87  ? 87  GLU A O   1 
ATOM   247  C  CB  . GLU A 1 41  ? -4.408  -1.707  7.262   1.00 41.98  ? 87  GLU A CB  1 
ATOM   248  C  CG  . GLU A 1 41  ? -4.049  -0.252  6.999   1.00 49.61  ? 87  GLU A CG  1 
ATOM   249  C  CD  . GLU A 1 41  ? -4.769  0.738   7.897   1.00 52.70  ? 87  GLU A CD  1 
ATOM   250  O  OE1 . GLU A 1 41  ? -5.319  0.327   8.947   1.00 59.76  ? 87  GLU A OE1 1 
ATOM   251  O  OE2 . GLU A 1 41  ? -4.755  1.944   7.562   1.00 52.50  ? 87  GLU A OE2 1 
ATOM   252  N  N   . VAL A 1 42  ? -4.074  -4.637  8.458   1.00 40.47  ? 88  VAL A N   1 
ATOM   253  C  CA  . VAL A 1 42  ? -4.884  -5.834  8.609   1.00 39.37  ? 88  VAL A CA  1 
ATOM   254  C  C   . VAL A 1 42  ? -6.326  -5.350  8.510   1.00 40.70  ? 88  VAL A C   1 
ATOM   255  O  O   . VAL A 1 42  ? -6.714  -4.396  9.189   1.00 39.49  ? 88  VAL A O   1 
ATOM   256  C  CB  . VAL A 1 42  ? -4.590  -6.588  9.929   1.00 36.33  ? 88  VAL A CB  1 
ATOM   257  C  CG1 . VAL A 1 42  ? -5.588  -7.727  10.151  1.00 35.11  ? 88  VAL A CG1 1 
ATOM   258  C  CG2 . VAL A 1 42  ? -3.179  -7.142  9.899   1.00 33.06  ? 88  VAL A CG2 1 
ATOM   259  N  N   . ILE A 1 43  ? -7.090  -5.961  7.608   1.00 40.98  ? 89  ILE A N   1 
ATOM   260  C  CA  . ILE A 1 43  ? -8.521  -5.663  7.505   1.00 42.96  ? 89  ILE A CA  1 
ATOM   261  C  C   . ILE A 1 43  ? -9.314  -6.895  7.950   1.00 44.26  ? 89  ILE A C   1 
ATOM   262  O  O   . ILE A 1 43  ? -8.844  -8.019  7.745   1.00 43.81  ? 89  ILE A O   1 
ATOM   263  C  CB  . ILE A 1 43  ? -8.946  -5.131  6.098   1.00 42.94  ? 89  ILE A CB  1 
ATOM   264  C  CG1 . ILE A 1 43  ? -8.457  -6.056  4.976   1.00 42.11  ? 89  ILE A CG1 1 
ATOM   265  C  CG2 . ILE A 1 43  ? -8.466  -3.690  5.917   1.00 42.42  ? 89  ILE A CG2 1 
ATOM   266  C  CD1 . ILE A 1 43  ? -9.066  -5.818  3.608   1.00 42.90  ? 89  ILE A CD1 1 
ATOM   267  N  N   . PRO A 1 44  ? -10.486 -6.695  8.601   1.00 46.94  ? 90  PRO A N   1 
ATOM   268  C  CA  . PRO A 1 44  ? -11.294 -7.844  9.065   1.00 48.55  ? 90  PRO A CA  1 
ATOM   269  C  C   . PRO A 1 44  ? -11.733 -8.808  7.948   1.00 49.09  ? 90  PRO A C   1 
ATOM   270  O  O   . PRO A 1 44  ? -11.727 -10.026 8.162   1.00 50.88  ? 90  PRO A O   1 
ATOM   271  C  CB  . PRO A 1 44  ? -12.515 -7.187  9.742   1.00 47.63  ? 90  PRO A CB  1 
ATOM   272  C  CG  . PRO A 1 44  ? -12.488 -5.750  9.322   1.00 49.79  ? 90  PRO A CG  1 
ATOM   273  C  CD  . PRO A 1 44  ? -11.041 -5.419  9.098   1.00 49.19  ? 90  PRO A CD  1 
ATOM   274  N  N   . ALA A 1 45  ? -12.086 -8.274  6.777   1.00 47.27  ? 91  ALA A N   1 
ATOM   275  C  CA  . ALA A 1 45  ? -12.503 -9.096  5.627   1.00 48.24  ? 91  ALA A CA  1 
ATOM   276  C  C   . ALA A 1 45  ? -12.044 -8.489  4.311   1.00 48.10  ? 91  ALA A C   1 
ATOM   277  O  O   . ALA A 1 45  ? -11.840 -7.278  4.222   1.00 48.38  ? 91  ALA A O   1 
ATOM   278  C  CB  . ALA A 1 45  ? -14.017 -9.285  5.625   1.00 49.13  ? 91  ALA A CB  1 
ATOM   279  N  N   . GLU A 1 46  ? -11.916 -9.332  3.288   1.00 49.28  ? 92  GLU A N   1 
ATOM   280  C  CA  . GLU A 1 46  ? -11.455 -8.918  1.964   1.00 48.32  ? 92  GLU A CA  1 
ATOM   281  C  C   . GLU A 1 46  ? -12.595 -8.327  1.093   1.00 49.05  ? 92  GLU A C   1 
ATOM   282  O  O   . GLU A 1 46  ? -12.834 -8.769  -0.047  1.00 50.10  ? 92  GLU A O   1 
ATOM   283  C  CB  . GLU A 1 46  ? -10.721 -10.090 1.288   1.00 47.97  ? 92  GLU A CB  1 
ATOM   284  C  CG  . GLU A 1 46  ? -9.948  -9.725  0.026   1.00 48.14  ? 92  GLU A CG  1 
ATOM   285  C  CD  . GLU A 1 46  ? -8.778  -10.641 -0.282  1.00 50.60  ? 92  GLU A CD  1 
ATOM   286  O  OE1 . GLU A 1 46  ? -8.238  -10.518 -1.399  1.00 55.57  ? 92  GLU A OE1 1 
ATOM   287  O  OE2 . GLU A 1 46  ? -8.381  -11.472 0.567   1.00 51.27  ? 92  GLU A OE2 1 
ATOM   288  N  N   . THR A 1 47  ? -13.277 -7.308  1.629   1.00 47.14  ? 93  THR A N   1 
ATOM   289  C  CA  . THR A 1 47  ? -14.395 -6.650  0.925   1.00 46.62  ? 93  THR A CA  1 
ATOM   290  C  C   . THR A 1 47  ? -14.040 -5.316  0.250   1.00 45.62  ? 93  THR A C   1 
ATOM   291  O  O   . THR A 1 47  ? -12.987 -4.711  0.525   1.00 42.76  ? 93  THR A O   1 
ATOM   292  C  CB  . THR A 1 47  ? -15.628 -6.431  1.831   1.00 49.06  ? 93  THR A CB  1 
ATOM   293  O  OG1 . THR A 1 47  ? -15.225 -5.804  3.054   1.00 52.65  ? 93  THR A OG1 1 
ATOM   294  C  CG2 . THR A 1 47  ? -16.352 -7.751  2.119   1.00 50.84  ? 93  THR A CG2 1 
ATOM   295  N  N   . GLY A 1 48  ? -14.945 -4.890  -0.642  1.00 42.88  ? 94  GLY A N   1 
ATOM   296  C  CA  . GLY A 1 48  ? -14.910 -3.594  -1.308  1.00 41.77  ? 94  GLY A CA  1 
ATOM   297  C  C   . GLY A 1 48  ? -15.004 -2.410  -0.359  1.00 41.38  ? 94  GLY A C   1 
ATOM   298  O  O   . GLY A 1 48  ? -14.387 -1.385  -0.614  1.00 43.04  ? 94  GLY A O   1 
ATOM   299  N  N   . GLN A 1 49  ? -15.770 -2.556  0.727   1.00 41.19  ? 95  GLN A N   1 
ATOM   300  C  CA  . GLN A 1 49  ? -15.880 -1.543  1.796   1.00 42.93  ? 95  GLN A CA  1 
ATOM   301  C  C   . GLN A 1 49  ? -14.539 -1.217  2.436   1.00 40.18  ? 95  GLN A C   1 
ATOM   302  O  O   . GLN A 1 49  ? -14.229 -0.052  2.656   1.00 38.62  ? 95  GLN A O   1 
ATOM   303  C  CB  . GLN A 1 49  ? -16.827 -2.004  2.897   1.00 46.11  ? 95  GLN A CB  1 
ATOM   304  C  CG  . GLN A 1 49  ? -18.276 -1.623  2.693   1.00 54.63  ? 95  GLN A CG  1 
ATOM   305  C  CD  . GLN A 1 49  ? -19.212 -2.375  3.625   1.00 60.71  ? 95  GLN A CD  1 
ATOM   306  O  OE1 . GLN A 1 49  ? -19.043 -2.370  4.848   1.00 64.01  ? 95  GLN A OE1 1 
ATOM   307  N  NE2 . GLN A 1 49  ? -20.203 -3.039  3.045   1.00 65.27  ? 95  GLN A NE2 1 
ATOM   308  N  N   . GLU A 1 50  ? -13.767 -2.260  2.734   1.00 39.94  ? 96  GLU A N   1 
ATOM   309  C  CA  . GLU A 1 50  ? -12.448 -2.131  3.329   1.00 39.70  ? 96  GLU A CA  1 
ATOM   310  C  C   . GLU A 1 50  ? -11.473 -1.468  2.374   1.00 38.76  ? 96  GLU A C   1 
ATOM   311  O  O   . GLU A 1 50  ? -10.725 -0.576  2.781   1.00 39.00  ? 96  GLU A O   1 
ATOM   312  C  CB  . GLU A 1 50  ? -11.904 -3.492  3.777   1.00 40.51  ? 96  GLU A CB  1 
ATOM   313  C  CG  . GLU A 1 50  ? -12.658 -4.164  4.924   1.00 43.29  ? 96  GLU A CG  1 
ATOM   314  C  CD  . GLU A 1 50  ? -12.645 -3.395  6.240   1.00 44.95  ? 96  GLU A CD  1 
ATOM   315  O  OE1 . GLU A 1 50  ? -11.695 -2.630  6.511   1.00 48.25  ? 96  GLU A OE1 1 
ATOM   316  O  OE2 . GLU A 1 50  ? -13.601 -3.578  7.023   1.00 48.65  ? 96  GLU A OE2 1 
ATOM   317  N  N   . THR A 1 51  ? -11.506 -1.901  1.111   1.00 38.17  ? 97  THR A N   1 
ATOM   318  C  CA  . THR A 1 51  ? -10.653 -1.345  0.048   1.00 37.81  ? 97  THR A CA  1 
ATOM   319  C  C   . THR A 1 51  ? -10.992 0.119   -0.233  1.00 35.14  ? 97  THR A C   1 
ATOM   320  O  O   . THR A 1 51  ? -10.085 0.937   -0.387  1.00 36.59  ? 97  THR A O   1 
ATOM   321  C  CB  . THR A 1 51  ? -10.772 -2.171  -1.249  1.00 36.04  ? 97  THR A CB  1 
ATOM   322  O  OG1 . THR A 1 51  ? -10.513 -3.541  -0.962  1.00 34.20  ? 97  THR A OG1 1 
ATOM   323  C  CG2 . THR A 1 51  ? -9.798  -1.699  -2.307  1.00 37.13  ? 97  THR A CG2 1 
ATOM   324  N  N   . ALA A 1 52  ? -12.292 0.417   -0.274  1.00 30.94  ? 98  ALA A N   1 
ATOM   325  C  CA  . ALA A 1 52  ? -12.820 1.756   -0.545  1.00 31.40  ? 98  ALA A CA  1 
ATOM   326  C  C   . ALA A 1 52  ? -12.401 2.746   0.534   1.00 30.61  ? 98  ALA A C   1 
ATOM   327  O  O   . ALA A 1 52  ? -12.001 3.876   0.233   1.00 26.55  ? 98  ALA A O   1 
ATOM   328  C  CB  . ALA A 1 52  ? -14.345 1.719   -0.651  1.00 29.13  ? 98  ALA A CB  1 
ATOM   329  N  N   . TYR A 1 53  ? -12.517 2.303   1.790   1.00 32.21  ? 99  TYR A N   1 
ATOM   330  C  CA  . TYR A 1 53  ? -12.112 3.091   2.949   1.00 33.16  ? 99  TYR A CA  1 
ATOM   331  C  C   . TYR A 1 53  ? -10.596 3.371   2.982   1.00 33.00  ? 99  TYR A C   1 
ATOM   332  O  O   . TYR A 1 53  ? -10.175 4.498   3.286   1.00 30.04  ? 99  TYR A O   1 
ATOM   333  C  CB  . TYR A 1 53  ? -12.538 2.390   4.238   1.00 32.61  ? 99  TYR A CB  1 
ATOM   334  C  CG  . TYR A 1 53  ? -12.328 3.235   5.473   1.00 33.76  ? 99  TYR A CG  1 
ATOM   335  C  CD1 . TYR A 1 53  ? -13.176 4.329   5.744   1.00 33.08  ? 99  TYR A CD1 1 
ATOM   336  C  CD2 . TYR A 1 53  ? -11.274 2.968   6.369   1.00 33.00  ? 99  TYR A CD2 1 
ATOM   337  C  CE1 . TYR A 1 53  ? -13.000 5.109   6.870   1.00 32.59  ? 99  TYR A CE1 1 
ATOM   338  C  CE2 . TYR A 1 53  ? -11.090 3.756   7.510   1.00 32.17  ? 99  TYR A CE2 1 
ATOM   339  C  CZ  . TYR A 1 53  ? -11.958 4.815   7.750   1.00 32.54  ? 99  TYR A CZ  1 
ATOM   340  O  OH  . TYR A 1 53  ? -11.806 5.605   8.852   1.00 34.95  ? 99  TYR A OH  1 
ATOM   341  N  N   . PHE A 1 54  ? -9.808  2.327   2.694   1.00 33.97  ? 100 PHE A N   1 
ATOM   342  C  CA  . PHE A 1 54  ? -8.351  2.400   2.665   1.00 34.29  ? 100 PHE A CA  1 
ATOM   343  C  C   . PHE A 1 54  ? -7.890  3.388   1.587   1.00 34.59  ? 100 PHE A C   1 
ATOM   344  O  O   . PHE A 1 54  ? -7.016  4.224   1.847   1.00 33.62  ? 100 PHE A O   1 
ATOM   345  C  CB  . PHE A 1 54  ? -7.720  1.008   2.463   1.00 34.93  ? 100 PHE A CB  1 
ATOM   346  C  CG  . PHE A 1 54  ? -6.212  1.027   2.408   1.00 37.62  ? 100 PHE A CG  1 
ATOM   347  C  CD1 . PHE A 1 54  ? -5.542  1.347   1.220   1.00 38.10  ? 100 PHE A CD1 1 
ATOM   348  C  CD2 . PHE A 1 54  ? -5.449  0.747   3.553   1.00 39.56  ? 100 PHE A CD2 1 
ATOM   349  C  CE1 . PHE A 1 54  ? -4.155  1.394   1.175   1.00 38.14  ? 100 PHE A CE1 1 
ATOM   350  C  CE2 . PHE A 1 54  ? -4.055  0.780   3.508   1.00 38.82  ? 100 PHE A CE2 1 
ATOM   351  C  CZ  . PHE A 1 54  ? -3.410  1.101   2.317   1.00 39.07  ? 100 PHE A CZ  1 
ATOM   352  N  N   . LEU A 1 55  ? -8.476  3.274   0.392   1.00 33.80  ? 101 LEU A N   1 
ATOM   353  C  CA  . LEU A 1 55  ? -8.246  4.219   -0.715  1.00 33.05  ? 101 LEU A CA  1 
ATOM   354  C  C   . LEU A 1 55  ? -8.467  5.667   -0.318  1.00 31.66  ? 101 LEU A C   1 
ATOM   355  O  O   . LEU A 1 55  ? -7.639  6.526   -0.615  1.00 30.12  ? 101 LEU A O   1 
ATOM   356  C  CB  . LEU A 1 55  ? -9.125  3.872   -1.919  1.00 32.62  ? 101 LEU A CB  1 
ATOM   357  C  CG  . LEU A 1 55  ? -8.529  2.849   -2.889  1.00 34.25  ? 101 LEU A CG  1 
ATOM   358  C  CD1 . LEU A 1 55  ? -9.609  2.304   -3.822  1.00 33.88  ? 101 LEU A CD1 1 
ATOM   359  C  CD2 . LEU A 1 55  ? -7.347  3.434   -3.674  1.00 31.77  ? 101 LEU A CD2 1 
ATOM   360  N  N   . LEU A 1 56  ? -9.581  5.908   0.368   1.00 31.91  ? 102 LEU A N   1 
ATOM   361  C  CA  . LEU A 1 56  ? -9.958  7.218   0.862   1.00 32.93  ? 102 LEU A CA  1 
ATOM   362  C  C   . LEU A 1 56  ? -8.884  7.749   1.804   1.00 33.61  ? 102 LEU A C   1 
ATOM   363  O  O   . LEU A 1 56  ? -8.413  8.871   1.629   1.00 33.54  ? 102 LEU A O   1 
ATOM   364  C  CB  . LEU A 1 56  ? -11.325 7.123   1.560   1.00 35.12  ? 102 LEU A CB  1 
ATOM   365  C  CG  . LEU A 1 56  ? -12.444 8.123   1.220   1.00 40.10  ? 102 LEU A CG  1 
ATOM   366  C  CD1 . LEU A 1 56  ? -12.592 8.388   -0.277  1.00 38.18  ? 102 LEU A CD1 1 
ATOM   367  C  CD2 . LEU A 1 56  ? -13.777 7.648   1.803   1.00 38.32  ? 102 LEU A CD2 1 
ATOM   368  N  N   . LYS A 1 57  ? -8.496  6.920   2.780   1.00 35.05  ? 103 LYS A N   1 
ATOM   369  C  CA  . LYS A 1 57  ? -7.395  7.196   3.693   1.00 36.61  ? 103 LYS A CA  1 
ATOM   370  C  C   . LYS A 1 57  ? -6.132  7.550   2.922   1.00 35.93  ? 103 LYS A C   1 
ATOM   371  O  O   . LYS A 1 57  ? -5.611  8.643   3.098   1.00 37.82  ? 103 LYS A O   1 
ATOM   372  C  CB  . LYS A 1 57  ? -7.124  5.999   4.633   1.00 40.18  ? 103 LYS A CB  1 
ATOM   373  C  CG  . LYS A 1 57  ? -7.993  5.938   5.881   1.00 41.56  ? 103 LYS A CG  1 
ATOM   374  C  CD  . LYS A 1 57  ? -7.336  5.160   7.017   1.00 45.23  ? 103 LYS A CD  1 
ATOM   375  C  CE  . LYS A 1 57  ? -7.524  3.660   6.862   1.00 47.32  ? 103 LYS A CE  1 
ATOM   376  N  NZ  . LYS A 1 57  ? -7.684  3.007   8.189   1.00 52.77  ? 103 LYS A NZ  1 
ATOM   377  N  N   . LEU A 1 58  ? -5.671  6.631   2.065   1.00 34.40  ? 104 LEU A N   1 
ATOM   378  C  CA  . LEU A 1 58  ? -4.435  6.792   1.288   1.00 35.08  ? 104 LEU A CA  1 
ATOM   379  C  C   . LEU A 1 58  ? -4.431  8.097   0.476   1.00 34.30  ? 104 LEU A C   1 
ATOM   380  O  O   . LEU A 1 58  ? -3.451  8.843   0.532   1.00 32.41  ? 104 LEU A O   1 
ATOM   381  C  CB  . LEU A 1 58  ? -4.187  5.573   0.373   1.00 37.49  ? 104 LEU A CB  1 
ATOM   382  C  CG  . LEU A 1 58  ? -2.898  5.494   -0.462  1.00 38.56  ? 104 LEU A CG  1 
ATOM   383  C  CD1 . LEU A 1 58  ? -1.697  5.094   0.378   1.00 39.34  ? 104 LEU A CD1 1 
ATOM   384  C  CD2 . LEU A 1 58  ? -3.048  4.554   -1.654  1.00 39.01  ? 104 LEU A CD2 1 
ATOM   385  N  N   . ALA A 1 59  ? -5.537  8.363   -0.230  1.00 31.69  ? 105 ALA A N   1 
ATOM   386  C  CA  . ALA A 1 59  ? -5.695  9.552   -1.070  1.00 32.57  ? 105 ALA A CA  1 
ATOM   387  C  C   . ALA A 1 59  ? -5.627  10.883  -0.310  1.00 33.32  ? 105 ALA A C   1 
ATOM   388  O  O   . ALA A 1 59  ? -5.223  11.897  -0.877  1.00 34.08  ? 105 ALA A O   1 
ATOM   389  C  CB  . ALA A 1 59  ? -6.974  9.460   -1.894  1.00 32.43  ? 105 ALA A CB  1 
ATOM   390  N  N   . GLY A 1 60  ? -6.010  10.878  0.968   1.00 33.97  ? 106 GLY A N   1 
ATOM   391  C  CA  . GLY A 1 60  ? -5.945  12.087  1.798   1.00 33.98  ? 106 GLY A CA  1 
ATOM   392  C  C   . GLY A 1 60  ? -4.533  12.390  2.275   1.00 34.72  ? 106 GLY A C   1 
ATOM   393  O  O   . GLY A 1 60  ? -4.200  13.538  2.564   1.00 33.72  ? 106 GLY A O   1 
ATOM   394  N  N   . ARG A 1 61  ? -3.704  11.349  2.347   1.00 36.63  ? 107 ARG A N   1 
ATOM   395  C  CA  . ARG A 1 61  ? -2.329  11.431  2.859   1.00 36.90  ? 107 ARG A CA  1 
ATOM   396  C  C   . ARG A 1 61  ? -1.281  11.687  1.768   1.00 37.26  ? 107 ARG A C   1 
ATOM   397  O  O   . ARG A 1 61  ? -0.336  12.446  1.987   1.00 40.87  ? 107 ARG A O   1 
ATOM   398  C  CB  . ARG A 1 61  ? -2.016  10.187  3.697   1.00 37.87  ? 107 ARG A CB  1 
ATOM   399  C  CG  . ARG A 1 61  ? -2.741  10.211  5.038   1.00 42.58  ? 107 ARG A CG  1 
ATOM   400  C  CD  . ARG A 1 61  ? -3.372  8.882   5.430   1.00 44.37  ? 107 ARG A CD  1 
ATOM   401  N  NE  . ARG A 1 61  ? -4.233  9.007   6.621   1.00 46.61  ? 107 ARG A NE  1 
ATOM   402  C  CZ  . ARG A 1 61  ? -5.482  9.504   6.639   1.00 48.01  ? 107 ARG A CZ  1 
ATOM   403  N  NH1 . ARG A 1 61  ? -6.067  9.966   5.522   1.00 45.48  ? 107 ARG A NH1 1 
ATOM   404  N  NH2 . ARG A 1 61  ? -6.152  9.560   7.792   1.00 43.46  ? 107 ARG A NH2 1 
ATOM   405  N  N   . TRP A 1 62  ? -1.474  11.076  0.595   1.00 36.97  ? 108 TRP A N   1 
ATOM   406  C  CA  . TRP A 1 62  ? -0.543  11.170  -0.539  1.00 38.37  ? 108 TRP A CA  1 
ATOM   407  C  C   . TRP A 1 62  ? -1.276  11.667  -1.790  1.00 41.01  ? 108 TRP A C   1 
ATOM   408  O  O   . TRP A 1 62  ? -2.510  11.622  -1.825  1.00 43.50  ? 108 TRP A O   1 
ATOM   409  C  CB  . TRP A 1 62  ? 0.132   9.813   -0.810  1.00 35.07  ? 108 TRP A CB  1 
ATOM   410  C  CG  . TRP A 1 62  ? 0.955   9.324   0.352   1.00 34.19  ? 108 TRP A CG  1 
ATOM   411  C  CD1 . TRP A 1 62  ? 0.635   8.304   1.207   1.00 33.98  ? 108 TRP A CD1 1 
ATOM   412  C  CD2 . TRP A 1 62  ? 2.217   9.848   0.807   1.00 34.13  ? 108 TRP A CD2 1 
ATOM   413  N  NE1 . TRP A 1 62  ? 1.620   8.147   2.157   1.00 34.73  ? 108 TRP A NE1 1 
ATOM   414  C  CE2 . TRP A 1 62  ? 2.599   9.082   1.946   1.00 34.46  ? 108 TRP A CE2 1 
ATOM   415  C  CE3 . TRP A 1 62  ? 3.065   10.885  0.369   1.00 33.47  ? 108 TRP A CE3 1 
ATOM   416  C  CZ2 . TRP A 1 62  ? 3.791   9.319   2.650   1.00 32.26  ? 108 TRP A CZ2 1 
ATOM   417  C  CZ3 . TRP A 1 62  ? 4.261   11.119  1.068   1.00 32.94  ? 108 TRP A CZ3 1 
ATOM   418  C  CH2 . TRP A 1 62  ? 4.607   10.336  2.201   1.00 33.37  ? 108 TRP A CH2 1 
ATOM   419  N  N   . PRO A 1 63  ? -0.533  12.183  -2.802  1.00 39.68  ? 109 PRO A N   1 
ATOM   420  C  CA  . PRO A 1 63  ? -1.265  12.490  -4.032  1.00 41.21  ? 109 PRO A CA  1 
ATOM   421  C  C   . PRO A 1 63  ? -1.376  11.230  -4.904  1.00 42.09  ? 109 PRO A C   1 
ATOM   422  O  O   . PRO A 1 63  ? -0.451  10.923  -5.667  1.00 45.36  ? 109 PRO A O   1 
ATOM   423  C  CB  . PRO A 1 63  ? -0.423  13.604  -4.692  1.00 37.19  ? 109 PRO A CB  1 
ATOM   424  C  CG  . PRO A 1 63  ? 0.955   13.434  -4.137  1.00 37.20  ? 109 PRO A CG  1 
ATOM   425  C  CD  . PRO A 1 63  ? 0.881   12.616  -2.872  1.00 38.51  ? 109 PRO A CD  1 
ATOM   426  N  N   . VAL A 1 64  ? -2.495  10.505  -4.757  1.00 38.87  ? 110 VAL A N   1 
ATOM   427  C  CA  . VAL A 1 64  ? -2.747  9.256   -5.490  1.00 35.97  ? 110 VAL A CA  1 
ATOM   428  C  C   . VAL A 1 64  ? -3.483  9.560   -6.803  1.00 38.31  ? 110 VAL A C   1 
ATOM   429  O  O   . VAL A 1 64  ? -4.646  10.000  -6.773  1.00 37.52  ? 110 VAL A O   1 
ATOM   430  C  CB  . VAL A 1 64  ? -3.554  8.216   -4.657  1.00 34.54  ? 110 VAL A CB  1 
ATOM   431  C  CG1 . VAL A 1 64  ? -3.580  6.863   -5.366  1.00 31.99  ? 110 VAL A CG1 1 
ATOM   432  C  CG2 . VAL A 1 64  ? -2.993  8.067   -3.249  1.00 31.84  ? 110 VAL A CG2 1 
ATOM   433  N  N   . LYS A 1 65  ? -2.804  9.328   -7.933  1.00 35.58  ? 111 LYS A N   1 
ATOM   434  C  CA  . LYS A 1 65  ? -3.382  9.531   -9.263  1.00 36.01  ? 111 LYS A CA  1 
ATOM   435  C  C   . LYS A 1 65  ? -3.894  8.227   -9.876  1.00 35.64  ? 111 LYS A C   1 
ATOM   436  O  O   . LYS A 1 65  ? -5.048  8.159   -10.331 1.00 32.21  ? 111 LYS A O   1 
ATOM   437  C  CB  . LYS A 1 65  ? -2.376  10.212  -10.218 1.00 38.30  ? 111 LYS A CB  1 
ATOM   438  N  N   . THR A 1 66  ? -3.033  7.204   -9.919  1.00 33.89  ? 112 THR A N   1 
ATOM   439  C  CA  . THR A 1 66  ? -3.422  5.915   -10.507 1.00 34.98  ? 112 THR A CA  1 
ATOM   440  C  C   . THR A 1 66  ? -3.078  4.759   -9.583  1.00 35.90  ? 112 THR A C   1 
ATOM   441  O  O   . THR A 1 66  ? -2.076  4.807   -8.842  1.00 35.70  ? 112 THR A O   1 
ATOM   442  C  CB  . THR A 1 66  ? -2.824  5.660   -11.916 1.00 33.27  ? 112 THR A CB  1 
ATOM   443  O  OG1 . THR A 1 66  ? -1.403  5.697   -11.844 1.00 36.89  ? 112 THR A OG1 1 
ATOM   444  C  CG2 . THR A 1 66  ? -3.308  6.690   -12.947 1.00 32.33  ? 112 THR A CG2 1 
ATOM   445  N  N   . VAL A 1 67  ? -3.933  3.740   -9.622  1.00 33.59  ? 113 VAL A N   1 
ATOM   446  C  CA  . VAL A 1 67  ? -3.759  2.543   -8.808  1.00 35.13  ? 113 VAL A CA  1 
ATOM   447  C  C   . VAL A 1 67  ? -3.718  1.296   -9.701  1.00 35.50  ? 113 VAL A C   1 
ATOM   448  O  O   . VAL A 1 67  ? -4.612  1.075   -10.527 1.00 34.16  ? 113 VAL A O   1 
ATOM   449  C  CB  . VAL A 1 67  ? -4.843  2.428   -7.693  1.00 35.52  ? 113 VAL A CB  1 
ATOM   450  C  CG1 . VAL A 1 67  ? -4.693  1.139   -6.913  1.00 37.58  ? 113 VAL A CG1 1 
ATOM   451  C  CG2 . VAL A 1 67  ? -4.776  3.593   -6.718  1.00 33.36  ? 113 VAL A CG2 1 
ATOM   452  N  N   . HIS A 1 68  ? -2.642  0.524   -9.557  1.00 37.40  ? 114 HIS A N   1 
ATOM   453  C  CA  . HIS A 1 68  ? -2.530  -0.812  -10.137 1.00 40.59  ? 114 HIS A CA  1 
ATOM   454  C  C   . HIS A 1 68  ? -2.816  -1.880  -9.069  1.00 39.84  ? 114 HIS A C   1 
ATOM   455  O  O   . HIS A 1 68  ? -2.743  -1.608  -7.862  1.00 40.79  ? 114 HIS A O   1 
ATOM   456  C  CB  . HIS A 1 68  ? -1.158  -1.033  -10.818 1.00 44.20  ? 114 HIS A CB  1 
ATOM   457  C  CG  . HIS A 1 68  ? -1.079  -2.294  -11.642 1.00 53.21  ? 114 HIS A CG  1 
ATOM   458  N  ND1 . HIS A 1 68  ? -0.149  -3.287  -11.405 1.00 54.08  ? 114 HIS A ND1 1 
ATOM   459  C  CD2 . HIS A 1 68  ? -1.840  -2.737  -12.677 1.00 52.71  ? 114 HIS A CD2 1 
ATOM   460  C  CE1 . HIS A 1 68  ? -0.326  -4.273  -12.269 1.00 53.58  ? 114 HIS A CE1 1 
ATOM   461  N  NE2 . HIS A 1 68  ? -1.346  -3.965  -13.049 1.00 54.40  ? 114 HIS A NE2 1 
ATOM   462  N  N   . THR A 1 69  ? -3.182  -3.078  -9.531  1.00 37.31  ? 115 THR A N   1 
ATOM   463  C  CA  . THR A 1 69  ? -3.396  -4.251  -8.694  1.00 35.81  ? 115 THR A CA  1 
ATOM   464  C  C   . THR A 1 69  ? -3.118  -5.492  -9.522  1.00 37.46  ? 115 THR A C   1 
ATOM   465  O  O   . THR A 1 69  ? -3.250  -5.458  -10.747 1.00 38.93  ? 115 THR A O   1 
ATOM   466  C  CB  . THR A 1 69  ? -4.841  -4.319  -8.121  1.00 35.58  ? 115 THR A CB  1 
ATOM   467  O  OG1 . THR A 1 69  ? -4.953  -5.448  -7.234  1.00 34.73  ? 115 THR A OG1 1 
ATOM   468  C  CG2 . THR A 1 69  ? -5.917  -4.417  -9.243  1.00 33.10  ? 115 THR A CG2 1 
ATOM   469  N  N   . ASP A 1 70  ? -2.747  -6.580  -8.844  1.00 38.63  ? 116 ASP A N   1 
ATOM   470  C  CA  . ASP A 1 70  ? -2.596  -7.908  -9.469  1.00 37.67  ? 116 ASP A CA  1 
ATOM   471  C  C   . ASP A 1 70  ? -3.869  -8.783  -9.422  1.00 36.40  ? 116 ASP A C   1 
ATOM   472  O  O   . ASP A 1 70  ? -3.867  -9.939  -9.878  1.00 36.09  ? 116 ASP A O   1 
ATOM   473  C  CB  . ASP A 1 70  ? -1.384  -8.644  -8.879  1.00 39.01  ? 116 ASP A CB  1 
ATOM   474  C  CG  . ASP A 1 70  ? -0.028  -8.130  -9.447  1.00 44.03  ? 116 ASP A CG  1 
ATOM   475  O  OD1 . ASP A 1 70  ? 0.004   -7.296  -10.402 1.00 40.78  ? 116 ASP A OD1 1 
ATOM   476  O  OD2 . ASP A 1 70  ? 1.021   -8.578  -8.920  1.00 45.23  ? 116 ASP A OD2 1 
ATOM   477  N  N   . ASN A 1 71  ? -4.940  -8.221  -8.864  1.00 33.27  ? 117 ASN A N   1 
ATOM   478  C  CA  . ASN A 1 71  ? -6.263  -8.830  -8.897  1.00 32.31  ? 117 ASN A CA  1 
ATOM   479  C  C   . ASN A 1 71  ? -7.298  -7.771  -9.276  1.00 31.69  ? 117 ASN A C   1 
ATOM   480  O  O   . ASN A 1 71  ? -7.848  -7.104  -8.402  1.00 31.85  ? 117 ASN A O   1 
ATOM   481  C  CB  . ASN A 1 71  ? -6.604  -9.494  -7.550  1.00 31.61  ? 117 ASN A CB  1 
ATOM   482  C  CG  . ASN A 1 71  ? -7.906  -10.308 -7.583  1.00 33.49  ? 117 ASN A CG  1 
ATOM   483  O  OD1 . ASN A 1 71  ? -8.614  -10.379 -8.599  1.00 33.61  ? 117 ASN A OD1 1 
ATOM   484  N  ND2 . ASN A 1 71  ? -8.230  -10.923 -6.449  1.00 32.75  ? 117 ASN A ND2 1 
ATOM   485  N  N   . GLY A 1 72  ? -7.562  -7.641  -10.580 1.00 31.39  ? 118 GLY A N   1 
ATOM   486  C  CA  . GLY A 1 72  ? -8.501  -6.659  -11.124 1.00 30.80  ? 118 GLY A CA  1 
ATOM   487  C  C   . GLY A 1 72  ? -9.871  -6.636  -10.472 1.00 32.74  ? 118 GLY A C   1 
ATOM   488  O  O   . GLY A 1 72  ? -10.458 -5.556  -10.307 1.00 34.36  ? 118 GLY A O   1 
ATOM   489  N  N   . SER A 1 73  ? -10.372 -7.813  -10.082 1.00 32.88  ? 119 SER A N   1 
ATOM   490  C  CA  . SER A 1 73  ? -11.694 -7.944  -9.438  1.00 35.00  ? 119 SER A CA  1 
ATOM   491  C  C   . SER A 1 73  ? -11.804 -7.213  -8.101  1.00 35.87  ? 119 SER A C   1 
ATOM   492  O  O   . SER A 1 73  ? -12.915 -6.943  -7.637  1.00 39.49  ? 119 SER A O   1 
ATOM   493  C  CB  . SER A 1 73  ? -12.130 -9.411  -9.302  1.00 34.17  ? 119 SER A CB  1 
ATOM   494  O  OG  . SER A 1 73  ? -11.247 -10.128 -8.466  1.00 35.69  ? 119 SER A OG  1 
ATOM   495  N  N   . ASN A 1 74  ? -10.658 -6.892  -7.495  1.00 36.62  ? 120 ASN A N   1 
ATOM   496  C  CA  . ASN A 1 74  ? -10.580 -5.979  -6.344  1.00 36.91  ? 120 ASN A CA  1 
ATOM   497  C  C   . ASN A 1 74  ? -11.349 -4.653  -6.560  1.00 37.41  ? 120 ASN A C   1 
ATOM   498  O  O   . ASN A 1 74  ? -11.876 -4.086  -5.605  1.00 36.34  ? 120 ASN A O   1 
ATOM   499  C  CB  . ASN A 1 74  ? -9.106  -5.628  -6.031  1.00 37.39  ? 120 ASN A CB  1 
ATOM   500  C  CG  . ASN A 1 74  ? -8.346  -6.746  -5.316  1.00 36.58  ? 120 ASN A CG  1 
ATOM   501  O  OD1 . ASN A 1 74  ? -8.945  -7.667  -4.731  1.00 36.38  ? 120 ASN A OD1 1 
ATOM   502  N  ND2 . ASN A 1 74  ? -7.000  -6.653  -5.344  1.00 31.01  ? 120 ASN A ND2 1 
ATOM   503  N  N   . PHE A 1 75  ? -11.390 -4.167  -7.805  1.00 36.43  ? 121 PHE A N   1 
ATOM   504  C  CA  . PHE A 1 75  ? -11.829 -2.796  -8.093  1.00 39.96  ? 121 PHE A CA  1 
ATOM   505  C  C   . PHE A 1 75  ? -13.190 -2.684  -8.786  1.00 40.26  ? 121 PHE A C   1 
ATOM   506  O  O   . PHE A 1 75  ? -13.540 -1.611  -9.285  1.00 41.32  ? 121 PHE A O   1 
ATOM   507  C  CB  . PHE A 1 75  ? -10.750 -2.035  -8.896  1.00 43.12  ? 121 PHE A CB  1 
ATOM   508  C  CG  . PHE A 1 75  ? -9.445  -1.806  -8.142  1.00 47.65  ? 121 PHE A CG  1 
ATOM   509  C  CD1 . PHE A 1 75  ? -9.391  -1.809  -6.735  1.00 46.96  ? 121 PHE A CD1 1 
ATOM   510  C  CD2 . PHE A 1 75  ? -8.265  -1.533  -8.851  1.00 48.43  ? 121 PHE A CD2 1 
ATOM   511  C  CE1 . PHE A 1 75  ? -8.186  -1.597  -6.067  1.00 49.76  ? 121 PHE A CE1 1 
ATOM   512  C  CE2 . PHE A 1 75  ? -7.065  -1.305  -8.187  1.00 47.90  ? 121 PHE A CE2 1 
ATOM   513  C  CZ  . PHE A 1 75  ? -7.026  -1.345  -6.794  1.00 48.78  ? 121 PHE A CZ  1 
ATOM   514  N  N   . THR A 1 76  ? -13.947 -3.784  -8.799  1.00 39.88  ? 122 THR A N   1 
ATOM   515  C  CA  . THR A 1 76  ? -15.228 -3.880  -9.506  1.00 40.53  ? 122 THR A CA  1 
ATOM   516  C  C   . THR A 1 76  ? -16.447 -3.383  -8.714  1.00 40.82  ? 122 THR A C   1 
ATOM   517  O  O   . THR A 1 76  ? -17.461 -2.995  -9.311  1.00 42.25  ? 122 THR A O   1 
ATOM   518  C  CB  . THR A 1 76  ? -15.526 -5.331  -9.939  1.00 41.87  ? 122 THR A CB  1 
ATOM   519  O  OG1 . THR A 1 76  ? -15.532 -6.179  -8.782  1.00 41.06  ? 122 THR A OG1 1 
ATOM   520  C  CG2 . THR A 1 76  ? -14.506 -5.825  -10.961 1.00 40.14  ? 122 THR A CG2 1 
ATOM   521  N  N   . SER A 1 77  ? -16.352 -3.413  -7.384  1.00 41.17  ? 123 SER A N   1 
ATOM   522  C  CA  . SER A 1 77  ? -17.455 -3.025  -6.506  1.00 41.74  ? 123 SER A CA  1 
ATOM   523  C  C   . SER A 1 77  ? -17.760 -1.535  -6.566  1.00 42.45  ? 123 SER A C   1 
ATOM   524  O  O   . SER A 1 77  ? -16.853 -0.715  -6.767  1.00 40.36  ? 123 SER A O   1 
ATOM   525  C  CB  . SER A 1 77  ? -17.178 -3.436  -5.054  1.00 43.90  ? 123 SER A CB  1 
ATOM   526  O  OG  . SER A 1 77  ? -16.012 -2.803  -4.548  1.00 43.51  ? 123 SER A OG  1 
ATOM   527  N  N   . THR A 1 78  ? -19.046 -1.222  -6.387  1.00 41.81  ? 124 THR A N   1 
ATOM   528  C  CA  . THR A 1 78  ? -19.583 0.144   -6.293  1.00 42.56  ? 124 THR A CA  1 
ATOM   529  C  C   . THR A 1 78  ? -18.882 1.026   -5.236  1.00 40.32  ? 124 THR A C   1 
ATOM   530  O  O   . THR A 1 78  ? -18.572 2.196   -5.505  1.00 39.74  ? 124 THR A O   1 
ATOM   531  C  CB  . THR A 1 78  ? -21.112 0.097   -6.037  1.00 42.76  ? 124 THR A CB  1 
ATOM   532  O  OG1 . THR A 1 78  ? -21.724 -0.654  -7.082  1.00 42.91  ? 124 THR A OG1 1 
ATOM   533  C  CG2 . THR A 1 78  ? -21.748 1.507   -5.999  1.00 43.89  ? 124 THR A CG2 1 
ATOM   534  N  N   . THR A 1 79  ? -18.639 0.472   -4.049  1.00 37.98  ? 125 THR A N   1 
ATOM   535  C  CA  . THR A 1 79  ? -17.920 1.210   -2.997  1.00 38.41  ? 125 THR A CA  1 
ATOM   536  C  C   . THR A 1 79  ? -16.529 1.671   -3.430  1.00 37.20  ? 125 THR A C   1 
ATOM   537  O  O   . THR A 1 79  ? -16.197 2.850   -3.263  1.00 38.68  ? 125 THR A O   1 
ATOM   538  C  CB  . THR A 1 79  ? -17.831 0.432   -1.676  1.00 39.15  ? 125 THR A CB  1 
ATOM   539  O  OG1 . THR A 1 79  ? -17.520 -0.944  -1.942  1.00 41.15  ? 125 THR A OG1 1 
ATOM   540  C  CG2 . THR A 1 79  ? -19.139 0.518   -0.953  1.00 38.39  ? 125 THR A CG2 1 
ATOM   541  N  N   . VAL A 1 80  ? -15.734 0.756   -3.993  1.00 36.11  ? 126 VAL A N   1 
ATOM   542  C  CA  . VAL A 1 80  ? -14.391 1.078   -4.489  1.00 35.77  ? 126 VAL A CA  1 
ATOM   543  C  C   . VAL A 1 80  ? -14.499 2.156   -5.574  1.00 36.77  ? 126 VAL A C   1 
ATOM   544  O  O   . VAL A 1 80  ? -13.798 3.178   -5.517  1.00 37.24  ? 126 VAL A O   1 
ATOM   545  C  CB  . VAL A 1 80  ? -13.620 -0.184  -4.985  1.00 35.83  ? 126 VAL A CB  1 
ATOM   546  C  CG1 . VAL A 1 80  ? -12.333 0.196   -5.714  1.00 35.56  ? 126 VAL A CG1 1 
ATOM   547  C  CG2 . VAL A 1 80  ? -13.298 -1.117  -3.823  1.00 35.52  ? 126 VAL A CG2 1 
ATOM   548  N  N   . LYS A 1 81  ? -15.412 1.942   -6.521  1.00 36.68  ? 127 LYS A N   1 
ATOM   549  C  CA  . LYS A 1 81  ? -15.646 2.879   -7.619  1.00 36.54  ? 127 LYS A CA  1 
ATOM   550  C  C   . LYS A 1 81  ? -16.046 4.275   -7.133  1.00 35.16  ? 127 LYS A C   1 
ATOM   551  O  O   . LYS A 1 81  ? -15.600 5.277   -7.704  1.00 34.39  ? 127 LYS A O   1 
ATOM   552  C  CB  . LYS A 1 81  ? -16.682 2.330   -8.585  1.00 36.75  ? 127 LYS A CB  1 
ATOM   553  C  CG  . LYS A 1 81  ? -16.163 1.226   -9.485  1.00 40.03  ? 127 LYS A CG  1 
ATOM   554  C  CD  . LYS A 1 81  ? -17.341 0.501   -10.113 1.00 44.01  ? 127 LYS A CD  1 
ATOM   555  C  CE  . LYS A 1 81  ? -16.920 -0.346  -11.303 1.00 48.85  ? 127 LYS A CE  1 
ATOM   556  N  NZ  . LYS A 1 81  ? -18.114 -1.012  -11.906 1.00 50.92  ? 127 LYS A NZ  1 
ATOM   557  N  N   . ALA A 1 82  ? -16.864 4.320   -6.079  1.00 32.82  ? 128 ALA A N   1 
ATOM   558  C  CA  . ALA A 1 82  ? -17.269 5.569   -5.431  1.00 33.06  ? 128 ALA A CA  1 
ATOM   559  C  C   . ALA A 1 82  ? -16.072 6.336   -4.840  1.00 33.75  ? 128 ALA A C   1 
ATOM   560  O  O   . ALA A 1 82  ? -15.973 7.559   -5.026  1.00 33.43  ? 128 ALA A O   1 
ATOM   561  C  CB  . ALA A 1 82  ? -18.331 5.300   -4.370  1.00 34.28  ? 128 ALA A CB  1 
ATOM   562  N  N   . ALA A 1 83  ? -15.167 5.613   -4.167  1.00 31.71  ? 129 ALA A N   1 
ATOM   563  C  CA  . ALA A 1 83  ? -13.915 6.176   -3.628  1.00 31.31  ? 129 ALA A CA  1 
ATOM   564  C  C   . ALA A 1 83  ? -12.972 6.729   -4.698  1.00 31.32  ? 129 ALA A C   1 
ATOM   565  O  O   . ALA A 1 83  ? -12.435 7.828   -4.558  1.00 33.48  ? 129 ALA A O   1 
ATOM   566  C  CB  . ALA A 1 83  ? -13.185 5.143   -2.766  1.00 30.07  ? 129 ALA A CB  1 
HETATM 567  N  N   . CAF A 1 84  ? -12.760 5.961   -5.758  1.00 33.34  ? 130 CAF A N   1 
HETATM 568  C  CA  . CAF A 1 84  ? -11.909 6.379   -6.882  1.00 33.22  ? 130 CAF A CA  1 
HETATM 569  C  CB  . CAF A 1 84  ? -11.694 5.210   -7.827  1.00 37.26  ? 130 CAF A CB  1 
HETATM 570  C  C   . CAF A 1 84  ? -12.518 7.553   -7.595  1.00 31.67  ? 130 CAF A C   1 
HETATM 571  O  O   . CAF A 1 84  ? -11.801 8.488   -7.957  1.00 31.64  ? 130 CAF A O   1 
HETATM 572  S  SG  . CAF A 1 84  ? -10.700 3.976   -7.039  1.00 42.36  ? 130 CAF A SG  1 
HETATM 573  AS AS  . CAF A 1 84  ? -9.988  2.905   -8.828  1.00 51.39  ? 130 CAF A AS  1 
HETATM 574  C  CE1 . CAF A 1 84  ? -8.181  2.280   -8.410  1.00 51.60  ? 130 CAF A CE1 1 
HETATM 575  O  O1  . CAF A 1 84  ? -11.031 1.518   -8.920  1.00 50.68  ? 130 CAF A O1  1 
ATOM   576  N  N   . TRP A 1 85  ? -13.842 7.531   -7.772  1.00 30.21  ? 131 TRP A N   1 
ATOM   577  C  CA  . TRP A 1 85  ? -14.576 8.678   -8.309  1.00 30.64  ? 131 TRP A CA  1 
ATOM   578  C  C   . TRP A 1 85  ? -14.394 9.970   -7.482  1.00 30.09  ? 131 TRP A C   1 
ATOM   579  O  O   . TRP A 1 85  ? -14.064 11.014  -8.044  1.00 30.22  ? 131 TRP A O   1 
ATOM   580  C  CB  . TRP A 1 85  ? -16.066 8.356   -8.518  1.00 32.11  ? 131 TRP A CB  1 
ATOM   581  C  CG  . TRP A 1 85  ? -16.872 9.580   -8.814  1.00 33.04  ? 131 TRP A CG  1 
ATOM   582  C  CD1 . TRP A 1 85  ? -17.013 10.200  -10.028 1.00 32.36  ? 131 TRP A CD1 1 
ATOM   583  C  CD2 . TRP A 1 85  ? -17.606 10.372  -7.869  1.00 32.81  ? 131 TRP A CD2 1 
ATOM   584  N  NE1 . TRP A 1 85  ? -17.803 11.320  -9.899  1.00 31.77  ? 131 TRP A NE1 1 
ATOM   585  C  CE2 . TRP A 1 85  ? -18.175 11.459  -8.588  1.00 32.09  ? 131 TRP A CE2 1 
ATOM   586  C  CE3 . TRP A 1 85  ? -17.839 10.275  -6.479  1.00 31.05  ? 131 TRP A CE3 1 
ATOM   587  C  CZ2 . TRP A 1 85  ? -18.975 12.437  -7.969  1.00 31.50  ? 131 TRP A CZ2 1 
ATOM   588  C  CZ3 . TRP A 1 85  ? -18.626 11.244  -5.865  1.00 30.20  ? 131 TRP A CZ3 1 
ATOM   589  C  CH2 . TRP A 1 85  ? -19.195 12.311  -6.614  1.00 30.60  ? 131 TRP A CH2 1 
ATOM   590  N  N   . TRP A 1 86  ? -14.581 9.883   -6.163  1.00 29.09  ? 132 TRP A N   1 
ATOM   591  C  CA  . TRP A 1 86  ? -14.545 11.060  -5.282  1.00 30.05  ? 132 TRP A CA  1 
ATOM   592  C  C   . TRP A 1 86  ? -13.128 11.636  -5.115  1.00 30.31  ? 132 TRP A C   1 
ATOM   593  O  O   . TRP A 1 86  ? -12.943 12.851  -5.128  1.00 29.05  ? 132 TRP A O   1 
ATOM   594  C  CB  . TRP A 1 86  ? -15.181 10.759  -3.905  1.00 30.49  ? 132 TRP A CB  1 
ATOM   595  C  CG  . TRP A 1 86  ? -15.366 12.005  -3.069  1.00 30.95  ? 132 TRP A CG  1 
ATOM   596  C  CD1 . TRP A 1 86  ? -16.458 12.837  -3.066  1.00 31.70  ? 132 TRP A CD1 1 
ATOM   597  C  CD2 . TRP A 1 86  ? -14.410 12.592  -2.158  1.00 30.86  ? 132 TRP A CD2 1 
ATOM   598  N  NE1 . TRP A 1 86  ? -16.244 13.899  -2.203  1.00 32.70  ? 132 TRP A NE1 1 
ATOM   599  C  CE2 . TRP A 1 86  ? -15.004 13.767  -1.626  1.00 31.06  ? 132 TRP A CE2 1 
ATOM   600  C  CE3 . TRP A 1 86  ? -13.120 12.227  -1.728  1.00 30.77  ? 132 TRP A CE3 1 
ATOM   601  C  CZ2 . TRP A 1 86  ? -14.349 14.584  -0.690  1.00 29.62  ? 132 TRP A CZ2 1 
ATOM   602  C  CZ3 . TRP A 1 86  ? -12.468 13.042  -0.799  1.00 29.98  ? 132 TRP A CZ3 1 
ATOM   603  C  CH2 . TRP A 1 86  ? -13.085 14.210  -0.295  1.00 30.04  ? 132 TRP A CH2 1 
ATOM   604  N  N   . ALA A 1 87  ? -12.146 10.748  -4.955  1.00 30.77  ? 133 ALA A N   1 
ATOM   605  C  CA  . ALA A 1 87  ? -10.744 11.132  -4.799  1.00 29.58  ? 133 ALA A CA  1 
ATOM   606  C  C   . ALA A 1 87  ? -10.065 11.461  -6.130  1.00 29.43  ? 133 ALA A C   1 
ATOM   607  O  O   . ALA A 1 87  ? -8.963  12.006  -6.138  1.00 30.37  ? 133 ALA A O   1 
ATOM   608  C  CB  . ALA A 1 87  ? -9.977  10.049  -4.040  1.00 27.90  ? 133 ALA A CB  1 
ATOM   609  N  N   . GLY A 1 88  ? -10.723 11.138  -7.248  1.00 31.60  ? 134 GLY A N   1 
ATOM   610  C  CA  . GLY A 1 88  ? -10.189 11.395  -8.603  1.00 30.57  ? 134 GLY A CA  1 
ATOM   611  C  C   . GLY A 1 88  ? -9.073  10.432  -8.959  1.00 31.29  ? 134 GLY A C   1 
ATOM   612  O  O   . GLY A 1 88  ? -8.028  10.845  -9.469  1.00 30.23  ? 134 GLY A O   1 
ATOM   613  N  N   . ILE A 1 89  ? -9.289  9.147   -8.665  1.00 32.95  ? 135 ILE A N   1 
ATOM   614  C  CA  . ILE A 1 89  ? -8.284  8.102   -8.903  1.00 35.14  ? 135 ILE A CA  1 
ATOM   615  C  C   . ILE A 1 89  ? -8.702  7.311   -10.137 1.00 36.19  ? 135 ILE A C   1 
ATOM   616  O  O   . ILE A 1 89  ? -9.831  6.821   -10.208 1.00 38.01  ? 135 ILE A O   1 
ATOM   617  C  CB  . ILE A 1 89  ? -8.118  7.128   -7.700  1.00 34.96  ? 135 ILE A CB  1 
ATOM   618  C  CG1 . ILE A 1 89  ? -7.851  7.879   -6.382  1.00 34.43  ? 135 ILE A CG1 1 
ATOM   619  C  CG2 . ILE A 1 89  ? -7.013  6.112   -7.982  1.00 34.17  ? 135 ILE A CG2 1 
ATOM   620  C  CD1 . ILE A 1 89  ? -8.025  7.015   -5.149  1.00 32.90  ? 135 ILE A CD1 1 
ATOM   621  N  N   . LYS A 1 90  ? -7.787  7.200   -11.097 1.00 39.53  ? 136 LYS A N   1 
ATOM   622  C  CA  . LYS A 1 90  ? -7.957  6.348   -12.278 1.00 43.82  ? 136 LYS A CA  1 
ATOM   623  C  C   . LYS A 1 90  ? -7.301  4.974   -12.037 1.00 46.47  ? 136 LYS A C   1 
ATOM   624  O  O   . LYS A 1 90  ? -6.457  4.830   -11.144 1.00 46.50  ? 136 LYS A O   1 
ATOM   625  C  CB  . LYS A 1 90  ? -7.373  7.045   -13.519 1.00 40.64  ? 136 LYS A CB  1 
ATOM   626  N  N   . GLN A 1 91  ? -7.698  3.965   -12.810 1.00 51.35  ? 137 GLN A N   1 
ATOM   627  C  CA  . GLN A 1 91  ? -7.014  2.670   -12.763 1.00 60.94  ? 137 GLN A CA  1 
ATOM   628  C  C   . GLN A 1 91  ? -5.773  2.691   -13.667 1.00 66.50  ? 137 GLN A C   1 
ATOM   629  O  O   . GLN A 1 91  ? -5.854  3.132   -14.819 1.00 72.93  ? 137 GLN A O   1 
ATOM   630  C  CB  . GLN A 1 91  ? -7.967  1.525   -13.118 1.00 61.25  ? 137 GLN A CB  1 
ATOM   631  C  CG  . GLN A 1 91  ? -7.273  0.205   -13.420 1.00 65.42  ? 137 GLN A CG  1 
ATOM   632  C  CD  . GLN A 1 91  ? -7.824  -0.959  -12.626 1.00 71.02  ? 137 GLN A CD  1 
ATOM   633  O  OE1 . GLN A 1 91  ? -9.002  -1.314  -12.732 1.00 66.98  ? 137 GLN A OE1 1 
ATOM   634  N  NE2 . GLN A 1 91  ? -6.957  -1.579  -11.828 1.00 76.76  ? 137 GLN A NE2 1 
ATOM   635  N  N   . GLU A 1 92  ? -4.638  2.229   -13.133 1.00 69.88  ? 138 GLU A N   1 
ATOM   636  C  CA  . GLU A 1 92  ? -3.371  2.177   -13.875 1.00 73.95  ? 138 GLU A CA  1 
ATOM   637  C  C   . GLU A 1 92  ? -3.403  1.101   -14.968 1.00 75.52  ? 138 GLU A C   1 
ATOM   638  O  O   . GLU A 1 92  ? -3.583  -0.093  -14.681 1.00 73.02  ? 138 GLU A O   1 
ATOM   639  C  CB  . GLU A 1 92  ? -2.168  2.003   -12.917 1.00 72.04  ? 138 GLU A CB  1 
ATOM   640  C  CG  . GLU A 1 92  ? -0.790  1.784   -13.564 1.00 71.86  ? 138 GLU A CG  1 
ATOM   641  C  CD  . GLU A 1 92  ? -0.162  3.017   -14.237 1.00 73.55  ? 138 GLU A CD  1 
ATOM   642  O  OE1 . GLU A 1 92  ? -0.701  4.147   -14.169 1.00 71.76  ? 138 GLU A OE1 1 
ATOM   643  O  OE2 . GLU A 1 92  ? 0.918   2.852   -14.846 1.00 74.51  ? 138 GLU A OE2 1 
ATOM   644  N  N   . PHE A 1 93  ? -3.258  1.558   -16.216 1.00 79.94  ? 139 PHE A N   1 
ATOM   645  C  CA  . PHE A 1 93  ? -3.149  0.684   -17.394 1.00 86.20  ? 139 PHE A CA  1 
ATOM   646  C  C   . PHE A 1 93  ? -1.797  0.871   -18.113 1.00 87.73  ? 139 PHE A C   1 
ATOM   647  O  O   . PHE A 1 93  ? -1.709  0.774   -19.343 1.00 90.54  ? 139 PHE A O   1 
ATOM   648  C  CB  . PHE A 1 93  ? -4.340  0.892   -18.356 1.00 85.72  ? 139 PHE A CB  1 
ATOM   649  C  CG  . PHE A 1 93  ? -5.662  0.370   -17.833 1.00 87.73  ? 139 PHE A CG  1 
ATOM   650  C  CD1 . PHE A 1 93  ? -5.851  -1.000  -17.569 1.00 87.16  ? 139 PHE A CD1 1 
ATOM   651  C  CD2 . PHE A 1 93  ? -6.739  1.244   -17.630 1.00 84.92  ? 139 PHE A CD2 1 
ATOM   652  C  CE1 . PHE A 1 93  ? -7.074  -1.475  -17.095 1.00 86.15  ? 139 PHE A CE1 1 
ATOM   653  C  CE2 . PHE A 1 93  ? -7.964  0.770   -17.159 1.00 85.61  ? 139 PHE A CE2 1 
ATOM   654  C  CZ  . PHE A 1 93  ? -8.133  -0.591  -16.891 1.00 86.01  ? 139 PHE A CZ  1 
ATOM   655  N  N   . GLY A 1 94  ? -0.751  1.127   -17.321 1.00 92.13  ? 140 GLY A N   1 
ATOM   656  C  CA  . GLY A 1 94  ? 0.619   1.312   -17.819 1.00 93.99  ? 140 GLY A CA  1 
ATOM   657  C  C   . GLY A 1 94  ? 1.606   0.252   -17.350 1.00 96.61  ? 140 GLY A C   1 
ATOM   658  O  O   . GLY A 1 94  ? 2.569   -0.049  -18.063 1.00 100.69 ? 140 GLY A O   1 
ATOM   659  N  N   . ILE A 1 95  ? 1.381   -0.294  -16.149 1.00 94.96  ? 141 ILE A N   1 
ATOM   660  C  CA  . ILE A 1 95  ? 2.147   -1.436  -15.629 1.00 90.08  ? 141 ILE A CA  1 
ATOM   661  C  C   . ILE A 1 95  ? 1.475   -2.750  -16.073 1.00 89.42  ? 141 ILE A C   1 
ATOM   662  O  O   . ILE A 1 95  ? 0.358   -3.052  -15.625 1.00 85.47  ? 141 ILE A O   1 
ATOM   663  C  CB  . ILE A 1 95  ? 2.316   -1.383  -14.091 1.00 83.17  ? 141 ILE A CB  1 
ATOM   664  N  N   . PRO A 1 96  ? 2.139   -3.520  -16.975 1.00 90.59  ? 142 PRO A N   1 
ATOM   665  C  CA  . PRO A 1 96  ? 1.519   -4.721  -17.546 1.00 91.47  ? 142 PRO A CA  1 
ATOM   666  C  C   . PRO A 1 96  ? 1.552   -5.906  -16.582 1.00 93.54  ? 142 PRO A C   1 
ATOM   667  O  O   . PRO A 1 96  ? 0.626   -6.079  -15.787 1.00 97.46  ? 142 PRO A O   1 
ATOM   668  C  CB  . PRO A 1 96  ? 2.378   -5.017  -18.792 1.00 87.40  ? 142 PRO A CB  1 
ATOM   669  C  CG  . PRO A 1 96  ? 3.364   -3.895  -18.905 1.00 87.31  ? 142 PRO A CG  1 
ATOM   670  C  CD  . PRO A 1 96  ? 3.492   -3.319  -17.528 1.00 89.41  ? 142 PRO A CD  1 
ATOM   671  N  N   . SER A 1 107 ? 8.668   -8.348  -5.812  1.00 92.37  ? 153 SER A N   1 
ATOM   672  C  CA  . SER A 1 107 ? 7.459   -8.614  -5.042  1.00 94.77  ? 153 SER A CA  1 
ATOM   673  C  C   . SER A 1 107 ? 7.698   -8.333  -3.558  1.00 96.40  ? 153 SER A C   1 
ATOM   674  O  O   . SER A 1 107 ? 8.432   -9.068  -2.882  1.00 99.40  ? 153 SER A O   1 
ATOM   675  C  CB  . SER A 1 107 ? 6.985   -10.056 -5.264  1.00 93.66  ? 153 SER A CB  1 
ATOM   676  O  OG  . SER A 1 107 ? 5.740   -10.294 -4.630  1.00 88.95  ? 153 SER A OG  1 
ATOM   677  N  N   . MET A 1 108 ? 7.073   -7.260  -3.067  1.00 97.20  ? 154 MET A N   1 
ATOM   678  C  CA  . MET A 1 108 ? 7.269   -6.779  -1.690  1.00 92.79  ? 154 MET A CA  1 
ATOM   679  C  C   . MET A 1 108 ? 6.354   -7.406  -0.642  1.00 89.23  ? 154 MET A C   1 
ATOM   680  O  O   . MET A 1 108 ? 6.544   -7.187  0.552   1.00 91.25  ? 154 MET A O   1 
ATOM   681  C  CB  . MET A 1 108 ? 7.225   -5.247  -1.621  1.00 93.40  ? 154 MET A CB  1 
ATOM   682  C  CG  . MET A 1 108 ? 8.613   -4.624  -1.663  1.00 91.72  ? 154 MET A CG  1 
ATOM   683  S  SD  . MET A 1 108 ? 8.635   -2.919  -2.246  1.00 89.11  ? 154 MET A SD  1 
ATOM   684  C  CE  . MET A 1 108 ? 10.398  -2.648  -2.450  1.00 78.58  ? 154 MET A CE  1 
ATOM   685  N  N   . ASN A 1 109 ? 5.375   -8.187  -1.088  1.00 88.73  ? 155 ASN A N   1 
ATOM   686  C  CA  . ASN A 1 109 ? 4.586   -9.027  -0.184  1.00 89.61  ? 155 ASN A CA  1 
ATOM   687  C  C   . ASN A 1 109 ? 5.411   -10.209 0.341   1.00 89.82  ? 155 ASN A C   1 
ATOM   688  O  O   . ASN A 1 109 ? 5.141   -10.726 1.427   1.00 88.73  ? 155 ASN A O   1 
ATOM   689  C  CB  . ASN A 1 109 ? 3.286   -9.495  -0.853  1.00 87.34  ? 155 ASN A CB  1 
ATOM   690  C  CG  . ASN A 1 109 ? 2.353   -8.340  -1.194  1.00 89.57  ? 155 ASN A CG  1 
ATOM   691  O  OD1 . ASN A 1 109 ? 2.723   -7.407  -1.917  1.00 90.06  ? 155 ASN A OD1 1 
ATOM   692  N  ND2 . ASN A 1 109 ? 1.134   -8.399  -0.679  1.00 87.32  ? 155 ASN A ND2 1 
ATOM   693  N  N   . LYS A 1 110 ? 6.412   -10.623 -0.442  1.00 92.22  ? 156 LYS A N   1 
ATOM   694  C  CA  . LYS A 1 110 ? 7.431   -11.587 -0.009  1.00 85.92  ? 156 LYS A CA  1 
ATOM   695  C  C   . LYS A 1 110 ? 8.358   -10.953 1.036   1.00 80.06  ? 156 LYS A C   1 
ATOM   696  O  O   . LYS A 1 110 ? 8.605   -11.551 2.088   1.00 81.53  ? 156 LYS A O   1 
ATOM   697  C  CB  . LYS A 1 110 ? 8.235   -12.110 -1.208  1.00 84.78  ? 156 LYS A CB  1 
ATOM   698  N  N   . GLU A 1 111 ? 8.843   -9.742  0.738   1.00 70.64  ? 157 GLU A N   1 
ATOM   699  C  CA  . GLU A 1 111 ? 9.713   -8.967  1.631   1.00 68.22  ? 157 GLU A CA  1 
ATOM   700  C  C   . GLU A 1 111 ? 9.036   -8.572  2.960   1.00 68.06  ? 157 GLU A C   1 
ATOM   701  O  O   . GLU A 1 111 ? 9.624   -8.754  4.039   1.00 65.36  ? 157 GLU A O   1 
ATOM   702  C  CB  . GLU A 1 111 ? 10.293  -7.736  0.895   1.00 69.47  ? 157 GLU A CB  1 
ATOM   703  C  CG  . GLU A 1 111 ? 10.842  -6.599  1.764   1.00 72.90  ? 157 GLU A CG  1 
ATOM   704  C  CD  . GLU A 1 111 ? 12.171  -6.910  2.453   1.00 76.87  ? 157 GLU A CD  1 
ATOM   705  O  OE1 . GLU A 1 111 ? 12.250  -7.852  3.278   1.00 78.15  ? 157 GLU A OE1 1 
ATOM   706  O  OE2 . GLU A 1 111 ? 13.152  -6.187  2.189   1.00 83.00  ? 157 GLU A OE2 1 
ATOM   707  N  N   . LEU A 1 112 ? 7.813   -8.042  2.880   1.00 65.02  ? 158 LEU A N   1 
ATOM   708  C  CA  . LEU A 1 112 ? 7.069   -7.615  4.074   1.00 60.10  ? 158 LEU A CA  1 
ATOM   709  C  C   . LEU A 1 112 ? 6.765   -8.789  4.991   1.00 54.19  ? 158 LEU A C   1 
ATOM   710  O  O   . LEU A 1 112 ? 6.792   -8.625  6.208   1.00 51.77  ? 158 LEU A O   1 
ATOM   711  C  CB  . LEU A 1 112 ? 5.777   -6.857  3.717   1.00 61.53  ? 158 LEU A CB  1 
ATOM   712  C  CG  . LEU A 1 112 ? 5.095   -6.048  4.836   1.00 61.11  ? 158 LEU A CG  1 
ATOM   713  C  CD1 . LEU A 1 112 ? 5.647   -4.630  4.947   1.00 60.50  ? 158 LEU A CD1 1 
ATOM   714  C  CD2 . LEU A 1 112 ? 3.589   -6.024  4.622   1.00 61.11  ? 158 LEU A CD2 1 
ATOM   715  N  N   . LYS A 1 113 ? 6.502   -9.960  4.402   1.00 51.41  ? 159 LYS A N   1 
ATOM   716  C  CA  . LYS A 1 113 ? 6.250   -11.195 5.165   1.00 52.13  ? 159 LYS A CA  1 
ATOM   717  C  C   . LYS A 1 113 ? 7.481   -11.668 5.941   1.00 50.65  ? 159 LYS A C   1 
ATOM   718  O  O   . LYS A 1 113 ? 7.337   -12.229 7.033   1.00 49.83  ? 159 LYS A O   1 
ATOM   719  C  CB  . LYS A 1 113 ? 5.706   -12.318 4.269   1.00 53.18  ? 159 LYS A CB  1 
ATOM   720  N  N   . LYS A 1 114 ? 8.673   -11.431 5.373   1.00 52.01  ? 160 LYS A N   1 
ATOM   721  C  CA  . LYS A 1 114 ? 9.964   -11.711 6.029   1.00 51.59  ? 160 LYS A CA  1 
ATOM   722  C  C   . LYS A 1 114 ? 10.123  -10.874 7.291   1.00 52.41  ? 160 LYS A C   1 
ATOM   723  O  O   . LYS A 1 114 ? 10.461  -11.411 8.353   1.00 51.95  ? 160 LYS A O   1 
ATOM   724  C  CB  . LYS A 1 114 ? 11.153  -11.468 5.083   1.00 51.24  ? 160 LYS A CB  1 
ATOM   725  N  N   . ILE A 1 115 ? 9.848   -9.571  7.167   1.00 52.23  ? 161 ILE A N   1 
ATOM   726  C  CA  . ILE A 1 115 ? 9.931   -8.628  8.291   1.00 51.24  ? 161 ILE A CA  1 
ATOM   727  C  C   . ILE A 1 115 ? 8.892   -8.945  9.386   1.00 51.85  ? 161 ILE A C   1 
ATOM   728  O  O   . ILE A 1 115 ? 9.233   -8.905  10.582  1.00 53.43  ? 161 ILE A O   1 
ATOM   729  C  CB  . ILE A 1 115 ? 9.893   -7.138  7.840   1.00 50.93  ? 161 ILE A CB  1 
ATOM   730  C  CG1 . ILE A 1 115 ? 10.906  -6.881  6.710   1.00 49.40  ? 161 ILE A CG1 1 
ATOM   731  C  CG2 . ILE A 1 115 ? 10.199  -6.217  9.015   1.00 49.70  ? 161 ILE A CG2 1 
ATOM   732  C  CD1 . ILE A 1 115 ? 10.709  -5.573  5.964   1.00 50.56  ? 161 ILE A CD1 1 
ATOM   733  N  N   . ILE A 1 116 ? 7.659   -9.288  8.982   1.00 48.93  ? 162 ILE A N   1 
ATOM   734  C  CA  . ILE A 1 116 ? 6.598   -9.698  9.931   1.00 48.87  ? 162 ILE A CA  1 
ATOM   735  C  C   . ILE A 1 116 ? 7.040   -10.940 10.736  1.00 50.79  ? 162 ILE A C   1 
ATOM   736  O  O   . ILE A 1 116 ? 6.884   -10.971 11.960  1.00 53.98  ? 162 ILE A O   1 
ATOM   737  C  CB  . ILE A 1 116 ? 5.207   -9.914  9.245   1.00 47.46  ? 162 ILE A CB  1 
ATOM   738  C  CG1 . ILE A 1 116 ? 4.684   -8.614  8.618   1.00 45.52  ? 162 ILE A CG1 1 
ATOM   739  C  CG2 . ILE A 1 116 ? 4.165   -10.433 10.238  1.00 45.50  ? 162 ILE A CG2 1 
ATOM   740  C  CD1 . ILE A 1 116 ? 3.727   -8.800  7.453   1.00 44.35  ? 162 ILE A CD1 1 
ATOM   741  N  N   . GLY A 1 117 ? 7.608   -11.933 10.045  1.00 51.91  ? 163 GLY A N   1 
ATOM   742  C  CA  . GLY A 1 117 ? 8.102   -13.179 10.660  1.00 51.81  ? 163 GLY A CA  1 
ATOM   743  C  C   . GLY A 1 117 ? 9.233   -12.985 11.663  1.00 51.19  ? 163 GLY A C   1 
ATOM   744  O  O   . GLY A 1 117 ? 9.282   -13.670 12.689  1.00 50.43  ? 163 GLY A O   1 
ATOM   745  N  N   . GLN A 1 118 ? 10.131  -12.046 11.362  1.00 49.70  ? 164 GLN A N   1 
ATOM   746  C  CA  . GLN A 1 118 ? 11.242  -11.684 12.254  1.00 51.80  ? 164 GLN A CA  1 
ATOM   747  C  C   . GLN A 1 118 ? 10.779  -11.029 13.552  1.00 51.50  ? 164 GLN A C   1 
ATOM   748  O  O   . GLN A 1 118 ? 11.367  -11.257 14.604  1.00 54.13  ? 164 GLN A O   1 
ATOM   749  C  CB  . GLN A 1 118 ? 12.201  -10.732 11.552  1.00 48.39  ? 164 GLN A CB  1 
ATOM   750  C  CG  . GLN A 1 118 ? 12.946  -11.344 10.387  1.00 49.27  ? 164 GLN A CG  1 
ATOM   751  C  CD  . GLN A 1 118 ? 13.406  -10.303 9.388   1.00 49.38  ? 164 GLN A CD  1 
ATOM   752  O  OE1 . GLN A 1 118 ? 13.163  -9.100  9.550   1.00 48.60  ? 164 GLN A OE1 1 
ATOM   753  N  NE2 . GLN A 1 118 ? 14.073  -10.762 8.344   1.00 49.35  ? 164 GLN A NE2 1 
ATOM   754  N  N   . VAL A 1 119 ? 9.718   -10.223 13.460  1.00 54.59  ? 165 VAL A N   1 
ATOM   755  C  CA  . VAL A 1 119 ? 9.237   -9.410  14.585  1.00 50.13  ? 165 VAL A CA  1 
ATOM   756  C  C   . VAL A 1 119 ? 7.961   -9.939  15.230  1.00 48.44  ? 165 VAL A C   1 
ATOM   757  O  O   . VAL A 1 119 ? 7.467   -9.319  16.171  1.00 48.85  ? 165 VAL A O   1 
ATOM   758  C  CB  . VAL A 1 119 ? 9.070   -7.904  14.209  1.00 50.68  ? 165 VAL A CB  1 
ATOM   759  C  CG1 . VAL A 1 119 ? 10.343  -7.351  13.585  1.00 49.83  ? 165 VAL A CG1 1 
ATOM   760  C  CG2 . VAL A 1 119 ? 7.860   -7.660  13.300  1.00 51.60  ? 165 VAL A CG2 1 
ATOM   761  N  N   . ARG A 1 120 ? 7.441   -11.071 14.736  1.00 48.70  ? 166 ARG A N   1 
ATOM   762  C  CA  . ARG A 1 120 ? 6.125   -11.594 15.166  1.00 48.51  ? 166 ARG A CA  1 
ATOM   763  C  C   . ARG A 1 120 ? 6.011   -11.797 16.669  1.00 53.44  ? 166 ARG A C   1 
ATOM   764  O  O   . ARG A 1 120 ? 4.996   -11.413 17.261  1.00 55.16  ? 166 ARG A O   1 
ATOM   765  C  CB  . ARG A 1 120 ? 5.735   -12.889 14.416  1.00 45.97  ? 166 ARG A CB  1 
ATOM   766  C  CG  . ARG A 1 120 ? 4.297   -13.376 14.644  1.00 41.87  ? 166 ARG A CG  1 
ATOM   767  C  CD  . ARG A 1 120 ? 3.258   -12.386 14.125  1.00 40.99  ? 166 ARG A CD  1 
ATOM   768  N  NE  . ARG A 1 120 ? 1.885   -12.659 14.566  1.00 40.44  ? 166 ARG A NE  1 
ATOM   769  C  CZ  . ARG A 1 120 ? 1.357   -12.291 15.737  1.00 40.13  ? 166 ARG A CZ  1 
ATOM   770  N  NH1 . ARG A 1 120 ? 2.068   -11.629 16.638  1.00 41.38  ? 166 ARG A NH1 1 
ATOM   771  N  NH2 . ARG A 1 120 ? 0.099   -12.581 16.012  1.00 39.11  ? 166 ARG A NH2 1 
ATOM   772  N  N   . ASP A 1 121 ? 7.052   -12.391 17.266  1.00 57.73  ? 167 ASP A N   1 
ATOM   773  C  CA  . ASP A 1 121 ? 7.090   -12.729 18.701  1.00 59.18  ? 167 ASP A CA  1 
ATOM   774  C  C   . ASP A 1 121 ? 6.975   -11.502 19.603  1.00 59.29  ? 167 ASP A C   1 
ATOM   775  O  O   . ASP A 1 121 ? 6.428   -11.589 20.709  1.00 58.26  ? 167 ASP A O   1 
ATOM   776  C  CB  . ASP A 1 121 ? 8.360   -13.531 19.059  1.00 66.12  ? 167 ASP A CB  1 
ATOM   777  C  CG  . ASP A 1 121 ? 9.650   -12.916 18.488  1.00 72.32  ? 167 ASP A CG  1 
ATOM   778  O  OD1 . ASP A 1 121 ? 9.818   -11.672 18.496  1.00 74.36  ? 167 ASP A OD1 1 
ATOM   779  O  OD2 . ASP A 1 121 ? 10.516  -13.697 18.033  1.00 76.13  ? 167 ASP A OD2 1 
ATOM   780  N  N   . GLN A 1 122 ? 7.486   -10.373 19.102  1.00 57.59  ? 168 GLN A N   1 
ATOM   781  C  CA  . GLN A 1 122 ? 7.462   -9.079  19.785  1.00 54.60  ? 168 GLN A CA  1 
ATOM   782  C  C   . GLN A 1 122 ? 6.063   -8.569  20.133  1.00 51.84  ? 168 GLN A C   1 
ATOM   783  O  O   . GLN A 1 122 ? 5.887   -7.878  21.141  1.00 52.57  ? 168 GLN A O   1 
ATOM   784  C  CB  . GLN A 1 122 ? 8.191   -8.031  18.949  1.00 57.96  ? 168 GLN A CB  1 
ATOM   785  C  CG  . GLN A 1 122 ? 9.708   -8.090  19.038  1.00 61.46  ? 168 GLN A CG  1 
ATOM   786  C  CD  . GLN A 1 122 ? 10.331  -6.707  19.192  1.00 68.30  ? 168 GLN A CD  1 
ATOM   787  O  OE1 . GLN A 1 122 ? 11.115  -6.268  18.345  1.00 72.30  ? 168 GLN A OE1 1 
ATOM   788  N  NE2 . GLN A 1 122 ? 9.986   -6.010  20.281  1.00 68.08  ? 168 GLN A NE2 1 
ATOM   789  N  N   . ALA A 1 123 ? 5.075   -8.915  19.315  1.00 48.58  ? 169 ALA A N   1 
ATOM   790  C  CA  . ALA A 1 123 ? 3.717   -8.405  19.497  1.00 47.72  ? 169 ALA A CA  1 
ATOM   791  C  C   . ALA A 1 123 ? 2.717   -9.525  19.680  1.00 48.02  ? 169 ALA A C   1 
ATOM   792  O  O   . ALA A 1 123 ? 2.929   -10.632 19.195  1.00 51.19  ? 169 ALA A O   1 
ATOM   793  C  CB  . ALA A 1 123 ? 3.320   -7.535  18.314  1.00 46.50  ? 169 ALA A CB  1 
ATOM   794  N  N   . GLU A 1 124 ? 1.629   -9.226  20.386  1.00 48.96  ? 170 GLU A N   1 
ATOM   795  C  CA  . GLU A 1 124 ? 0.511   -10.151 20.545  1.00 52.33  ? 170 GLU A CA  1 
ATOM   796  C  C   . GLU A 1 124 ? -0.295  -10.282 19.236  1.00 52.25  ? 170 GLU A C   1 
ATOM   797  O  O   . GLU A 1 124 ? -0.485  -11.391 18.725  1.00 54.25  ? 170 GLU A O   1 
ATOM   798  C  CB  . GLU A 1 124 ? -0.384  -9.685  21.698  1.00 55.31  ? 170 GLU A CB  1 
ATOM   799  C  CG  . GLU A 1 124 ? -1.427  -10.702 22.134  1.00 63.42  ? 170 GLU A CG  1 
ATOM   800  C  CD  . GLU A 1 124 ? -2.418  -10.138 23.133  1.00 67.37  ? 170 GLU A CD  1 
ATOM   801  O  OE1 . GLU A 1 124 ? -3.636  -10.222 22.870  1.00 72.25  ? 170 GLU A OE1 1 
ATOM   802  O  OE2 . GLU A 1 124 ? -1.986  -9.612  24.179  1.00 69.00  ? 170 GLU A OE2 1 
ATOM   803  N  N   . HIS A 1 125 ? -0.739  -9.143  18.697  1.00 48.20  ? 171 HIS A N   1 
ATOM   804  C  CA  . HIS A 1 125 ? -1.614  -9.101  17.522  1.00 42.51  ? 171 HIS A CA  1 
ATOM   805  C  C   . HIS A 1 125 ? -0.824  -9.014  16.224  1.00 39.18  ? 171 HIS A C   1 
ATOM   806  O  O   . HIS A 1 125 ? 0.218   -8.364  16.165  1.00 37.77  ? 171 HIS A O   1 
ATOM   807  C  CB  . HIS A 1 125 ? -2.618  -7.952  17.633  1.00 41.91  ? 171 HIS A CB  1 
ATOM   808  C  CG  . HIS A 1 125 ? -3.424  -7.976  18.896  1.00 44.99  ? 171 HIS A CG  1 
ATOM   809  N  ND1 . HIS A 1 125 ? -4.383  -8.934  19.152  1.00 47.99  ? 171 HIS A ND1 1 
ATOM   810  C  CD2 . HIS A 1 125 ? -3.401  -7.169  19.983  1.00 44.09  ? 171 HIS A CD2 1 
ATOM   811  C  CE1 . HIS A 1 125 ? -4.920  -8.711  20.338  1.00 47.28  ? 171 HIS A CE1 1 
ATOM   812  N  NE2 . HIS A 1 125 ? -4.341  -7.647  20.862  1.00 47.60  ? 171 HIS A NE2 1 
ATOM   813  N  N   . LEU A 1 126 ? -1.324  -9.684  15.186  1.00 38.07  ? 172 LEU A N   1 
ATOM   814  C  CA  . LEU A 1 126 ? -0.690  -9.646  13.872  1.00 36.00  ? 172 LEU A CA  1 
ATOM   815  C  C   . LEU A 1 126 ? -0.642  -8.210  13.376  1.00 35.19  ? 172 LEU A C   1 
ATOM   816  O  O   . LEU A 1 126 ? 0.387   -7.783  12.862  1.00 35.42  ? 172 LEU A O   1 
ATOM   817  C  CB  . LEU A 1 126 ? -1.395  -10.566 12.861  1.00 34.93  ? 172 LEU A CB  1 
ATOM   818  C  CG  . LEU A 1 126 ? -1.040  -10.453 11.366  1.00 34.55  ? 172 LEU A CG  1 
ATOM   819  C  CD1 . LEU A 1 126 ? 0.401   -10.869 11.062  1.00 33.68  ? 172 LEU A CD1 1 
ATOM   820  C  CD2 . LEU A 1 126 ? -2.037  -11.222 10.505  1.00 33.72  ? 172 LEU A CD2 1 
ATOM   821  N  N   . LYS A 1 127 ? -1.742  -7.472  13.571  1.00 32.88  ? 173 LYS A N   1 
ATOM   822  C  CA  . LYS A 1 127 ? -1.853  -6.084  13.112  1.00 31.65  ? 173 LYS A CA  1 
ATOM   823  C  C   . LYS A 1 127 ? -0.714  -5.202  13.645  1.00 32.35  ? 173 LYS A C   1 
ATOM   824  O  O   . LYS A 1 127 ? -0.137  -4.413  12.880  1.00 27.54  ? 173 LYS A O   1 
ATOM   825  C  CB  . LYS A 1 127 ? -3.243  -5.490  13.405  1.00 31.69  ? 173 LYS A CB  1 
ATOM   826  C  CG  . LYS A 1 127 ? -3.685  -5.459  14.861  1.00 33.23  ? 173 LYS A CG  1 
ATOM   827  C  CD  . LYS A 1 127 ? -5.047  -4.796  14.971  1.00 33.83  ? 173 LYS A CD  1 
ATOM   828  C  CE  . LYS A 1 127 ? -5.545  -4.836  16.405  1.00 38.17  ? 173 LYS A CE  1 
ATOM   829  N  NZ  . LYS A 1 127 ? -7.022  -4.620  16.509  1.00 37.97  ? 173 LYS A NZ  1 
ATOM   830  N  N   . THR A 1 128 ? -0.387  -5.384  14.936  1.00 31.69  ? 174 THR A N   1 
ATOM   831  C  CA  . THR A 1 128 ? 0.774   -4.744  15.582  1.00 33.59  ? 174 THR A CA  1 
ATOM   832  C  C   . THR A 1 128 ? 2.091   -5.125  14.880  1.00 34.27  ? 174 THR A C   1 
ATOM   833  O  O   . THR A 1 128 ? 2.860   -4.234  14.488  1.00 36.95  ? 174 THR A O   1 
ATOM   834  C  CB  . THR A 1 128 ? 0.822   -5.048  17.103  1.00 32.71  ? 174 THR A CB  1 
ATOM   835  O  OG1 . THR A 1 128 ? -0.450  -4.738  17.693  1.00 32.07  ? 174 THR A OG1 1 
ATOM   836  C  CG2 . THR A 1 128 ? 1.907   -4.231  17.806  1.00 32.68  ? 174 THR A CG2 1 
ATOM   837  N  N   . ALA A 1 129 ? 2.315   -6.430  14.683  1.00 32.98  ? 175 ALA A N   1 
ATOM   838  C  CA  . ALA A 1 129 ? 3.480   -6.944  13.942  1.00 31.56  ? 175 ALA A CA  1 
ATOM   839  C  C   . ALA A 1 129 ? 3.597   -6.339  12.530  1.00 31.61  ? 175 ALA A C   1 
ATOM   840  O  O   . ALA A 1 129 ? 4.700   -5.988  12.099  1.00 32.76  ? 175 ALA A O   1 
ATOM   841  C  CB  . ALA A 1 129 ? 3.444   -8.471  13.882  1.00 30.40  ? 175 ALA A CB  1 
ATOM   842  N  N   . VAL A 1 130 ? 2.458   -6.194  11.843  1.00 31.40  ? 176 VAL A N   1 
ATOM   843  C  CA  . VAL A 1 130 ? 2.382   -5.594  10.485  1.00 32.45  ? 176 VAL A CA  1 
ATOM   844  C  C   . VAL A 1 130 ? 2.897   -4.144  10.476  1.00 32.77  ? 176 VAL A C   1 
ATOM   845  O  O   . VAL A 1 130 ? 3.728   -3.768  9.632   1.00 31.74  ? 176 VAL A O   1 
ATOM   846  C  CB  . VAL A 1 130 ? 0.944   -5.688  9.894   1.00 31.88  ? 176 VAL A CB  1 
ATOM   847  C  CG1 . VAL A 1 130 ? 0.763   -4.784  8.671   1.00 31.50  ? 176 VAL A CG1 1 
ATOM   848  C  CG2 . VAL A 1 130 ? 0.595   -7.133  9.563   1.00 30.85  ? 176 VAL A CG2 1 
ATOM   849  N  N   . GLN A 1 131 ? 2.405   -3.347  11.426  1.00 33.74  ? 177 GLN A N   1 
ATOM   850  C  CA  . GLN A 1 131 ? 2.784   -1.940  11.554  1.00 33.40  ? 177 GLN A CA  1 
ATOM   851  C  C   . GLN A 1 131 ? 4.269   -1.775  11.867  1.00 32.39  ? 177 GLN A C   1 
ATOM   852  O  O   . GLN A 1 131 ? 4.911   -0.864  11.361  1.00 31.63  ? 177 GLN A O   1 
ATOM   853  C  CB  . GLN A 1 131 ? 1.909   -1.228  12.592  1.00 33.98  ? 177 GLN A CB  1 
ATOM   854  C  CG  . GLN A 1 131 ? 0.430   -1.107  12.214  1.00 35.51  ? 177 GLN A CG  1 
ATOM   855  C  CD  . GLN A 1 131 ? 0.188   -0.674  10.766  1.00 35.78  ? 177 GLN A CD  1 
ATOM   856  O  OE1 . GLN A 1 131 ? -0.543  -1.327  10.033  1.00 35.27  ? 177 GLN A OE1 1 
ATOM   857  N  NE2 . GLN A 1 131 ? 0.803   0.420   10.360  1.00 36.00  ? 177 GLN A NE2 1 
ATOM   858  N  N   . MET A 1 132 ? 4.804   -2.683  12.678  1.00 34.29  ? 178 MET A N   1 
ATOM   859  C  CA  . MET A 1 132 ? 6.247   -2.754  12.949  1.00 34.19  ? 178 MET A CA  1 
ATOM   860  C  C   . MET A 1 132 ? 7.024   -3.058  11.662  1.00 33.98  ? 178 MET A C   1 
ATOM   861  O  O   . MET A 1 132 ? 8.083   -2.454  11.402  1.00 33.12  ? 178 MET A O   1 
ATOM   862  C  CB  . MET A 1 132 ? 6.533   -3.800  14.027  1.00 34.44  ? 178 MET A CB  1 
ATOM   863  C  CG  . MET A 1 132 ? 6.027   -3.417  15.407  1.00 34.58  ? 178 MET A CG  1 
ATOM   864  S  SD  . MET A 1 132 ? 6.008   -4.784  16.592  1.00 38.94  ? 178 MET A SD  1 
ATOM   865  C  CE  . MET A 1 132 ? 7.730   -4.884  17.067  1.00 36.76  ? 178 MET A CE  1 
ATOM   866  N  N   . ALA A 1 133 ? 6.475   -3.958  10.843  1.00 31.28  ? 179 ALA A N   1 
ATOM   867  C  CA  . ALA A 1 133 ? 7.100   -4.319  9.571   1.00 30.53  ? 179 ALA A CA  1 
ATOM   868  C  C   . ALA A 1 133 ? 7.089   -3.181  8.563   1.00 29.81  ? 179 ALA A C   1 
ATOM   869  O  O   . ALA A 1 133 ? 8.075   -2.984  7.840   1.00 30.85  ? 179 ALA A O   1 
ATOM   870  C  CB  . ALA A 1 133 ? 6.456   -5.564  8.990   1.00 31.51  ? 179 ALA A CB  1 
ATOM   871  N  N   . VAL A 1 134 ? 5.987   -2.427  8.528   1.00 29.18  ? 180 VAL A N   1 
ATOM   872  C  CA  . VAL A 1 134 ? 5.893   -1.207  7.705   1.00 28.30  ? 180 VAL A CA  1 
ATOM   873  C  C   . VAL A 1 134 ? 6.949   -0.183  8.181   1.00 28.45  ? 180 VAL A C   1 
ATOM   874  O  O   . VAL A 1 134 ? 7.600   0.460   7.356   1.00 27.33  ? 180 VAL A O   1 
ATOM   875  C  CB  . VAL A 1 134 ? 4.459   -0.605  7.700   1.00 27.67  ? 180 VAL A CB  1 
ATOM   876  C  CG1 . VAL A 1 134 ? 4.389   0.701   6.921   1.00 26.91  ? 180 VAL A CG1 1 
ATOM   877  C  CG2 . VAL A 1 134 ? 3.450   -1.590  7.116   1.00 29.35  ? 180 VAL A CG2 1 
ATOM   878  N  N   . PHE A 1 135 ? 7.125   -0.056  9.500   1.00 28.11  ? 181 PHE A N   1 
ATOM   879  C  CA  . PHE A 1 135 ? 8.098   0.887   10.059  1.00 28.73  ? 181 PHE A CA  1 
ATOM   880  C  C   . PHE A 1 135 ? 9.506   0.544   9.555   1.00 29.41  ? 181 PHE A C   1 
ATOM   881  O  O   . PHE A 1 135 ? 10.157  1.363   8.909   1.00 26.83  ? 181 PHE A O   1 
ATOM   882  C  CB  . PHE A 1 135 ? 8.015   0.907   11.591  1.00 27.74  ? 181 PHE A CB  1 
ATOM   883  C  CG  . PHE A 1 135 ? 8.976   1.866   12.263  1.00 28.58  ? 181 PHE A CG  1 
ATOM   884  C  CD1 . PHE A 1 135 ? 10.326  1.520   12.471  1.00 28.43  ? 181 PHE A CD1 1 
ATOM   885  C  CD2 . PHE A 1 135 ? 8.528   3.105   12.735  1.00 29.38  ? 181 PHE A CD2 1 
ATOM   886  C  CE1 . PHE A 1 135 ? 11.207  2.396   13.106  1.00 28.31  ? 181 PHE A CE1 1 
ATOM   887  C  CE2 . PHE A 1 135 ? 9.401   3.978   13.390  1.00 29.67  ? 181 PHE A CE2 1 
ATOM   888  C  CZ  . PHE A 1 135 ? 10.744  3.621   13.573  1.00 29.43  ? 181 PHE A CZ  1 
ATOM   889  N  N   . ILE A 1 136 ? 9.923   -0.691  9.827   1.00 32.00  ? 182 ILE A N   1 
ATOM   890  C  CA  . ILE A 1 136 ? 11.228  -1.219  9.468   1.00 33.59  ? 182 ILE A CA  1 
ATOM   891  C  C   . ILE A 1 136 ? 11.485  -1.055  7.978   1.00 36.54  ? 182 ILE A C   1 
ATOM   892  O  O   . ILE A 1 136 ? 12.519  -0.483  7.592   1.00 38.93  ? 182 ILE A O   1 
ATOM   893  C  CB  . ILE A 1 136 ? 11.376  -2.695  9.926   1.00 34.70  ? 182 ILE A CB  1 
ATOM   894  C  CG1 . ILE A 1 136 ? 11.465  -2.762  11.454  1.00 34.70  ? 182 ILE A CG1 1 
ATOM   895  C  CG2 . ILE A 1 136 ? 12.621  -3.335  9.327   1.00 35.39  ? 182 ILE A CG2 1 
ATOM   896  C  CD1 . ILE A 1 136 ? 10.900  -4.021  12.086  1.00 36.36  ? 182 ILE A CD1 1 
ATOM   897  N  N   . HIS A 1 137 ? 10.546  -1.530  7.151   1.00 37.26  ? 183 HIS A N   1 
ATOM   898  C  CA  . HIS A 1 137 ? 10.680  -1.430  5.689   1.00 36.82  ? 183 HIS A CA  1 
ATOM   899  C  C   . HIS A 1 137 ? 10.910  0.012   5.236   1.00 36.35  ? 183 HIS A C   1 
ATOM   900  O  O   . HIS A 1 137 ? 11.836  0.269   4.460   1.00 36.54  ? 183 HIS A O   1 
ATOM   901  C  CB  . HIS A 1 137 ? 9.472   -2.032  4.930   1.00 36.33  ? 183 HIS A CB  1 
ATOM   902  C  CG  . HIS A 1 137 ? 9.515   -1.767  3.454   1.00 37.60  ? 183 HIS A CG  1 
ATOM   903  N  ND1 . HIS A 1 137 ? 10.179  -2.590  2.568   1.00 38.31  ? 183 HIS A ND1 1 
ATOM   904  C  CD2 . HIS A 1 137 ? 9.035   -0.735  2.719   1.00 37.14  ? 183 HIS A CD2 1 
ATOM   905  C  CE1 . HIS A 1 137 ? 10.074  -2.094  1.348   1.00 38.86  ? 183 HIS A CE1 1 
ATOM   906  N  NE2 . HIS A 1 137 ? 9.391   -0.966  1.413   1.00 38.23  ? 183 HIS A NE2 1 
ATOM   907  N  N   . ASN A 1 138 ? 10.070  0.936   5.714   1.00 35.23  ? 184 ASN A N   1 
ATOM   908  C  CA  . ASN A 1 138 ? 10.123  2.331   5.280   1.00 36.97  ? 184 ASN A CA  1 
ATOM   909  C  C   . ASN A 1 138 ? 11.355  3.109   5.762   1.00 38.67  ? 184 ASN A C   1 
ATOM   910  O  O   . ASN A 1 138 ? 11.734  4.097   5.138   1.00 35.47  ? 184 ASN A O   1 
ATOM   911  C  CB  . ASN A 1 138 ? 8.833   3.070   5.650   1.00 35.77  ? 184 ASN A CB  1 
ATOM   912  C  CG  . ASN A 1 138 ? 7.634   2.622   4.816   1.00 38.12  ? 184 ASN A CG  1 
ATOM   913  O  OD1 . ASN A 1 138 ? 7.779   2.003   3.758   1.00 38.92  ? 184 ASN A OD1 1 
ATOM   914  N  ND2 . ASN A 1 138 ? 6.435   2.945   5.289   1.00 39.22  ? 184 ASN A ND2 1 
ATOM   915  N  N   . LYS A 1 139 ? 11.973  2.645   6.853   1.00 43.05  ? 185 LYS A N   1 
ATOM   916  C  CA  . LYS A 1 139 ? 13.124  3.328   7.468   1.00 48.75  ? 185 LYS A CA  1 
ATOM   917  C  C   . LYS A 1 139 ? 14.487  2.751   7.053   1.00 50.78  ? 185 LYS A C   1 
ATOM   918  O  O   . LYS A 1 139 ? 15.489  3.451   7.131   1.00 53.16  ? 185 LYS A O   1 
ATOM   919  C  CB  . LYS A 1 139 ? 13.002  3.381   9.006   1.00 48.43  ? 185 LYS A CB  1 
ATOM   920  C  CG  . LYS A 1 139 ? 11.705  3.982   9.555   1.00 51.03  ? 185 LYS A CG  1 
ATOM   921  C  CD  . LYS A 1 139 ? 11.706  5.506   9.619   1.00 54.93  ? 185 LYS A CD  1 
ATOM   922  C  CE  . LYS A 1 139 ? 10.296  6.055   9.764   1.00 55.81  ? 185 LYS A CE  1 
ATOM   923  N  NZ  . LYS A 1 139 ? 9.535   5.968   8.480   1.00 57.48  ? 185 LYS A NZ  1 
ATOM   924  N  N   . LYS A 1 140 ? 14.518  1.491   6.615   1.00 53.61  ? 186 LYS A N   1 
ATOM   925  C  CA  . LYS A 1 140 ? 15.761  0.804   6.224   1.00 56.89  ? 186 LYS A CA  1 
ATOM   926  C  C   . LYS A 1 140 ? 16.393  1.427   4.965   1.00 60.17  ? 186 LYS A C   1 
ATOM   927  O  O   . LYS A 1 140 ? 15.740  1.533   3.927   1.00 58.04  ? 186 LYS A O   1 
ATOM   928  C  CB  . LYS A 1 140 ? 15.473  -0.683  6.006   1.00 56.41  ? 186 LYS A CB  1 
ATOM   929  C  CG  . LYS A 1 140 ? 16.678  -1.610  6.092   1.00 59.69  ? 186 LYS A CG  1 
ATOM   930  C  CD  . LYS A 1 140 ? 16.255  -3.065  5.950   1.00 59.47  ? 186 LYS A CD  1 
ATOM   931  C  CE  . LYS A 1 140 ? 15.778  -3.640  7.279   1.00 60.52  ? 186 LYS A CE  1 
ATOM   932  N  NZ  . LYS A 1 140 ? 15.215  -5.014  7.154   1.00 58.27  ? 186 LYS A NZ  1 
ATOM   933  N  N   . ARG A 1 141 ? 17.657  1.845   5.060   1.00 67.26  ? 187 ARG A N   1 
ATOM   934  C  CA  . ARG A 1 141 ? 18.327  2.495   3.920   1.00 71.57  ? 187 ARG A CA  1 
ATOM   935  C  C   . ARG A 1 141 ? 18.982  1.512   2.942   1.00 75.98  ? 187 ARG A C   1 
ATOM   936  O  O   . ARG A 1 141 ? 19.818  0.690   3.336   1.00 74.96  ? 187 ARG A O   1 
ATOM   937  C  CB  . ARG A 1 141 ? 19.306  3.585   4.378   1.00 73.14  ? 187 ARG A CB  1 
ATOM   938  C  CG  . ARG A 1 141 ? 18.623  4.877   4.799   1.00 71.40  ? 187 ARG A CG  1 
ATOM   939  C  CD  . ARG A 1 141 ? 19.619  6.009   4.967   1.00 72.17  ? 187 ARG A CD  1 
ATOM   940  N  NE  . ARG A 1 141 ? 19.517  6.606   6.298   1.00 76.30  ? 187 ARG A NE  1 
ATOM   941  C  CZ  . ARG A 1 141 ? 20.022  6.072   7.416   1.00 79.60  ? 187 ARG A CZ  1 
ATOM   942  N  NH1 . ARG A 1 141 ? 20.679  4.914   7.391   1.00 79.16  ? 187 ARG A NH1 1 
ATOM   943  N  NH2 . ARG A 1 141 ? 19.867  6.701   8.577   1.00 79.99  ? 187 ARG A NH2 1 
ATOM   944  N  N   . LYS A 1 142 ? 18.572  1.608   1.673   1.00 83.90  ? 188 LYS A N   1 
ATOM   945  C  CA  . LYS A 1 142 ? 19.037  0.732   0.592   1.00 86.31  ? 188 LYS A CA  1 
ATOM   946  C  C   . LYS A 1 142 ? 19.731  1.532   -0.505  1.00 87.71  ? 188 LYS A C   1 
ATOM   947  O  O   . LYS A 1 142 ? 20.609  1.020   -1.195  1.00 90.22  ? 188 LYS A O   1 
ATOM   948  C  CB  . LYS A 1 142 ? 17.868  -0.057  -0.004  1.00 85.82  ? 188 LYS A CB  1 
ATOM   949  N  N   . GLY A 1 147 ? 22.334  6.341   -0.933  1.00 81.25  ? 193 GLY A N   1 
ATOM   950  C  CA  . GLY A 1 147 ? 21.473  5.269   -0.441  1.00 80.42  ? 193 GLY A CA  1 
ATOM   951  C  C   . GLY A 1 147 ? 20.434  5.741   0.565   1.00 78.65  ? 193 GLY A C   1 
ATOM   952  O  O   . GLY A 1 147 ? 20.744  5.963   1.741   1.00 80.44  ? 193 GLY A O   1 
ATOM   953  N  N   . TYR A 1 148 ? 19.197  5.891   0.101   1.00 73.03  ? 194 TYR A N   1 
ATOM   954  C  CA  . TYR A 1 148 ? 18.107  6.351   0.960   1.00 67.49  ? 194 TYR A CA  1 
ATOM   955  C  C   . TYR A 1 148 ? 17.174  5.219   1.376   1.00 60.28  ? 194 TYR A C   1 
ATOM   956  O  O   . TYR A 1 148 ? 17.240  4.106   0.834   1.00 56.62  ? 194 TYR A O   1 
ATOM   957  C  CB  . TYR A 1 148 ? 17.298  7.476   0.284   1.00 67.30  ? 194 TYR A CB  1 
ATOM   958  C  CG  . TYR A 1 148 ? 18.100  8.691   -0.115  1.00 71.27  ? 194 TYR A CG  1 
ATOM   959  C  CD1 . TYR A 1 148 ? 19.116  9.203   0.713   1.00 71.74  ? 194 TYR A CD1 1 
ATOM   960  C  CD2 . TYR A 1 148 ? 17.826  9.352   -1.316  1.00 74.96  ? 194 TYR A CD2 1 
ATOM   961  C  CE1 . TYR A 1 148 ? 19.849  10.321  0.340   1.00 75.64  ? 194 TYR A CE1 1 
ATOM   962  C  CE2 . TYR A 1 148 ? 18.552  10.472  -1.700  1.00 76.80  ? 194 TYR A CE2 1 
ATOM   963  C  CZ  . TYR A 1 148 ? 19.559  10.951  -0.872  1.00 75.99  ? 194 TYR A CZ  1 
ATOM   964  O  OH  . TYR A 1 148 ? 20.269  12.057  -1.255  1.00 75.76  ? 194 TYR A OH  1 
ATOM   965  N  N   . SER A 1 149 ? 16.322  5.517   2.358   1.00 52.17  ? 195 SER A N   1 
ATOM   966  C  CA  . SER A 1 149 ? 15.197  4.655   2.694   1.00 48.75  ? 195 SER A CA  1 
ATOM   967  C  C   . SER A 1 149 ? 14.023  4.915   1.739   1.00 44.58  ? 195 SER A C   1 
ATOM   968  O  O   . SER A 1 149 ? 13.987  5.940   1.040   1.00 42.31  ? 195 SER A O   1 
ATOM   969  C  CB  . SER A 1 149 ? 14.783  4.853   4.158   1.00 48.00  ? 195 SER A CB  1 
ATOM   970  O  OG  . SER A 1 149 ? 14.270  6.152   4.390   1.00 47.04  ? 195 SER A OG  1 
ATOM   971  N  N   . ALA A 1 150 ? 13.079  3.972   1.699   1.00 41.43  ? 196 ALA A N   1 
ATOM   972  C  CA  . ALA A 1 150 ? 11.805  4.159   0.998   1.00 38.87  ? 196 ALA A CA  1 
ATOM   973  C  C   . ALA A 1 150 ? 11.069  5.430   1.485   1.00 37.57  ? 196 ALA A C   1 
ATOM   974  O  O   . ALA A 1 150 ? 10.524  6.175   0.675   1.00 34.53  ? 196 ALA A O   1 
ATOM   975  C  CB  . ALA A 1 150 ? 10.934  2.923   1.146   1.00 37.59  ? 196 ALA A CB  1 
ATOM   976  N  N   . GLY A 1 151 ? 11.106  5.684   2.798   1.00 38.22  ? 197 GLY A N   1 
ATOM   977  C  CA  . GLY A 1 151 ? 10.529  6.892   3.407   1.00 40.50  ? 197 GLY A CA  1 
ATOM   978  C  C   . GLY A 1 151 ? 11.064  8.205   2.844   1.00 43.29  ? 197 GLY A C   1 
ATOM   979  O  O   . GLY A 1 151 ? 10.281  9.106   2.515   1.00 42.67  ? 197 GLY A O   1 
ATOM   980  N  N   . GLU A 1 152 ? 12.390  8.305   2.721   1.00 41.67  ? 198 GLU A N   1 
ATOM   981  C  CA  . GLU A 1 152 ? 13.036  9.503   2.174   1.00 45.57  ? 198 GLU A CA  1 
ATOM   982  C  C   . GLU A 1 152 ? 12.800  9.614   0.673   1.00 43.84  ? 198 GLU A C   1 
ATOM   983  O  O   . GLU A 1 152 ? 12.558  10.708  0.171   1.00 43.30  ? 198 GLU A O   1 
ATOM   984  C  CB  . GLU A 1 152 ? 14.540  9.532   2.496   1.00 47.69  ? 198 GLU A CB  1 
ATOM   985  C  CG  . GLU A 1 152 ? 14.854  9.608   3.987   1.00 50.53  ? 198 GLU A CG  1 
ATOM   986  C  CD  . GLU A 1 152 ? 16.208  9.011   4.354   1.00 55.97  ? 198 GLU A CD  1 
ATOM   987  O  OE1 . GLU A 1 152 ? 16.733  8.139   3.615   1.00 57.94  ? 198 GLU A OE1 1 
ATOM   988  O  OE2 . GLU A 1 152 ? 16.749  9.411   5.405   1.00 58.25  ? 198 GLU A OE2 1 
ATOM   989  N  N   . ARG A 1 153 ? 12.855  8.473   -0.021  1.00 45.73  ? 199 ARG A N   1 
ATOM   990  C  CA  . ARG A 1 153 ? 12.596  8.375   -1.468  1.00 46.98  ? 199 ARG A CA  1 
ATOM   991  C  C   . ARG A 1 153 ? 11.230  8.954   -1.870  1.00 45.85  ? 199 ARG A C   1 
ATOM   992  O  O   . ARG A 1 153 ? 11.175  9.800   -2.774  1.00 48.42  ? 199 ARG A O   1 
ATOM   993  C  CB  . ARG A 1 153 ? 12.724  6.920   -1.939  1.00 53.44  ? 199 ARG A CB  1 
ATOM   994  C  CG  . ARG A 1 153 ? 13.233  6.736   -3.357  1.00 60.47  ? 199 ARG A CG  1 
ATOM   995  C  CD  . ARG A 1 153 ? 14.702  6.350   -3.352  1.00 67.01  ? 199 ARG A CD  1 
ATOM   996  N  NE  . ARG A 1 153 ? 15.411  6.918   -4.504  1.00 74.80  ? 199 ARG A NE  1 
ATOM   997  C  CZ  . ARG A 1 153 ? 16.726  7.151   -4.552  1.00 77.45  ? 199 ARG A CZ  1 
ATOM   998  N  NH1 . ARG A 1 153 ? 17.517  6.871   -3.515  1.00 75.78  ? 199 ARG A NH1 1 
ATOM   999  N  NH2 . ARG A 1 153 ? 17.257  7.676   -5.649  1.00 76.77  ? 199 ARG A NH2 1 
ATOM   1000 N  N   . ILE A 1 154 ? 10.150  8.527   -1.195  1.00 40.53  ? 200 ILE A N   1 
ATOM   1001 C  CA  . ILE A 1 154 ? 8.784   9.023   -1.498  1.00 39.68  ? 200 ILE A CA  1 
ATOM   1002 C  C   . ILE A 1 154 ? 8.675   10.543  -1.307  1.00 38.45  ? 200 ILE A C   1 
ATOM   1003 O  O   . ILE A 1 154 ? 8.178   11.262  -2.173  1.00 37.62  ? 200 ILE A O   1 
ATOM   1004 C  CB  . ILE A 1 154 ? 7.628   8.204   -0.816  1.00 36.90  ? 200 ILE A CB  1 
ATOM   1005 C  CG1 . ILE A 1 154 ? 6.269   8.578   -1.445  1.00 37.41  ? 200 ILE A CG1 1 
ATOM   1006 C  CG2 . ILE A 1 154 ? 7.632   8.319   0.709   1.00 37.83  ? 200 ILE A CG2 1 
ATOM   1007 C  CD1 . ILE A 1 154 ? 5.026   7.894   -0.895  1.00 34.74  ? 200 ILE A CD1 1 
ATOM   1008 N  N   . VAL A 1 155 ? 9.196   11.016  -0.185  1.00 40.21  ? 201 VAL A N   1 
ATOM   1009 C  CA  . VAL A 1 155 ? 9.174   12.429  0.155   1.00 43.48  ? 201 VAL A CA  1 
ATOM   1010 C  C   . VAL A 1 155 ? 9.904   13.265  -0.910  1.00 45.33  ? 201 VAL A C   1 
ATOM   1011 O  O   . VAL A 1 155 ? 9.346   14.257  -1.380  1.00 41.55  ? 201 VAL A O   1 
ATOM   1012 C  CB  . VAL A 1 155 ? 9.673   12.644  1.609   1.00 43.43  ? 201 VAL A CB  1 
ATOM   1013 C  CG1 . VAL A 1 155 ? 10.301  14.012  1.823   1.00 42.50  ? 201 VAL A CG1 1 
ATOM   1014 C  CG2 . VAL A 1 155 ? 8.521   12.420  2.581   1.00 43.92  ? 201 VAL A CG2 1 
ATOM   1015 N  N   . ASP A 1 156 ? 11.109  12.830  -1.305  1.00 46.86  ? 202 ASP A N   1 
ATOM   1016 C  CA  . ASP A 1 156 ? 11.918  13.504  -2.336  1.00 48.76  ? 202 ASP A CA  1 
ATOM   1017 C  C   . ASP A 1 156 ? 11.249  13.480  -3.718  1.00 48.71  ? 202 ASP A C   1 
ATOM   1018 O  O   . ASP A 1 156 ? 11.225  14.507  -4.409  1.00 52.01  ? 202 ASP A O   1 
ATOM   1019 C  CB  . ASP A 1 156 ? 13.338  12.915  -2.403  1.00 50.50  ? 202 ASP A CB  1 
ATOM   1020 N  N   . ILE A 1 157 ? 10.708  12.316  -4.099  1.00 46.85  ? 203 ILE A N   1 
ATOM   1021 C  CA  . ILE A 1 157 ? 9.921   12.126  -5.334  1.00 44.50  ? 203 ILE A CA  1 
ATOM   1022 C  C   . ILE A 1 157 ? 8.721   13.082  -5.422  1.00 45.69  ? 203 ILE A C   1 
ATOM   1023 O  O   . ILE A 1 157 ? 8.550   13.741  -6.446  1.00 47.98  ? 203 ILE A O   1 
ATOM   1024 C  CB  . ILE A 1 157 ? 9.529   10.630  -5.543  1.00 44.17  ? 203 ILE A CB  1 
ATOM   1025 C  CG1 . ILE A 1 157 ? 10.688  9.857   -6.188  1.00 43.38  ? 203 ILE A CG1 1 
ATOM   1026 C  CG2 . ILE A 1 157 ? 8.273   10.461  -6.392  1.00 42.06  ? 203 ILE A CG2 1 
ATOM   1027 C  CD1 . ILE A 1 157 ? 10.814  8.406   -5.763  1.00 41.96  ? 203 ILE A CD1 1 
ATOM   1028 N  N   . ILE A 1 158 ? 7.912   13.173  -4.363  1.00 46.90  ? 204 ILE A N   1 
ATOM   1029 C  CA  . ILE A 1 158 ? 6.752   14.088  -4.358  1.00 47.84  ? 204 ILE A CA  1 
ATOM   1030 C  C   . ILE A 1 158 ? 7.166   15.577  -4.286  1.00 49.66  ? 204 ILE A C   1 
ATOM   1031 O  O   . ILE A 1 158 ? 6.516   16.432  -4.898  1.00 49.50  ? 204 ILE A O   1 
ATOM   1032 C  CB  . ILE A 1 158 ? 5.664   13.671  -3.326  1.00 46.65  ? 204 ILE A CB  1 
ATOM   1033 C  CG1 . ILE A 1 158 ? 4.865   12.493  -3.871  1.00 46.97  ? 204 ILE A CG1 1 
ATOM   1034 C  CG2 . ILE A 1 158 ? 4.644   14.773  -3.064  1.00 48.01  ? 204 ILE A CG2 1 
ATOM   1035 C  CD1 . ILE A 1 158 ? 5.047   11.221  -3.094  1.00 43.70  ? 204 ILE A CD1 1 
ATOM   1036 N  N   . ALA A 1 159 ? 8.250   15.863  -3.565  1.00 51.82  ? 205 ALA A N   1 
ATOM   1037 C  CA  . ALA A 1 159 ? 8.784   17.231  -3.432  1.00 55.63  ? 205 ALA A CA  1 
ATOM   1038 C  C   . ALA A 1 159 ? 9.338   17.788  -4.742  1.00 59.11  ? 205 ALA A C   1 
ATOM   1039 O  O   . ALA A 1 159 ? 8.973   18.896  -5.144  1.00 58.97  ? 205 ALA A O   1 
ATOM   1040 C  CB  . ALA A 1 159 ? 9.841   17.304  -2.335  1.00 50.48  ? 205 ALA A CB  1 
ATOM   1041 N  N   . THR A 1 160 ? 10.208  17.017  -5.398  1.00 63.60  ? 206 THR A N   1 
ATOM   1042 C  CA  . THR A 1 160 ? 10.840  17.443  -6.650  1.00 68.61  ? 206 THR A CA  1 
ATOM   1043 C  C   . THR A 1 160 ? 9.823   17.533  -7.795  1.00 69.45  ? 206 THR A C   1 
ATOM   1044 O  O   . THR A 1 160 ? 9.976   18.359  -8.694  1.00 74.83  ? 206 THR A O   1 
ATOM   1045 C  CB  . THR A 1 160 ? 12.070  16.576  -7.043  1.00 69.48  ? 206 THR A CB  1 
ATOM   1046 O  OG1 . THR A 1 160 ? 11.712  15.189  -7.069  1.00 73.05  ? 206 THR A OG1 1 
ATOM   1047 C  CG2 . THR A 1 160 ? 13.233  16.779  -6.059  1.00 72.49  ? 206 THR A CG2 1 
ATOM   1048 N  N   . ASP A 1 161 ? 8.783   16.700  -7.735  1.00 71.42  ? 207 ASP A N   1 
ATOM   1049 C  CA  . ASP A 1 161 ? 7.655   16.763  -8.669  1.00 73.74  ? 207 ASP A CA  1 
ATOM   1050 C  C   . ASP A 1 161 ? 6.796   18.016  -8.451  1.00 74.29  ? 207 ASP A C   1 
ATOM   1051 O  O   . ASP A 1 161 ? 6.336   18.626  -9.420  1.00 75.87  ? 207 ASP A O   1 
ATOM   1052 C  CB  . ASP A 1 161 ? 6.798   15.498  -8.565  1.00 76.25  ? 207 ASP A CB  1 
ATOM   1053 C  CG  . ASP A 1 161 ? 5.771   15.387  -9.681  1.00 84.65  ? 207 ASP A CG  1 
ATOM   1054 O  OD1 . ASP A 1 161 ? 6.160   15.129  -10.845 1.00 88.04  ? 207 ASP A OD1 1 
ATOM   1055 O  OD2 . ASP A 1 161 ? 4.565   15.538  -9.387  1.00 85.78  ? 207 ASP A OD2 1 
ATOM   1056 N  N   . ILE A 1 162 ? 6.585   18.387  -7.185  1.00 76.17  ? 208 ILE A N   1 
ATOM   1057 C  CA  . ILE A 1 162 ? 5.856   19.613  -6.823  1.00 78.62  ? 208 ILE A CA  1 
ATOM   1058 C  C   . ILE A 1 162 ? 6.657   20.887  -7.146  1.00 82.68  ? 208 ILE A C   1 
ATOM   1059 O  O   . ILE A 1 162 ? 6.090   21.864  -7.643  1.00 82.62  ? 208 ILE A O   1 
ATOM   1060 C  CB  . ILE A 1 162 ? 5.431   19.619  -5.336  1.00 73.65  ? 208 ILE A CB  1 
ATOM   1061 N  N   . GLN A 1 163 ? 7.964   20.858  -6.871  1.00 83.87  ? 209 GLN A N   1 
ATOM   1062 C  CA  . GLN A 1 163 ? 8.860   21.998  -7.098  1.00 84.00  ? 209 GLN A CA  1 
ATOM   1063 C  C   . GLN A 1 163 ? 9.963   21.645  -8.088  1.00 82.84  ? 209 GLN A C   1 
ATOM   1064 O  O   . GLN A 1 163 ? 9.937   22.085  -9.237  1.00 81.83  ? 209 GLN A O   1 
ATOM   1065 C  CB  . GLN A 1 163 ? 9.474   22.484  -5.780  1.00 80.86  ? 209 GLN A CB  1 
HETATM 1066 S  S   . SO4 B 2 .   ? -4.382  -11.544 16.576  1.00 85.52  ? 301 SO4 A S   1 
HETATM 1067 O  O1  . SO4 B 2 .   ? -3.985  -11.509 18.002  1.00 88.29  ? 301 SO4 A O1  1 
HETATM 1068 O  O2  . SO4 B 2 .   ? -5.307  -10.422 16.300  1.00 87.64  ? 301 SO4 A O2  1 
HETATM 1069 O  O3  . SO4 B 2 .   ? -5.077  -12.820 16.302  1.00 92.12  ? 301 SO4 A O3  1 
HETATM 1070 O  O4  . SO4 B 2 .   ? -3.187  -11.457 15.708  1.00 82.69  ? 301 SO4 A O4  1 
HETATM 1071 S  S   . SO4 C 2 .   ? -1.484  -14.558 -0.505  1.00 87.33  ? 302 SO4 A S   1 
HETATM 1072 O  O1  . SO4 C 2 .   ? -2.957  -14.545 -0.721  1.00 82.93  ? 302 SO4 A O1  1 
HETATM 1073 O  O2  . SO4 C 2 .   ? -0.847  -13.406 -1.201  1.00 80.73  ? 302 SO4 A O2  1 
HETATM 1074 O  O3  . SO4 C 2 .   ? -1.193  -14.494 0.945   1.00 86.07  ? 302 SO4 A O3  1 
HETATM 1075 O  O4  . SO4 C 2 .   ? -0.904  -15.815 -1.028  1.00 84.84  ? 302 SO4 A O4  1 
HETATM 1076 C  C1  . PGE D 3 .   ? -12.215 0.738   9.497   1.00 51.40  ? 303 PGE A C1  1 
HETATM 1077 O  O1  . PGE D 3 .   ? -13.341 1.168   10.269  1.00 53.54  ? 303 PGE A O1  1 
HETATM 1078 C  C2  . PGE D 3 .   ? -12.642 0.216   8.120   1.00 50.59  ? 303 PGE A C2  1 
HETATM 1079 O  O2  . PGE D 3 .   ? -14.053 0.316   7.935   1.00 51.12  ? 303 PGE A O2  1 
HETATM 1080 C  C3  . PGE D 3 .   ? -14.469 0.276   6.570   1.00 48.35  ? 303 PGE A C3  1 
HETATM 1081 C  C4  . PGE D 3 .   ? -15.670 -0.654  6.452   1.00 49.02  ? 303 PGE A C4  1 
HETATM 1082 O  O4  . PGE D 3 .   ? -18.852 0.294   8.920   1.00 51.90  ? 303 PGE A O4  1 
HETATM 1083 C  C6  . PGE D 3 .   ? -18.933 -0.537  7.758   1.00 49.77  ? 303 PGE A C6  1 
HETATM 1084 C  C5  . PGE D 3 .   ? -17.642 -1.323  7.611   1.00 48.40  ? 303 PGE A C5  1 
HETATM 1085 O  O3  . PGE D 3 .   ? -16.562 -0.396  7.540   1.00 51.25  ? 303 PGE A O3  1 
HETATM 1086 C  C1  . EJ9 E 4 .   ? -20.138 5.499   3.529   1.00 46.90  ? 304 EJ9 A C1  1 
HETATM 1087 C  C2  . EJ9 E 4 .   ? -19.418 4.481   2.682   1.00 48.13  ? 304 EJ9 A C2  1 
HETATM 1088 C  C3  . EJ9 E 4 .   ? -17.465 2.981   3.197   1.00 43.00  ? 304 EJ9 A C3  1 
HETATM 1089 C  C4  . EJ9 E 4 .   ? -17.554 1.887   2.148   1.00 42.46  ? 304 EJ9 A C4  1 
HETATM 1090 C  C5  . EJ9 E 4 .   ? -16.957 2.353   4.488   1.00 41.67  ? 304 EJ9 A C5  1 
HETATM 1091 C  C6  . EJ9 E 4 .   ? -16.479 4.058   2.723   1.00 42.63  ? 304 EJ9 A C6  1 
HETATM 1092 C  C9  . EJ9 E 4 .   ? -22.185 2.403   1.006   1.00 55.92  ? 304 EJ9 A C9  1 
HETATM 1093 C  C10 . EJ9 E 4 .   ? -22.056 2.798   -0.333  1.00 54.97  ? 304 EJ9 A C10 1 
HETATM 1094 C  C11 . EJ9 E 4 .   ? -21.057 3.725   -0.681  1.00 50.12  ? 304 EJ9 A C11 1 
HETATM 1095 C  C12 . EJ9 E 4 .   ? -20.218 4.260   0.314   1.00 46.98  ? 304 EJ9 A C12 1 
HETATM 1096 C  C13 . EJ9 E 4 .   ? -19.155 5.255   -0.063  1.00 43.02  ? 304 EJ9 A C13 1 
HETATM 1097 C  C14 . EJ9 E 4 .   ? -17.916 4.792   -0.549  1.00 40.27  ? 304 EJ9 A C14 1 
HETATM 1098 C  C22 . EJ9 E 4 .   ? -20.898 4.157   -2.128  1.00 46.89  ? 304 EJ9 A C22 1 
HETATM 1099 C  C23 . EJ9 E 4 .   ? -22.952 2.213   -1.393  1.00 56.82  ? 304 EJ9 A C23 1 
HETATM 1100 C  C25 . EJ9 E 4 .   ? -24.864 2.334   -2.904  1.00 67.04  ? 304 EJ9 A C25 1 
HETATM 1101 C  C26 . EJ9 E 4 .   ? -24.558 1.049   -3.393  1.00 65.38  ? 304 EJ9 A C26 1 
HETATM 1102 O  O6  . EJ9 E 4 .   ? -23.374 -0.371  2.958   1.00 73.76  ? 304 EJ9 A O6  1 
HETATM 1103 S  S   . EJ9 E 4 .   ? -23.019 -0.062  1.558   1.00 70.60  ? 304 EJ9 A S   1 
HETATM 1104 O  O5  . EJ9 E 4 .   ? -23.970 -0.754  0.643   1.00 72.60  ? 304 EJ9 A O5  1 
HETATM 1105 C  C31 . EJ9 E 4 .   ? -21.491 -0.630  1.271   1.00 67.73  ? 304 EJ9 A C31 1 
HETATM 1106 N  N   . EJ9 E 4 .   ? -23.168 1.519   1.322   1.00 62.10  ? 304 EJ9 A N   1 
HETATM 1107 C  C8  . EJ9 E 4 .   ? -21.355 2.938   2.018   1.00 52.85  ? 304 EJ9 A C8  1 
HETATM 1108 C  C32 . EJ9 E 4 .   ? -21.558 2.488   3.465   1.00 48.94  ? 304 EJ9 A C32 1 
HETATM 1109 C  C28 . EJ9 E 4 .   ? -22.657 0.941   -1.898  1.00 57.62  ? 304 EJ9 A C28 1 
HETATM 1110 C  C27 . EJ9 E 4 .   ? -23.452 0.356   -2.887  1.00 61.67  ? 304 EJ9 A C27 1 
HETATM 1111 C  C29 . EJ9 E 4 .   ? -25.377 0.366   -4.462  1.00 67.37  ? 304 EJ9 A C29 1 
HETATM 1112 C  C30 . EJ9 E 4 .   ? -26.045 3.131   -3.413  1.00 67.13  ? 304 EJ9 A C30 1 
HETATM 1113 C  C24 . EJ9 E 4 .   ? -24.058 2.910   -1.902  1.00 62.78  ? 304 EJ9 A C24 1 
HETATM 1114 C  C7  . EJ9 E 4 .   ? -20.353 3.869   1.663   1.00 49.28  ? 304 EJ9 A C7  1 
HETATM 1115 O  O3  . EJ9 E 4 .   ? -18.766 3.496   3.517   1.00 45.51  ? 304 EJ9 A O3  1 
HETATM 1116 O  O2  . EJ9 E 4 .   ? -20.989 6.244   2.992   1.00 49.27  ? 304 EJ9 A O2  1 
HETATM 1117 O  O1  . EJ9 E 4 .   ? -19.877 5.559   4.745   1.00 45.94  ? 304 EJ9 A O1  1 
HETATM 1118 C  C21 . EJ9 E 4 .   ? -19.400 6.633   0.065   1.00 39.04  ? 304 EJ9 A C21 1 
HETATM 1119 C  C20 . EJ9 E 4 .   ? -18.386 7.535   -0.284  1.00 38.21  ? 304 EJ9 A C20 1 
HETATM 1120 C  C16 . EJ9 E 4 .   ? -17.149 7.061   -0.766  1.00 36.87  ? 304 EJ9 A C16 1 
HETATM 1121 C  C15 . EJ9 E 4 .   ? -16.912 5.696   -0.898  1.00 38.15  ? 304 EJ9 A C15 1 
HETATM 1122 C  C19 . EJ9 E 4 .   ? -18.647 9.023   -0.140  1.00 36.62  ? 304 EJ9 A C19 1 
HETATM 1123 C  C18 . EJ9 E 4 .   ? -17.626 9.842   -0.925  1.00 36.55  ? 304 EJ9 A C18 1 
HETATM 1124 C  C17 . EJ9 E 4 .   ? -16.205 9.311   -0.727  1.00 36.35  ? 304 EJ9 A C17 1 
HETATM 1125 O  O4  . EJ9 E 4 .   ? -16.150 7.931   -1.129  1.00 36.28  ? 304 EJ9 A O4  1 
HETATM 1126 C  C1  . EDO F 5 .   ? -20.828 -3.790  -3.514  1.00 49.02  ? 305 EDO A C1  1 
HETATM 1127 O  O1  . EDO F 5 .   ? -19.966 -2.735  -3.046  1.00 48.17  ? 305 EDO A O1  1 
HETATM 1128 C  C2  . EDO F 5 .   ? -20.913 -3.781  -5.045  1.00 49.04  ? 305 EDO A C2  1 
HETATM 1129 O  O2  . EDO F 5 .   ? -22.216 -3.385  -5.500  1.00 48.44  ? 305 EDO A O2  1 
HETATM 1130 O  O   . HOH G 6 .   ? -25.132 3.025   1.822   1.00 56.73  ? 401 HOH A O   1 
HETATM 1131 O  O   . HOH G 6 .   ? 1.430   9.453   -4.750  1.00 46.17  ? 402 HOH A O   1 
HETATM 1132 O  O   . HOH G 6 .   ? -11.801 -4.831  -2.858  1.00 34.07  ? 403 HOH A O   1 
HETATM 1133 O  O   . HOH G 6 .   ? -14.276 -4.822  -4.758  1.00 44.71  ? 404 HOH A O   1 
HETATM 1134 O  O   . HOH G 6 .   ? 2.171   -15.767 11.380  1.00 49.54  ? 405 HOH A O   1 
HETATM 1135 O  O   . HOH G 6 .   ? 13.421  1.436   2.603   1.00 35.57  ? 406 HOH A O   1 
HETATM 1136 O  O   . HOH G 6 .   ? 5.242   5.750   -7.932  1.00 41.08  ? 407 HOH A O   1 
HETATM 1137 O  O   . HOH G 6 .   ? -6.624  11.126  -5.131  1.00 32.29  ? 408 HOH A O   1 
HETATM 1138 O  O   . HOH G 6 .   ? 3.996   1.648   10.956  1.00 30.75  ? 409 HOH A O   1 
HETATM 1139 O  O   . HOH G 6 .   ? -0.235  -17.852 8.515   1.00 50.99  ? 410 HOH A O   1 
HETATM 1140 O  O   . HOH G 6 .   ? -5.580  -6.706  23.103  1.00 48.84  ? 411 HOH A O   1 
HETATM 1141 O  O   . HOH G 6 .   ? -3.178  -9.384  -6.064  1.00 41.32  ? 412 HOH A O   1 
HETATM 1142 O  O   . HOH G 6 .   ? 0.807   -4.569  -2.996  1.00 41.24  ? 413 HOH A O   1 
HETATM 1143 O  O   . HOH G 6 .   ? -4.717  12.264  -3.556  1.00 32.74  ? 414 HOH A O   1 
HETATM 1144 O  O   . HOH G 6 .   ? -17.052 -4.664  4.778   1.00 49.58  ? 415 HOH A O   1 
HETATM 1145 O  O   . HOH G 6 .   ? -1.630  -10.382 -3.425  1.00 50.35  ? 416 HOH A O   1 
HETATM 1146 O  O   . HOH G 6 .   ? -4.049  -8.937  14.289  1.00 35.71  ? 417 HOH A O   1 
HETATM 1147 O  O   . HOH G 6 .   ? -10.859 -3.508  -12.385 1.00 43.04  ? 418 HOH A O   1 
HETATM 1148 O  O   . HOH G 6 .   ? -18.361 0.797   -14.175 1.00 76.54  ? 419 HOH A O   1 
HETATM 1149 O  O   . HOH G 6 .   ? -5.102  -8.663  -4.125  1.00 41.80  ? 420 HOH A O   1 
HETATM 1150 O  O   . HOH G 6 .   ? 1.003   14.842  0.861   1.00 41.10  ? 421 HOH A O   1 
HETATM 1151 O  O   . HOH G 6 .   ? 9.471   13.406  -9.299  1.00 44.69  ? 422 HOH A O   1 
HETATM 1152 O  O   . HOH G 6 .   ? -8.345  -1.742  8.904   1.00 57.16  ? 423 HOH A O   1 
HETATM 1153 O  O   . HOH G 6 .   ? 15.718  -4.038  10.526  1.00 49.75  ? 424 HOH A O   1 
HETATM 1154 O  O   . HOH G 6 .   ? -0.423  -20.327 10.160  1.00 47.45  ? 425 HOH A O   1 
# 
